data_5ZO6
# 
_entry.id   5ZO6 
# 
_audit_conform.dict_name       mmcif_pdbx.dic 
_audit_conform.dict_version    5.397 
_audit_conform.dict_location   http://mmcif.pdb.org/dictionaries/ascii/mmcif_pdbx.dic 
# 
loop_
_database_2.database_id 
_database_2.database_code 
_database_2.pdbx_database_accession 
_database_2.pdbx_DOI 
PDB   5ZO6         pdb_00005zo6 10.2210/pdb5zo6/pdb 
WWPDB D_1300007405 ?            ?                   
# 
loop_
_pdbx_audit_revision_history.ordinal 
_pdbx_audit_revision_history.data_content_type 
_pdbx_audit_revision_history.major_revision 
_pdbx_audit_revision_history.minor_revision 
_pdbx_audit_revision_history.revision_date 
1 'Structure model' 1 0 2019-04-17 
2 'Structure model' 1 1 2019-11-06 
3 'Structure model' 1 2 2023-11-22 
4 'Structure model' 1 3 2024-10-09 
# 
_pdbx_audit_revision_details.ordinal             1 
_pdbx_audit_revision_details.revision_ordinal    1 
_pdbx_audit_revision_details.data_content_type   'Structure model' 
_pdbx_audit_revision_details.provider            repository 
_pdbx_audit_revision_details.type                'Initial release' 
_pdbx_audit_revision_details.description         ? 
_pdbx_audit_revision_details.details             ? 
# 
loop_
_pdbx_audit_revision_group.ordinal 
_pdbx_audit_revision_group.revision_ordinal 
_pdbx_audit_revision_group.data_content_type 
_pdbx_audit_revision_group.group 
1 2 'Structure model' 'Data collection'        
2 2 'Structure model' 'Database references'    
3 3 'Structure model' 'Data collection'        
4 3 'Structure model' 'Database references'    
5 3 'Structure model' 'Refinement description' 
6 4 'Structure model' 'Structure summary'      
# 
loop_
_pdbx_audit_revision_category.ordinal 
_pdbx_audit_revision_category.revision_ordinal 
_pdbx_audit_revision_category.data_content_type 
_pdbx_audit_revision_category.category 
1 2 'Structure model' citation                      
2 2 'Structure model' citation_author               
3 3 'Structure model' chem_comp_atom                
4 3 'Structure model' chem_comp_bond                
5 3 'Structure model' database_2                    
6 3 'Structure model' pdbx_initial_refinement_model 
7 4 'Structure model' pdbx_entry_details            
8 4 'Structure model' pdbx_modification_feature     
# 
loop_
_pdbx_audit_revision_item.ordinal 
_pdbx_audit_revision_item.revision_ordinal 
_pdbx_audit_revision_item.data_content_type 
_pdbx_audit_revision_item.item 
1  2 'Structure model' '_citation.country'                   
2  2 'Structure model' '_citation.journal_abbrev'            
3  2 'Structure model' '_citation.journal_id_CSD'            
4  2 'Structure model' '_citation.journal_id_ISSN'           
5  2 'Structure model' '_citation.pdbx_database_id_DOI'      
6  2 'Structure model' '_citation.pdbx_database_id_PubMed'   
7  2 'Structure model' '_citation.title'                     
8  2 'Structure model' '_citation.year'                      
9  2 'Structure model' '_citation_author.identifier_ORCID'   
10 3 'Structure model' '_database_2.pdbx_DOI'                
11 3 'Structure model' '_database_2.pdbx_database_accession' 
# 
_pdbx_database_status.status_code                     REL 
_pdbx_database_status.status_code_sf                  REL 
_pdbx_database_status.status_code_mr                  ? 
_pdbx_database_status.entry_id                        5ZO6 
_pdbx_database_status.recvd_initial_deposition_date   2018-04-12 
_pdbx_database_status.SG_entry                        N 
_pdbx_database_status.deposit_site                    PDBJ 
_pdbx_database_status.process_site                    PDBJ 
_pdbx_database_status.status_code_cs                  ? 
_pdbx_database_status.methods_development_category    ? 
_pdbx_database_status.pdb_format_compatible           Y 
_pdbx_database_status.status_code_nmr_data            ? 
# 
loop_
_audit_author.name 
_audit_author.pdbx_ordinal 
_audit_author.identifier_ORCID 
'Shibuya, R.'  1 ?                   
'Miyafusa, T.' 2 0000-0001-9819-1519 
'Honda, S.'    3 0000-0002-7878-3944 
# 
_citation.abstract                  ? 
_citation.abstract_id_CAS           ? 
_citation.book_id_ISBN              ? 
_citation.book_publisher            ? 
_citation.book_publisher_city       ? 
_citation.book_title                ? 
_citation.coordinate_linkage        ? 
_citation.country                   UK 
_citation.database_id_Medline       ? 
_citation.details                   ? 
_citation.id                        primary 
_citation.journal_abbrev            'Febs J.' 
_citation.journal_id_ASTM           ? 
_citation.journal_id_CSD            ? 
_citation.journal_id_ISSN           1742-464X 
_citation.journal_full              ? 
_citation.journal_issue             ? 
_citation.journal_volume            ? 
_citation.language                  ? 
_citation.page_first                ? 
_citation.page_last                 ? 
_citation.title                     
;Stabilization of backbone-circularized protein is attained by synergistic gains in enthalpy of folded structure and entropy of unfolded structure.
;
_citation.year                      2019 
_citation.database_id_CSD           ? 
_citation.pdbx_database_id_DOI      10.1111/febs.15092 
_citation.pdbx_database_id_PubMed   31605655 
_citation.unpublished_flag          ? 
# 
loop_
_citation_author.citation_id 
_citation_author.name 
_citation_author.ordinal 
_citation_author.identifier_ORCID 
primary 'Shibuya, R.'  1 0000-0002-1337-9334 
primary 'Miyafusa, T.' 2 0000-0001-9819-1519 
primary 'Honda, S.'    3 0000-0002-7878-3944 
# 
loop_
_entity.id 
_entity.type 
_entity.src_method 
_entity.pdbx_description 
_entity.formula_weight 
_entity.pdbx_number_of_molecules 
_entity.pdbx_ec 
_entity.pdbx_mutation 
_entity.pdbx_fragment 
_entity.details 
1 polymer man 'Granulocyte colony-stimulating factor' 17893.605 1   ? 'C11S, A166G' 'UNP residues 37-205' 
'166th Gly and 1st Ser are connected with a peptide bond' 
2 water   nat water                                   18.015    105 ? ?             ?                     ? 
# 
_entity_name_com.entity_id   1 
_entity_name_com.name        G-CSF,Pluripoietin 
# 
_entity_poly.entity_id                      1 
_entity_poly.type                           'polypeptide(L)' 
_entity_poly.nstd_linkage                   no 
_entity_poly.nstd_monomer                   no 
_entity_poly.pdbx_seq_one_letter_code       
;SSLPQSFLLKSLEQVRKIQGDGAALQEKLCATYKLCHPEELVLLGHSLGIPWAPLSSCPSQALQLAGCLSQLHSGLFLYQ
GLLQALEGISPELGPTLDTLQLDVADFATTIWQQMEELGMAPALQPTQGAMPAFASAFQRRAGGVLVASHLQSFLEVSYR
VLRHLG
;
_entity_poly.pdbx_seq_one_letter_code_can   
;SSLPQSFLLKSLEQVRKIQGDGAALQEKLCATYKLCHPEELVLLGHSLGIPWAPLSSCPSQALQLAGCLSQLHSGLFLYQ
GLLQALEGISPELGPTLDTLQLDVADFATTIWQQMEELGMAPALQPTQGAMPAFASAFQRRAGGVLVASHLQSFLEVSYR
VLRHLG
;
_entity_poly.pdbx_strand_id                 X 
_entity_poly.pdbx_target_identifier         ? 
# 
_pdbx_entity_nonpoly.entity_id   2 
_pdbx_entity_nonpoly.name        water 
_pdbx_entity_nonpoly.comp_id     HOH 
# 
loop_
_entity_poly_seq.entity_id 
_entity_poly_seq.num 
_entity_poly_seq.mon_id 
_entity_poly_seq.hetero 
1 1   SER n 
1 2   SER n 
1 3   LEU n 
1 4   PRO n 
1 5   GLN n 
1 6   SER n 
1 7   PHE n 
1 8   LEU n 
1 9   LEU n 
1 10  LYS n 
1 11  SER n 
1 12  LEU n 
1 13  GLU n 
1 14  GLN n 
1 15  VAL n 
1 16  ARG n 
1 17  LYS n 
1 18  ILE n 
1 19  GLN n 
1 20  GLY n 
1 21  ASP n 
1 22  GLY n 
1 23  ALA n 
1 24  ALA n 
1 25  LEU n 
1 26  GLN n 
1 27  GLU n 
1 28  LYS n 
1 29  LEU n 
1 30  CYS n 
1 31  ALA n 
1 32  THR n 
1 33  TYR n 
1 34  LYS n 
1 35  LEU n 
1 36  CYS n 
1 37  HIS n 
1 38  PRO n 
1 39  GLU n 
1 40  GLU n 
1 41  LEU n 
1 42  VAL n 
1 43  LEU n 
1 44  LEU n 
1 45  GLY n 
1 46  HIS n 
1 47  SER n 
1 48  LEU n 
1 49  GLY n 
1 50  ILE n 
1 51  PRO n 
1 52  TRP n 
1 53  ALA n 
1 54  PRO n 
1 55  LEU n 
1 56  SER n 
1 57  SER n 
1 58  CYS n 
1 59  PRO n 
1 60  SER n 
1 61  GLN n 
1 62  ALA n 
1 63  LEU n 
1 64  GLN n 
1 65  LEU n 
1 66  ALA n 
1 67  GLY n 
1 68  CYS n 
1 69  LEU n 
1 70  SER n 
1 71  GLN n 
1 72  LEU n 
1 73  HIS n 
1 74  SER n 
1 75  GLY n 
1 76  LEU n 
1 77  PHE n 
1 78  LEU n 
1 79  TYR n 
1 80  GLN n 
1 81  GLY n 
1 82  LEU n 
1 83  LEU n 
1 84  GLN n 
1 85  ALA n 
1 86  LEU n 
1 87  GLU n 
1 88  GLY n 
1 89  ILE n 
1 90  SER n 
1 91  PRO n 
1 92  GLU n 
1 93  LEU n 
1 94  GLY n 
1 95  PRO n 
1 96  THR n 
1 97  LEU n 
1 98  ASP n 
1 99  THR n 
1 100 LEU n 
1 101 GLN n 
1 102 LEU n 
1 103 ASP n 
1 104 VAL n 
1 105 ALA n 
1 106 ASP n 
1 107 PHE n 
1 108 ALA n 
1 109 THR n 
1 110 THR n 
1 111 ILE n 
1 112 TRP n 
1 113 GLN n 
1 114 GLN n 
1 115 MET n 
1 116 GLU n 
1 117 GLU n 
1 118 LEU n 
1 119 GLY n 
1 120 MET n 
1 121 ALA n 
1 122 PRO n 
1 123 ALA n 
1 124 LEU n 
1 125 GLN n 
1 126 PRO n 
1 127 THR n 
1 128 GLN n 
1 129 GLY n 
1 130 ALA n 
1 131 MET n 
1 132 PRO n 
1 133 ALA n 
1 134 PHE n 
1 135 ALA n 
1 136 SER n 
1 137 ALA n 
1 138 PHE n 
1 139 GLN n 
1 140 ARG n 
1 141 ARG n 
1 142 ALA n 
1 143 GLY n 
1 144 GLY n 
1 145 VAL n 
1 146 LEU n 
1 147 VAL n 
1 148 ALA n 
1 149 SER n 
1 150 HIS n 
1 151 LEU n 
1 152 GLN n 
1 153 SER n 
1 154 PHE n 
1 155 LEU n 
1 156 GLU n 
1 157 VAL n 
1 158 SER n 
1 159 TYR n 
1 160 ARG n 
1 161 VAL n 
1 162 LEU n 
1 163 ARG n 
1 164 HIS n 
1 165 LEU n 
1 166 GLY n 
# 
_entity_src_gen.entity_id                          1 
_entity_src_gen.pdbx_src_id                        1 
_entity_src_gen.pdbx_alt_source_flag               sample 
_entity_src_gen.pdbx_seq_type                      'Biological sequence' 
_entity_src_gen.pdbx_beg_seq_num                   1 
_entity_src_gen.pdbx_end_seq_num                   166 
_entity_src_gen.gene_src_common_name               Human 
_entity_src_gen.gene_src_genus                     ? 
_entity_src_gen.pdbx_gene_src_gene                 'CSF3, C17orf33, GCSF' 
_entity_src_gen.gene_src_species                   ? 
_entity_src_gen.gene_src_strain                    ? 
_entity_src_gen.gene_src_tissue                    ? 
_entity_src_gen.gene_src_tissue_fraction           ? 
_entity_src_gen.gene_src_details                   ? 
_entity_src_gen.pdbx_gene_src_fragment             ? 
_entity_src_gen.pdbx_gene_src_scientific_name      'Homo sapiens' 
_entity_src_gen.pdbx_gene_src_ncbi_taxonomy_id     9606 
_entity_src_gen.pdbx_gene_src_variant              ? 
_entity_src_gen.pdbx_gene_src_cell_line            ? 
_entity_src_gen.pdbx_gene_src_atcc                 ? 
_entity_src_gen.pdbx_gene_src_organ                ? 
_entity_src_gen.pdbx_gene_src_organelle            ? 
_entity_src_gen.pdbx_gene_src_cell                 ? 
_entity_src_gen.pdbx_gene_src_cellular_location    ? 
_entity_src_gen.host_org_common_name               ? 
_entity_src_gen.pdbx_host_org_scientific_name      'Escherichia coli' 
_entity_src_gen.pdbx_host_org_ncbi_taxonomy_id     562 
_entity_src_gen.host_org_genus                     ? 
_entity_src_gen.pdbx_host_org_gene                 ? 
_entity_src_gen.pdbx_host_org_organ                ? 
_entity_src_gen.host_org_species                   ? 
_entity_src_gen.pdbx_host_org_tissue               ? 
_entity_src_gen.pdbx_host_org_tissue_fraction      ? 
_entity_src_gen.pdbx_host_org_strain               ? 
_entity_src_gen.pdbx_host_org_variant              ? 
_entity_src_gen.pdbx_host_org_cell_line            ? 
_entity_src_gen.pdbx_host_org_atcc                 ? 
_entity_src_gen.pdbx_host_org_culture_collection   ? 
_entity_src_gen.pdbx_host_org_cell                 ? 
_entity_src_gen.pdbx_host_org_organelle            ? 
_entity_src_gen.pdbx_host_org_cellular_location    ? 
_entity_src_gen.pdbx_host_org_vector_type          plasmid 
_entity_src_gen.pdbx_host_org_vector               ? 
_entity_src_gen.host_org_details                   ? 
_entity_src_gen.expression_system_id               ? 
_entity_src_gen.plasmid_name                       ? 
_entity_src_gen.plasmid_details                    ? 
_entity_src_gen.pdbx_description                   ? 
# 
loop_
_chem_comp.id 
_chem_comp.type 
_chem_comp.mon_nstd_flag 
_chem_comp.name 
_chem_comp.pdbx_synonyms 
_chem_comp.formula 
_chem_comp.formula_weight 
ALA 'L-peptide linking' y ALANINE         ? 'C3 H7 N O2'     89.093  
ARG 'L-peptide linking' y ARGININE        ? 'C6 H15 N4 O2 1' 175.209 
ASP 'L-peptide linking' y 'ASPARTIC ACID' ? 'C4 H7 N O4'     133.103 
CYS 'L-peptide linking' y CYSTEINE        ? 'C3 H7 N O2 S'   121.158 
GLN 'L-peptide linking' y GLUTAMINE       ? 'C5 H10 N2 O3'   146.144 
GLU 'L-peptide linking' y 'GLUTAMIC ACID' ? 'C5 H9 N O4'     147.129 
GLY 'peptide linking'   y GLYCINE         ? 'C2 H5 N O2'     75.067  
HIS 'L-peptide linking' y HISTIDINE       ? 'C6 H10 N3 O2 1' 156.162 
HOH non-polymer         . WATER           ? 'H2 O'           18.015  
ILE 'L-peptide linking' y ISOLEUCINE      ? 'C6 H13 N O2'    131.173 
LEU 'L-peptide linking' y LEUCINE         ? 'C6 H13 N O2'    131.173 
LYS 'L-peptide linking' y LYSINE          ? 'C6 H15 N2 O2 1' 147.195 
MET 'L-peptide linking' y METHIONINE      ? 'C5 H11 N O2 S'  149.211 
PHE 'L-peptide linking' y PHENYLALANINE   ? 'C9 H11 N O2'    165.189 
PRO 'L-peptide linking' y PROLINE         ? 'C5 H9 N O2'     115.130 
SER 'L-peptide linking' y SERINE          ? 'C3 H7 N O3'     105.093 
THR 'L-peptide linking' y THREONINE       ? 'C4 H9 N O3'     119.119 
TRP 'L-peptide linking' y TRYPTOPHAN      ? 'C11 H12 N2 O2'  204.225 
TYR 'L-peptide linking' y TYROSINE        ? 'C9 H11 N O3'    181.189 
VAL 'L-peptide linking' y VALINE          ? 'C5 H11 N O2'    117.146 
# 
loop_
_pdbx_poly_seq_scheme.asym_id 
_pdbx_poly_seq_scheme.entity_id 
_pdbx_poly_seq_scheme.seq_id 
_pdbx_poly_seq_scheme.mon_id 
_pdbx_poly_seq_scheme.ndb_seq_num 
_pdbx_poly_seq_scheme.pdb_seq_num 
_pdbx_poly_seq_scheme.auth_seq_num 
_pdbx_poly_seq_scheme.pdb_mon_id 
_pdbx_poly_seq_scheme.auth_mon_id 
_pdbx_poly_seq_scheme.pdb_strand_id 
_pdbx_poly_seq_scheme.pdb_ins_code 
_pdbx_poly_seq_scheme.hetero 
A 1 1   SER 1   1   1   SER SER X . n 
A 1 2   SER 2   2   2   SER SER X . n 
A 1 3   LEU 3   3   3   LEU LEU X . n 
A 1 4   PRO 4   4   4   PRO PRO X . n 
A 1 5   GLN 5   5   5   GLN GLN X . n 
A 1 6   SER 6   6   6   SER SER X . n 
A 1 7   PHE 7   7   7   PHE PHE X . n 
A 1 8   LEU 8   8   8   LEU LEU X . n 
A 1 9   LEU 9   9   9   LEU LEU X . n 
A 1 10  LYS 10  10  10  LYS LYS X . n 
A 1 11  SER 11  11  11  SER SER X . n 
A 1 12  LEU 12  12  12  LEU LEU X . n 
A 1 13  GLU 13  13  13  GLU GLU X . n 
A 1 14  GLN 14  14  14  GLN GLN X . n 
A 1 15  VAL 15  15  15  VAL VAL X . n 
A 1 16  ARG 16  16  16  ARG ARG X . n 
A 1 17  LYS 17  17  17  LYS LYS X . n 
A 1 18  ILE 18  18  18  ILE ILE X . n 
A 1 19  GLN 19  19  19  GLN GLN X . n 
A 1 20  GLY 20  20  20  GLY GLY X . n 
A 1 21  ASP 21  21  21  ASP ASP X . n 
A 1 22  GLY 22  22  22  GLY GLY X . n 
A 1 23  ALA 23  23  23  ALA ALA X . n 
A 1 24  ALA 24  24  24  ALA ALA X . n 
A 1 25  LEU 25  25  25  LEU LEU X . n 
A 1 26  GLN 26  26  26  GLN GLN X . n 
A 1 27  GLU 27  27  27  GLU GLU X . n 
A 1 28  LYS 28  28  28  LYS LYS X . n 
A 1 29  LEU 29  29  29  LEU LEU X . n 
A 1 30  CYS 30  30  30  CYS CYS X . n 
A 1 31  ALA 31  31  31  ALA ALA X . n 
A 1 32  THR 32  32  32  THR THR X . n 
A 1 33  TYR 33  33  33  TYR TYR X . n 
A 1 34  LYS 34  34  34  LYS LYS X . n 
A 1 35  LEU 35  35  35  LEU LEU X . n 
A 1 36  CYS 36  36  36  CYS CYS X . n 
A 1 37  HIS 37  37  37  HIS HIS X . n 
A 1 38  PRO 38  38  38  PRO PRO X . n 
A 1 39  GLU 39  39  39  GLU GLU X . n 
A 1 40  GLU 40  40  40  GLU GLU X . n 
A 1 41  LEU 41  41  41  LEU LEU X . n 
A 1 42  VAL 42  42  42  VAL VAL X . n 
A 1 43  LEU 43  43  43  LEU LEU X . n 
A 1 44  LEU 44  44  44  LEU LEU X . n 
A 1 45  GLY 45  45  45  GLY GLY X . n 
A 1 46  HIS 46  46  46  HIS HIS X . n 
A 1 47  SER 47  47  47  SER SER X . n 
A 1 48  LEU 48  48  48  LEU LEU X . n 
A 1 49  GLY 49  49  49  GLY GLY X . n 
A 1 50  ILE 50  50  50  ILE ILE X . n 
A 1 51  PRO 51  51  51  PRO PRO X . n 
A 1 52  TRP 52  52  52  TRP TRP X . n 
A 1 53  ALA 53  53  53  ALA ALA X . n 
A 1 54  PRO 54  54  54  PRO PRO X . n 
A 1 55  LEU 55  55  55  LEU LEU X . n 
A 1 56  SER 56  56  56  SER SER X . n 
A 1 57  SER 57  57  57  SER SER X . n 
A 1 58  CYS 58  58  58  CYS CYS X . n 
A 1 59  PRO 59  59  59  PRO PRO X . n 
A 1 60  SER 60  60  60  SER SER X . n 
A 1 61  GLN 61  61  61  GLN GLN X . n 
A 1 62  ALA 62  62  62  ALA ALA X . n 
A 1 63  LEU 63  63  63  LEU LEU X . n 
A 1 64  GLN 64  64  64  GLN GLN X . n 
A 1 65  LEU 65  65  65  LEU LEU X . n 
A 1 66  ALA 66  66  66  ALA ALA X . n 
A 1 67  GLY 67  67  67  GLY GLY X . n 
A 1 68  CYS 68  68  68  CYS CYS X . n 
A 1 69  LEU 69  69  69  LEU LEU X . n 
A 1 70  SER 70  70  70  SER SER X . n 
A 1 71  GLN 71  71  71  GLN GLN X . n 
A 1 72  LEU 72  72  72  LEU LEU X . n 
A 1 73  HIS 73  73  73  HIS HIS X . n 
A 1 74  SER 74  74  74  SER SER X . n 
A 1 75  GLY 75  75  75  GLY GLY X . n 
A 1 76  LEU 76  76  76  LEU LEU X . n 
A 1 77  PHE 77  77  77  PHE PHE X . n 
A 1 78  LEU 78  78  78  LEU LEU X . n 
A 1 79  TYR 79  79  79  TYR TYR X . n 
A 1 80  GLN 80  80  80  GLN GLN X . n 
A 1 81  GLY 81  81  81  GLY GLY X . n 
A 1 82  LEU 82  82  82  LEU LEU X . n 
A 1 83  LEU 83  83  83  LEU LEU X . n 
A 1 84  GLN 84  84  84  GLN GLN X . n 
A 1 85  ALA 85  85  85  ALA ALA X . n 
A 1 86  LEU 86  86  86  LEU LEU X . n 
A 1 87  GLU 87  87  87  GLU GLU X . n 
A 1 88  GLY 88  88  88  GLY GLY X . n 
A 1 89  ILE 89  89  89  ILE ILE X . n 
A 1 90  SER 90  90  90  SER SER X . n 
A 1 91  PRO 91  91  91  PRO PRO X . n 
A 1 92  GLU 92  92  92  GLU GLU X . n 
A 1 93  LEU 93  93  93  LEU LEU X . n 
A 1 94  GLY 94  94  94  GLY GLY X . n 
A 1 95  PRO 95  95  95  PRO PRO X . n 
A 1 96  THR 96  96  96  THR THR X . n 
A 1 97  LEU 97  97  97  LEU LEU X . n 
A 1 98  ASP 98  98  98  ASP ASP X . n 
A 1 99  THR 99  99  99  THR THR X . n 
A 1 100 LEU 100 100 100 LEU LEU X . n 
A 1 101 GLN 101 101 101 GLN GLN X . n 
A 1 102 LEU 102 102 102 LEU LEU X . n 
A 1 103 ASP 103 103 103 ASP ASP X . n 
A 1 104 VAL 104 104 104 VAL VAL X . n 
A 1 105 ALA 105 105 105 ALA ALA X . n 
A 1 106 ASP 106 106 106 ASP ASP X . n 
A 1 107 PHE 107 107 107 PHE PHE X . n 
A 1 108 ALA 108 108 108 ALA ALA X . n 
A 1 109 THR 109 109 109 THR THR X . n 
A 1 110 THR 110 110 110 THR THR X . n 
A 1 111 ILE 111 111 111 ILE ILE X . n 
A 1 112 TRP 112 112 112 TRP TRP X . n 
A 1 113 GLN 113 113 113 GLN GLN X . n 
A 1 114 GLN 114 114 114 GLN GLN X . n 
A 1 115 MET 115 115 115 MET MET X . n 
A 1 116 GLU 116 116 116 GLU GLU X . n 
A 1 117 GLU 117 117 117 GLU GLU X . n 
A 1 118 LEU 118 118 118 LEU LEU X . n 
A 1 119 GLY 119 119 119 GLY GLY X . n 
A 1 120 MET 120 120 120 MET MET X . n 
A 1 121 ALA 121 121 121 ALA ALA X . n 
A 1 122 PRO 122 122 122 PRO PRO X . n 
A 1 123 ALA 123 123 123 ALA ALA X . n 
A 1 124 LEU 124 124 124 LEU LEU X . n 
A 1 125 GLN 125 125 125 GLN GLN X . n 
A 1 126 PRO 126 126 126 PRO PRO X . n 
A 1 127 THR 127 127 127 THR THR X . n 
A 1 128 GLN 128 128 128 GLN GLN X . n 
A 1 129 GLY 129 129 129 GLY GLY X . n 
A 1 130 ALA 130 130 130 ALA ALA X . n 
A 1 131 MET 131 131 131 MET MET X . n 
A 1 132 PRO 132 132 132 PRO PRO X . n 
A 1 133 ALA 133 133 133 ALA ALA X . n 
A 1 134 PHE 134 134 134 PHE PHE X . n 
A 1 135 ALA 135 135 135 ALA ALA X . n 
A 1 136 SER 136 136 136 SER SER X . n 
A 1 137 ALA 137 137 137 ALA ALA X . n 
A 1 138 PHE 138 138 138 PHE PHE X . n 
A 1 139 GLN 139 139 139 GLN GLN X . n 
A 1 140 ARG 140 140 140 ARG ARG X . n 
A 1 141 ARG 141 141 141 ARG ARG X . n 
A 1 142 ALA 142 142 142 ALA ALA X . n 
A 1 143 GLY 143 143 143 GLY GLY X . n 
A 1 144 GLY 144 144 144 GLY GLY X . n 
A 1 145 VAL 145 145 145 VAL VAL X . n 
A 1 146 LEU 146 146 146 LEU LEU X . n 
A 1 147 VAL 147 147 147 VAL VAL X . n 
A 1 148 ALA 148 148 148 ALA ALA X . n 
A 1 149 SER 149 149 149 SER SER X . n 
A 1 150 HIS 150 150 150 HIS HIS X . n 
A 1 151 LEU 151 151 151 LEU LEU X . n 
A 1 152 GLN 152 152 152 GLN GLN X . n 
A 1 153 SER 153 153 153 SER SER X . n 
A 1 154 PHE 154 154 154 PHE PHE X . n 
A 1 155 LEU 155 155 155 LEU LEU X . n 
A 1 156 GLU 156 156 156 GLU GLU X . n 
A 1 157 VAL 157 157 157 VAL VAL X . n 
A 1 158 SER 158 158 158 SER SER X . n 
A 1 159 TYR 159 159 159 TYR TYR X . n 
A 1 160 ARG 160 160 160 ARG ARG X . n 
A 1 161 VAL 161 161 161 VAL VAL X . n 
A 1 162 LEU 162 162 162 LEU LEU X . n 
A 1 163 ARG 163 163 163 ARG ARG X . n 
A 1 164 HIS 164 164 164 HIS HIS X . n 
A 1 165 LEU 165 165 165 LEU LEU X . n 
A 1 166 GLY 166 166 166 GLY GLY X . n 
# 
loop_
_pdbx_nonpoly_scheme.asym_id 
_pdbx_nonpoly_scheme.entity_id 
_pdbx_nonpoly_scheme.mon_id 
_pdbx_nonpoly_scheme.ndb_seq_num 
_pdbx_nonpoly_scheme.pdb_seq_num 
_pdbx_nonpoly_scheme.auth_seq_num 
_pdbx_nonpoly_scheme.pdb_mon_id 
_pdbx_nonpoly_scheme.auth_mon_id 
_pdbx_nonpoly_scheme.pdb_strand_id 
_pdbx_nonpoly_scheme.pdb_ins_code 
B 2 HOH 1   201 231 HOH HOH X . 
B 2 HOH 2   202 207 HOH HOH X . 
B 2 HOH 3   203 263 HOH HOH X . 
B 2 HOH 4   204 193 HOH HOH X . 
B 2 HOH 5   205 243 HOH HOH X . 
B 2 HOH 6   206 224 HOH HOH X . 
B 2 HOH 7   207 189 HOH HOH X . 
B 2 HOH 8   208 221 HOH HOH X . 
B 2 HOH 9   209 245 HOH HOH X . 
B 2 HOH 10  210 251 HOH HOH X . 
B 2 HOH 11  211 184 HOH HOH X . 
B 2 HOH 12  212 246 HOH HOH X . 
B 2 HOH 13  213 176 HOH HOH X . 
B 2 HOH 14  214 210 HOH HOH X . 
B 2 HOH 15  215 179 HOH HOH X . 
B 2 HOH 16  216 269 HOH HOH X . 
B 2 HOH 17  217 234 HOH HOH X . 
B 2 HOH 18  218 180 HOH HOH X . 
B 2 HOH 19  219 238 HOH HOH X . 
B 2 HOH 20  220 169 HOH HOH X . 
B 2 HOH 21  221 185 HOH HOH X . 
B 2 HOH 22  222 244 HOH HOH X . 
B 2 HOH 23  223 171 HOH HOH X . 
B 2 HOH 24  224 262 HOH HOH X . 
B 2 HOH 25  225 219 HOH HOH X . 
B 2 HOH 26  226 265 HOH HOH X . 
B 2 HOH 27  227 261 HOH HOH X . 
B 2 HOH 28  228 216 HOH HOH X . 
B 2 HOH 29  229 250 HOH HOH X . 
B 2 HOH 30  230 198 HOH HOH X . 
B 2 HOH 31  231 197 HOH HOH X . 
B 2 HOH 32  232 268 HOH HOH X . 
B 2 HOH 33  233 237 HOH HOH X . 
B 2 HOH 34  234 218 HOH HOH X . 
B 2 HOH 35  235 205 HOH HOH X . 
B 2 HOH 36  236 215 HOH HOH X . 
B 2 HOH 37  237 173 HOH HOH X . 
B 2 HOH 38  238 228 HOH HOH X . 
B 2 HOH 39  239 258 HOH HOH X . 
B 2 HOH 40  240 199 HOH HOH X . 
B 2 HOH 41  241 202 HOH HOH X . 
B 2 HOH 42  242 204 HOH HOH X . 
B 2 HOH 43  243 174 HOH HOH X . 
B 2 HOH 44  244 196 HOH HOH X . 
B 2 HOH 45  245 241 HOH HOH X . 
B 2 HOH 46  246 249 HOH HOH X . 
B 2 HOH 47  247 178 HOH HOH X . 
B 2 HOH 48  248 191 HOH HOH X . 
B 2 HOH 49  249 232 HOH HOH X . 
B 2 HOH 50  250 168 HOH HOH X . 
B 2 HOH 51  251 187 HOH HOH X . 
B 2 HOH 52  252 213 HOH HOH X . 
B 2 HOH 53  253 194 HOH HOH X . 
B 2 HOH 54  254 195 HOH HOH X . 
B 2 HOH 55  255 240 HOH HOH X . 
B 2 HOH 56  256 254 HOH HOH X . 
B 2 HOH 57  257 259 HOH HOH X . 
B 2 HOH 58  258 203 HOH HOH X . 
B 2 HOH 59  259 175 HOH HOH X . 
B 2 HOH 60  260 247 HOH HOH X . 
B 2 HOH 61  261 229 HOH HOH X . 
B 2 HOH 62  262 236 HOH HOH X . 
B 2 HOH 63  263 223 HOH HOH X . 
B 2 HOH 64  264 211 HOH HOH X . 
B 2 HOH 65  265 190 HOH HOH X . 
B 2 HOH 66  266 255 HOH HOH X . 
B 2 HOH 67  267 183 HOH HOH X . 
B 2 HOH 68  268 264 HOH HOH X . 
B 2 HOH 69  269 271 HOH HOH X . 
B 2 HOH 70  270 225 HOH HOH X . 
B 2 HOH 71  271 177 HOH HOH X . 
B 2 HOH 72  272 170 HOH HOH X . 
B 2 HOH 73  273 192 HOH HOH X . 
B 2 HOH 74  274 181 HOH HOH X . 
B 2 HOH 75  275 253 HOH HOH X . 
B 2 HOH 76  276 266 HOH HOH X . 
B 2 HOH 77  277 212 HOH HOH X . 
B 2 HOH 78  278 257 HOH HOH X . 
B 2 HOH 79  279 248 HOH HOH X . 
B 2 HOH 80  280 267 HOH HOH X . 
B 2 HOH 81  281 242 HOH HOH X . 
B 2 HOH 82  282 217 HOH HOH X . 
B 2 HOH 83  283 182 HOH HOH X . 
B 2 HOH 84  284 230 HOH HOH X . 
B 2 HOH 85  285 206 HOH HOH X . 
B 2 HOH 86  286 208 HOH HOH X . 
B 2 HOH 87  287 233 HOH HOH X . 
B 2 HOH 88  288 172 HOH HOH X . 
B 2 HOH 89  289 260 HOH HOH X . 
B 2 HOH 90  290 167 HOH HOH X . 
B 2 HOH 91  291 235 HOH HOH X . 
B 2 HOH 92  292 209 HOH HOH X . 
B 2 HOH 93  293 214 HOH HOH X . 
B 2 HOH 94  294 270 HOH HOH X . 
B 2 HOH 95  295 200 HOH HOH X . 
B 2 HOH 96  296 220 HOH HOH X . 
B 2 HOH 97  297 239 HOH HOH X . 
B 2 HOH 98  298 252 HOH HOH X . 
B 2 HOH 99  299 186 HOH HOH X . 
B 2 HOH 100 300 226 HOH HOH X . 
B 2 HOH 101 301 256 HOH HOH X . 
B 2 HOH 102 302 188 HOH HOH X . 
B 2 HOH 103 303 227 HOH HOH X . 
B 2 HOH 104 304 201 HOH HOH X . 
B 2 HOH 105 305 222 HOH HOH X . 
# 
loop_
_software.citation_id 
_software.classification 
_software.compiler_name 
_software.compiler_version 
_software.contact_author 
_software.contact_author_email 
_software.date 
_software.description 
_software.dependencies 
_software.hardware 
_software.language 
_software.location 
_software.mods 
_software.name 
_software.os 
_software.os_version 
_software.type 
_software.version 
_software.pdbx_ordinal 
? refinement       ? ? ? ? ? ? ? ? ? ? ? REFMAC  ? ? ? 5.8.0103 1 
? 'data reduction' ? ? ? ? ? ? ? ? ? ? ? iMOSFLM ? ? ? .        2 
? 'data scaling'   ? ? ? ? ? ? ? ? ? ? ? SCALA   ? ? ? .        3 
? phasing          ? ? ? ? ? ? ? ? ? ? ? PHASER  ? ? ? .        4 
# 
_cell.angle_alpha                  90.00 
_cell.angle_alpha_esd              ? 
_cell.angle_beta                   90.00 
_cell.angle_beta_esd               ? 
_cell.angle_gamma                  90.00 
_cell.angle_gamma_esd              ? 
_cell.entry_id                     5ZO6 
_cell.details                      ? 
_cell.formula_units_Z              ? 
_cell.length_a                     47.180 
_cell.length_a_esd                 ? 
_cell.length_b                     48.050 
_cell.length_b_esd                 ? 
_cell.length_c                     54.960 
_cell.length_c_esd                 ? 
_cell.volume                       ? 
_cell.volume_esd                   ? 
_cell.Z_PDB                        4 
_cell.reciprocal_angle_alpha       ? 
_cell.reciprocal_angle_beta        ? 
_cell.reciprocal_angle_gamma       ? 
_cell.reciprocal_angle_alpha_esd   ? 
_cell.reciprocal_angle_beta_esd    ? 
_cell.reciprocal_angle_gamma_esd   ? 
_cell.reciprocal_length_a          ? 
_cell.reciprocal_length_b          ? 
_cell.reciprocal_length_c          ? 
_cell.reciprocal_length_a_esd      ? 
_cell.reciprocal_length_b_esd      ? 
_cell.reciprocal_length_c_esd      ? 
_cell.pdbx_unique_axis             ? 
# 
_symmetry.entry_id                         5ZO6 
_symmetry.cell_setting                     ? 
_symmetry.Int_Tables_number                19 
_symmetry.space_group_name_Hall            ? 
_symmetry.space_group_name_H-M             'P 21 21 21' 
_symmetry.pdbx_full_space_group_name_H-M   ? 
# 
_exptl.absorpt_coefficient_mu     ? 
_exptl.absorpt_correction_T_max   ? 
_exptl.absorpt_correction_T_min   ? 
_exptl.absorpt_correction_type    ? 
_exptl.absorpt_process_details    ? 
_exptl.entry_id                   5ZO6 
_exptl.crystals_number            1 
_exptl.details                    ? 
_exptl.method                     'X-RAY DIFFRACTION' 
_exptl.method_details             ? 
# 
_exptl_crystal.colour                      ? 
_exptl_crystal.density_diffrn              ? 
_exptl_crystal.density_Matthews            1.74 
_exptl_crystal.density_method              ? 
_exptl_crystal.density_percent_sol         29.34 
_exptl_crystal.description                 ? 
_exptl_crystal.F_000                       ? 
_exptl_crystal.id                          1 
_exptl_crystal.preparation                 ? 
_exptl_crystal.size_max                    ? 
_exptl_crystal.size_mid                    ? 
_exptl_crystal.size_min                    ? 
_exptl_crystal.size_rad                    ? 
_exptl_crystal.colour_lustre               ? 
_exptl_crystal.colour_modifier             ? 
_exptl_crystal.colour_primary              ? 
_exptl_crystal.density_meas                ? 
_exptl_crystal.density_meas_esd            ? 
_exptl_crystal.density_meas_gt             ? 
_exptl_crystal.density_meas_lt             ? 
_exptl_crystal.density_meas_temp           ? 
_exptl_crystal.density_meas_temp_esd       ? 
_exptl_crystal.density_meas_temp_gt        ? 
_exptl_crystal.density_meas_temp_lt        ? 
_exptl_crystal.pdbx_crystal_image_url      ? 
_exptl_crystal.pdbx_crystal_image_format   ? 
_exptl_crystal.pdbx_mosaicity              ? 
_exptl_crystal.pdbx_mosaicity_esd          ? 
# 
_exptl_crystal_grow.apparatus       ? 
_exptl_crystal_grow.atmosphere      ? 
_exptl_crystal_grow.crystal_id      1 
_exptl_crystal_grow.details         ? 
_exptl_crystal_grow.method          'VAPOR DIFFUSION, HANGING DROP' 
_exptl_crystal_grow.method_ref      ? 
_exptl_crystal_grow.pH              5.2 
_exptl_crystal_grow.pressure        ? 
_exptl_crystal_grow.pressure_esd    ? 
_exptl_crystal_grow.seeding         ? 
_exptl_crystal_grow.seeding_ref     ? 
_exptl_crystal_grow.temp            298 
_exptl_crystal_grow.temp_details    ? 
_exptl_crystal_grow.temp_esd        ? 
_exptl_crystal_grow.time            ? 
_exptl_crystal_grow.pdbx_details    'sodium acetate trihydrate, sodium chloride dehydrate, PEG 1500, MPD' 
_exptl_crystal_grow.pdbx_pH_range   ? 
# 
_diffrn.ambient_environment    ? 
_diffrn.ambient_temp           100 
_diffrn.ambient_temp_details   ? 
_diffrn.ambient_temp_esd       ? 
_diffrn.crystal_id             1 
_diffrn.crystal_support        ? 
_diffrn.crystal_treatment      ? 
_diffrn.details                ? 
_diffrn.id                     1 
_diffrn.ambient_pressure       ? 
_diffrn.ambient_pressure_esd   ? 
_diffrn.ambient_pressure_gt    ? 
_diffrn.ambient_pressure_lt    ? 
_diffrn.ambient_temp_gt        ? 
_diffrn.ambient_temp_lt        ? 
# 
_diffrn_detector.details                      ? 
_diffrn_detector.detector                     CCD 
_diffrn_detector.diffrn_id                    1 
_diffrn_detector.type                         'ADSC QUANTUM 270' 
_diffrn_detector.area_resol_mean              ? 
_diffrn_detector.dtime                        ? 
_diffrn_detector.pdbx_frames_total            ? 
_diffrn_detector.pdbx_collection_time_total   ? 
_diffrn_detector.pdbx_collection_date         2016-03-11 
# 
_diffrn_radiation.collimation                      ? 
_diffrn_radiation.diffrn_id                        1 
_diffrn_radiation.filter_edge                      ? 
_diffrn_radiation.inhomogeneity                    ? 
_diffrn_radiation.monochromator                    ? 
_diffrn_radiation.polarisn_norm                    ? 
_diffrn_radiation.polarisn_ratio                   ? 
_diffrn_radiation.probe                            ? 
_diffrn_radiation.type                             ? 
_diffrn_radiation.xray_symbol                      ? 
_diffrn_radiation.wavelength_id                    1 
_diffrn_radiation.pdbx_monochromatic_or_laue_m_l   M 
_diffrn_radiation.pdbx_wavelength_list             ? 
_diffrn_radiation.pdbx_wavelength                  ? 
_diffrn_radiation.pdbx_diffrn_protocol             'SINGLE WAVELENGTH' 
_diffrn_radiation.pdbx_analyzer                    ? 
_diffrn_radiation.pdbx_scattering_type             x-ray 
# 
_diffrn_radiation_wavelength.id           1 
_diffrn_radiation_wavelength.wavelength   1.0000 
_diffrn_radiation_wavelength.wt           1.0 
# 
_diffrn_source.current                     ? 
_diffrn_source.details                     ? 
_diffrn_source.diffrn_id                   1 
_diffrn_source.power                       ? 
_diffrn_source.size                        ? 
_diffrn_source.source                      SYNCHROTRON 
_diffrn_source.target                      ? 
_diffrn_source.type                        'PHOTON FACTORY BEAMLINE AR-NW12A' 
_diffrn_source.voltage                     ? 
_diffrn_source.take-off_angle              ? 
_diffrn_source.pdbx_wavelength_list        1.0000 
_diffrn_source.pdbx_wavelength             ? 
_diffrn_source.pdbx_synchrotron_beamline   AR-NW12A 
_diffrn_source.pdbx_synchrotron_site       'Photon Factory' 
# 
_reflns.B_iso_Wilson_estimate            ? 
_reflns.entry_id                         5ZO6 
_reflns.data_reduction_details           ? 
_reflns.data_reduction_method            ? 
_reflns.d_resolution_high                1.70 
_reflns.d_resolution_low                 47.15 
_reflns.details                          ? 
_reflns.limit_h_max                      ? 
_reflns.limit_h_min                      ? 
_reflns.limit_k_max                      ? 
_reflns.limit_k_min                      ? 
_reflns.limit_l_max                      ? 
_reflns.limit_l_min                      ? 
_reflns.number_all                       ? 
_reflns.number_obs                       14235 
_reflns.observed_criterion               ? 
_reflns.observed_criterion_F_max         ? 
_reflns.observed_criterion_F_min         ? 
_reflns.observed_criterion_I_max         ? 
_reflns.observed_criterion_I_min         ? 
_reflns.observed_criterion_sigma_F       ? 
_reflns.observed_criterion_sigma_I       ? 
_reflns.percent_possible_obs             99.7 
_reflns.R_free_details                   ? 
_reflns.Rmerge_F_all                     ? 
_reflns.Rmerge_F_obs                     ? 
_reflns.Friedel_coverage                 ? 
_reflns.number_gt                        ? 
_reflns.threshold_expression             ? 
_reflns.pdbx_redundancy                  6.9 
_reflns.pdbx_Rmerge_I_obs                0.060 
_reflns.pdbx_Rmerge_I_all                ? 
_reflns.pdbx_Rsym_value                  ? 
_reflns.pdbx_netI_over_av_sigmaI         ? 
_reflns.pdbx_netI_over_sigmaI            21.8 
_reflns.pdbx_res_netI_over_av_sigmaI_2   ? 
_reflns.pdbx_res_netI_over_sigmaI_2      ? 
_reflns.pdbx_chi_squared                 ? 
_reflns.pdbx_scaling_rejects             ? 
_reflns.pdbx_d_res_high_opt              ? 
_reflns.pdbx_d_res_low_opt               ? 
_reflns.pdbx_d_res_opt_method            ? 
_reflns.phase_calculation_details        ? 
_reflns.pdbx_Rrim_I_all                  ? 
_reflns.pdbx_Rpim_I_all                  ? 
_reflns.pdbx_d_opt                       ? 
_reflns.pdbx_number_measured_all         ? 
_reflns.pdbx_diffrn_id                   1 
_reflns.pdbx_ordinal                     1 
_reflns.pdbx_CC_half                     ? 
_reflns.pdbx_R_split                     ? 
# 
_reflns_shell.d_res_high                  1.70 
_reflns_shell.d_res_low                   1.73 
_reflns_shell.meanI_over_sigI_all         ? 
_reflns_shell.meanI_over_sigI_obs         7.3 
_reflns_shell.number_measured_all         ? 
_reflns_shell.number_measured_obs         ? 
_reflns_shell.number_possible             ? 
_reflns_shell.number_unique_all           ? 
_reflns_shell.number_unique_obs           747 
_reflns_shell.percent_possible_all        99.5 
_reflns_shell.percent_possible_obs        ? 
_reflns_shell.Rmerge_F_all                ? 
_reflns_shell.Rmerge_F_obs                ? 
_reflns_shell.Rmerge_I_all                ? 
_reflns_shell.Rmerge_I_obs                0.271 
_reflns_shell.meanI_over_sigI_gt          ? 
_reflns_shell.meanI_over_uI_all           ? 
_reflns_shell.meanI_over_uI_gt            ? 
_reflns_shell.number_measured_gt          ? 
_reflns_shell.number_unique_gt            ? 
_reflns_shell.percent_possible_gt         ? 
_reflns_shell.Rmerge_F_gt                 ? 
_reflns_shell.Rmerge_I_gt                 ? 
_reflns_shell.pdbx_redundancy             7.1 
_reflns_shell.pdbx_Rsym_value             ? 
_reflns_shell.pdbx_chi_squared            ? 
_reflns_shell.pdbx_netI_over_sigmaI_all   ? 
_reflns_shell.pdbx_netI_over_sigmaI_obs   ? 
_reflns_shell.pdbx_Rrim_I_all             ? 
_reflns_shell.pdbx_Rpim_I_all             ? 
_reflns_shell.pdbx_rejects                ? 
_reflns_shell.pdbx_ordinal                1 
_reflns_shell.pdbx_diffrn_id              1 
_reflns_shell.pdbx_CC_half                ? 
_reflns_shell.pdbx_R_split                ? 
# 
_refine.aniso_B[1][1]                            0.20 
_refine.aniso_B[1][2]                            0.00 
_refine.aniso_B[1][3]                            0.00 
_refine.aniso_B[2][2]                            -0.11 
_refine.aniso_B[2][3]                            -0.00 
_refine.aniso_B[3][3]                            -0.09 
_refine.B_iso_max                                ? 
_refine.B_iso_mean                               20.730 
_refine.B_iso_min                                ? 
_refine.correlation_coeff_Fo_to_Fc               0.958 
_refine.correlation_coeff_Fo_to_Fc_free          0.932 
_refine.details                                  'HYDROGENS HAVE BEEN ADDED IN THE RIDING POSITIONS' 
_refine.diff_density_max                         ? 
_refine.diff_density_max_esd                     ? 
_refine.diff_density_min                         ? 
_refine.diff_density_min_esd                     ? 
_refine.diff_density_rms                         ? 
_refine.diff_density_rms_esd                     ? 
_refine.entry_id                                 5ZO6 
_refine.pdbx_refine_id                           'X-RAY DIFFRACTION' 
_refine.ls_abs_structure_details                 ? 
_refine.ls_abs_structure_Flack                   ? 
_refine.ls_abs_structure_Flack_esd               ? 
_refine.ls_abs_structure_Rogers                  ? 
_refine.ls_abs_structure_Rogers_esd              ? 
_refine.ls_d_res_high                            1.70 
_refine.ls_d_res_low                             36.17 
_refine.ls_extinction_coef                       ? 
_refine.ls_extinction_coef_esd                   ? 
_refine.ls_extinction_expression                 ? 
_refine.ls_extinction_method                     ? 
_refine.ls_goodness_of_fit_all                   ? 
_refine.ls_goodness_of_fit_all_esd               ? 
_refine.ls_goodness_of_fit_obs                   ? 
_refine.ls_goodness_of_fit_obs_esd               ? 
_refine.ls_hydrogen_treatment                    ? 
_refine.ls_matrix_type                           ? 
_refine.ls_number_constraints                    ? 
_refine.ls_number_parameters                     ? 
_refine.ls_number_reflns_all                     ? 
_refine.ls_number_reflns_obs                     13466 
_refine.ls_number_reflns_R_free                  750 
_refine.ls_number_reflns_R_work                  ? 
_refine.ls_number_restraints                     ? 
_refine.ls_percent_reflns_obs                    99.57 
_refine.ls_percent_reflns_R_free                 5.3 
_refine.ls_R_factor_all                          ? 
_refine.ls_R_factor_obs                          0.16972 
_refine.ls_R_factor_R_free                       0.21672 
_refine.ls_R_factor_R_free_error                 ? 
_refine.ls_R_factor_R_free_error_details         ? 
_refine.ls_R_factor_R_work                       0.16694 
_refine.ls_R_Fsqd_factor_obs                     ? 
_refine.ls_R_I_factor_obs                        ? 
_refine.ls_redundancy_reflns_all                 ? 
_refine.ls_redundancy_reflns_obs                 ? 
_refine.ls_restrained_S_all                      ? 
_refine.ls_restrained_S_obs                      ? 
_refine.ls_shift_over_esd_max                    ? 
_refine.ls_shift_over_esd_mean                   ? 
_refine.ls_structure_factor_coef                 ? 
_refine.ls_weighting_details                     ? 
_refine.ls_weighting_scheme                      ? 
_refine.ls_wR_factor_all                         ? 
_refine.ls_wR_factor_obs                         ? 
_refine.ls_wR_factor_R_free                      ? 
_refine.ls_wR_factor_R_work                      ? 
_refine.occupancy_max                            ? 
_refine.occupancy_min                            ? 
_refine.solvent_model_details                    ? 
_refine.solvent_model_param_bsol                 ? 
_refine.solvent_model_param_ksol                 ? 
_refine.ls_R_factor_gt                           ? 
_refine.ls_goodness_of_fit_gt                    ? 
_refine.ls_goodness_of_fit_ref                   ? 
_refine.ls_shift_over_su_max                     ? 
_refine.ls_shift_over_su_max_lt                  ? 
_refine.ls_shift_over_su_mean                    ? 
_refine.ls_shift_over_su_mean_lt                 ? 
_refine.pdbx_ls_sigma_I                          ? 
_refine.pdbx_ls_sigma_F                          ? 
_refine.pdbx_ls_sigma_Fsqd                       ? 
_refine.pdbx_data_cutoff_high_absF               ? 
_refine.pdbx_data_cutoff_high_rms_absF           ? 
_refine.pdbx_data_cutoff_low_absF                ? 
_refine.pdbx_isotropic_thermal_model             ? 
_refine.pdbx_ls_cross_valid_method               THROUGHOUT 
_refine.pdbx_method_to_determine_struct          'MOLECULAR REPLACEMENT' 
_refine.pdbx_starting_model                      1BGC 
_refine.pdbx_stereochemistry_target_values       ? 
_refine.pdbx_R_Free_selection_details            RANDOM 
_refine.pdbx_stereochem_target_val_spec_case     ? 
_refine.pdbx_overall_ESU_R                       0.120 
_refine.pdbx_overall_ESU_R_Free                  0.120 
_refine.pdbx_solvent_vdw_probe_radii             1.20 
_refine.pdbx_solvent_ion_probe_radii             0.80 
_refine.pdbx_solvent_shrinkage_radii             0.80 
_refine.pdbx_real_space_R                        ? 
_refine.pdbx_density_correlation                 ? 
_refine.pdbx_pd_number_of_powder_patterns        ? 
_refine.pdbx_pd_number_of_points                 ? 
_refine.pdbx_pd_meas_number_of_points            ? 
_refine.pdbx_pd_proc_ls_prof_R_factor            ? 
_refine.pdbx_pd_proc_ls_prof_wR_factor           ? 
_refine.pdbx_pd_Marquardt_correlation_coeff      ? 
_refine.pdbx_pd_Fsqrd_R_factor                   ? 
_refine.pdbx_pd_ls_matrix_band_width             ? 
_refine.pdbx_overall_phase_error                 ? 
_refine.pdbx_overall_SU_R_free_Cruickshank_DPI   ? 
_refine.pdbx_overall_SU_R_free_Blow_DPI          ? 
_refine.pdbx_overall_SU_R_Blow_DPI               ? 
_refine.pdbx_TLS_residual_ADP_flag               ? 
_refine.pdbx_diffrn_id                           1 
_refine.overall_SU_B                             2.180 
_refine.overall_SU_ML                            0.074 
_refine.overall_SU_R_Cruickshank_DPI             ? 
_refine.overall_SU_R_free                        ? 
_refine.overall_FOM_free_R_set                   ? 
_refine.overall_FOM_work_R_set                   ? 
_refine.pdbx_average_fsc_overall                 ? 
_refine.pdbx_average_fsc_work                    ? 
_refine.pdbx_average_fsc_free                    ? 
# 
_refine_hist.pdbx_refine_id                   'X-RAY DIFFRACTION' 
_refine_hist.cycle_id                         1 
_refine_hist.pdbx_number_atoms_protein        1256 
_refine_hist.pdbx_number_atoms_nucleic_acid   0 
_refine_hist.pdbx_number_atoms_ligand         0 
_refine_hist.number_atoms_solvent             105 
_refine_hist.number_atoms_total               1361 
_refine_hist.d_res_high                       1.70 
_refine_hist.d_res_low                        36.17 
# 
loop_
_refine_ls_restr.pdbx_refine_id 
_refine_ls_restr.criterion 
_refine_ls_restr.dev_ideal 
_refine_ls_restr.dev_ideal_target 
_refine_ls_restr.number 
_refine_ls_restr.rejects 
_refine_ls_restr.type 
_refine_ls_restr.weight 
_refine_ls_restr.pdbx_restraint_function 
'X-RAY DIFFRACTION' ? 0.019  0.019  1302 ? r_bond_refined_d             ? ? 
'X-RAY DIFFRACTION' ? 0.002  0.020  1264 ? r_bond_other_d               ? ? 
'X-RAY DIFFRACTION' ? 1.884  1.991  1777 ? r_angle_refined_deg          ? ? 
'X-RAY DIFFRACTION' ? 1.045  3.000  2919 ? r_angle_other_deg            ? ? 
'X-RAY DIFFRACTION' ? 5.400  5.000  172  ? r_dihedral_angle_1_deg       ? ? 
'X-RAY DIFFRACTION' ? 35.534 24.902 51   ? r_dihedral_angle_2_deg       ? ? 
'X-RAY DIFFRACTION' ? 14.544 15.000 218  ? r_dihedral_angle_3_deg       ? ? 
'X-RAY DIFFRACTION' ? 21.964 15.000 5    ? r_dihedral_angle_4_deg       ? ? 
'X-RAY DIFFRACTION' ? 0.119  0.200  205  ? r_chiral_restr               ? ? 
'X-RAY DIFFRACTION' ? 0.010  0.021  1486 ? r_gen_planes_refined         ? ? 
'X-RAY DIFFRACTION' ? 0.002  0.020  285  ? r_gen_planes_other           ? ? 
'X-RAY DIFFRACTION' ? ?      ?      ?    ? r_nbd_refined                ? ? 
'X-RAY DIFFRACTION' ? ?      ?      ?    ? r_nbd_other                  ? ? 
'X-RAY DIFFRACTION' ? ?      ?      ?    ? r_nbtor_refined              ? ? 
'X-RAY DIFFRACTION' ? ?      ?      ?    ? r_nbtor_other                ? ? 
'X-RAY DIFFRACTION' ? ?      ?      ?    ? r_xyhbond_nbd_refined        ? ? 
'X-RAY DIFFRACTION' ? ?      ?      ?    ? r_xyhbond_nbd_other          ? ? 
'X-RAY DIFFRACTION' ? ?      ?      ?    ? r_metal_ion_refined          ? ? 
'X-RAY DIFFRACTION' ? ?      ?      ?    ? r_metal_ion_other            ? ? 
'X-RAY DIFFRACTION' ? ?      ?      ?    ? r_symmetry_vdw_refined       ? ? 
'X-RAY DIFFRACTION' ? ?      ?      ?    ? r_symmetry_vdw_other         ? ? 
'X-RAY DIFFRACTION' ? ?      ?      ?    ? r_symmetry_hbond_refined     ? ? 
'X-RAY DIFFRACTION' ? ?      ?      ?    ? r_symmetry_hbond_other       ? ? 
'X-RAY DIFFRACTION' ? ?      ?      ?    ? r_symmetry_metal_ion_refined ? ? 
'X-RAY DIFFRACTION' ? ?      ?      ?    ? r_symmetry_metal_ion_other   ? ? 
'X-RAY DIFFRACTION' ? 2.418  1.875  670  ? r_mcbond_it                  ? ? 
'X-RAY DIFFRACTION' ? 2.419  1.876  669  ? r_mcbond_other               ? ? 
'X-RAY DIFFRACTION' ? 4.004  2.805  839  ? r_mcangle_it                 ? ? 
'X-RAY DIFFRACTION' ? 4.002  2.805  840  ? r_mcangle_other              ? ? 
'X-RAY DIFFRACTION' ? 3.326  2.198  632  ? r_scbond_it                  ? ? 
'X-RAY DIFFRACTION' ? 3.323  2.197  633  ? r_scbond_other               ? ? 
'X-RAY DIFFRACTION' ? ?      ?      ?    ? r_scangle_it                 ? ? 
'X-RAY DIFFRACTION' ? 5.324  3.175  936  ? r_scangle_other              ? ? 
'X-RAY DIFFRACTION' ? 7.721  14.872 1541 ? r_long_range_B_refined       ? ? 
'X-RAY DIFFRACTION' ? 7.735  14.729 1510 ? r_long_range_B_other         ? ? 
'X-RAY DIFFRACTION' ? ?      ?      ?    ? r_rigid_bond_restr           ? ? 
'X-RAY DIFFRACTION' ? ?      ?      ?    ? r_sphericity_free            ? ? 
'X-RAY DIFFRACTION' ? ?      ?      ?    ? r_sphericity_bonded          ? ? 
# 
_refine_ls_shell.pdbx_refine_id                   'X-RAY DIFFRACTION' 
_refine_ls_shell.d_res_high                       1.700 
_refine_ls_shell.d_res_low                        1.744 
_refine_ls_shell.number_reflns_all                ? 
_refine_ls_shell.number_reflns_obs                ? 
_refine_ls_shell.number_reflns_R_free             53 
_refine_ls_shell.number_reflns_R_work             975 
_refine_ls_shell.percent_reflns_obs               99.42 
_refine_ls_shell.percent_reflns_R_free            ? 
_refine_ls_shell.R_factor_all                     ? 
_refine_ls_shell.R_factor_obs                     ? 
_refine_ls_shell.R_factor_R_free                  0.268 
_refine_ls_shell.R_factor_R_free_error            ? 
_refine_ls_shell.R_factor_R_work                  0.159 
_refine_ls_shell.redundancy_reflns_all            ? 
_refine_ls_shell.redundancy_reflns_obs            ? 
_refine_ls_shell.wR_factor_all                    ? 
_refine_ls_shell.wR_factor_obs                    ? 
_refine_ls_shell.wR_factor_R_free                 ? 
_refine_ls_shell.wR_factor_R_work                 ? 
_refine_ls_shell.pdbx_total_number_of_bins_used   20 
_refine_ls_shell.pdbx_phase_error                 ? 
_refine_ls_shell.pdbx_fsc_work                    ? 
_refine_ls_shell.pdbx_fsc_free                    ? 
# 
_struct.entry_id                     5ZO6 
_struct.title                        'Crystal structure of C166, a backbone circularized G-CSF' 
_struct.pdbx_model_details           ? 
_struct.pdbx_formula_weight          ? 
_struct.pdbx_formula_weight_method   ? 
_struct.pdbx_model_type_details      ? 
_struct.pdbx_CASP_flag               N 
# 
_struct_keywords.entry_id        5ZO6 
_struct_keywords.text            'cytokine, four-helix bundle, back-bone circularization' 
_struct_keywords.pdbx_keywords   CYTOKINE 
# 
loop_
_struct_asym.id 
_struct_asym.pdbx_blank_PDB_chainid_flag 
_struct_asym.pdbx_modified 
_struct_asym.entity_id 
_struct_asym.details 
A N N 1 ? 
B N N 2 ? 
# 
_struct_ref.id                         1 
_struct_ref.db_name                    UNP 
_struct_ref.db_code                    CSF3_HUMAN 
_struct_ref.pdbx_db_accession          P09919 
_struct_ref.pdbx_db_isoform            ? 
_struct_ref.entity_id                  1 
_struct_ref.pdbx_seq_one_letter_code   
;SSLPQSFLLKCLEQVRKIQGDGAALQEKLVSECATYKLCHPEELVLLGHSLGIPWAPLSSCPSQALQLAGCLSQLHSGLF
LYQGLLQALEGISPELGPTLDTLQLDVADFATTIWQQMEELGMAPALQPTQGAMPAFASAFQRRAGGVLVASHLQSFLEV
SYRVLRHLA
;
_struct_ref.pdbx_align_begin           37 
# 
_struct_ref_seq.align_id                      1 
_struct_ref_seq.ref_id                        1 
_struct_ref_seq.pdbx_PDB_id_code              5ZO6 
_struct_ref_seq.pdbx_strand_id                X 
_struct_ref_seq.seq_align_beg                 1 
_struct_ref_seq.pdbx_seq_align_beg_ins_code   ? 
_struct_ref_seq.seq_align_end                 166 
_struct_ref_seq.pdbx_seq_align_end_ins_code   ? 
_struct_ref_seq.pdbx_db_accession             P09919 
_struct_ref_seq.db_align_beg                  37 
_struct_ref_seq.pdbx_db_align_beg_ins_code    ? 
_struct_ref_seq.db_align_end                  205 
_struct_ref_seq.pdbx_db_align_end_ins_code    ? 
_struct_ref_seq.pdbx_auth_seq_align_beg       1 
_struct_ref_seq.pdbx_auth_seq_align_end       166 
# 
loop_
_struct_ref_seq_dif.align_id 
_struct_ref_seq_dif.pdbx_pdb_id_code 
_struct_ref_seq_dif.mon_id 
_struct_ref_seq_dif.pdbx_pdb_strand_id 
_struct_ref_seq_dif.seq_num 
_struct_ref_seq_dif.pdbx_pdb_ins_code 
_struct_ref_seq_dif.pdbx_seq_db_name 
_struct_ref_seq_dif.pdbx_seq_db_accession_code 
_struct_ref_seq_dif.db_mon_id 
_struct_ref_seq_dif.pdbx_seq_db_seq_num 
_struct_ref_seq_dif.details 
_struct_ref_seq_dif.pdbx_auth_seq_num 
_struct_ref_seq_dif.pdbx_ordinal 
1 5ZO6 SER X 11  ? UNP P09919 CYS 47  'engineered mutation' 11  1 
1 5ZO6 ?   X ?   ? UNP P09919 VAL 66  deletion              ?   2 
1 5ZO6 ?   X ?   ? UNP P09919 SER 67  deletion              ?   3 
1 5ZO6 ?   X ?   ? UNP P09919 GLU 68  deletion              ?   4 
1 5ZO6 GLY X 166 ? UNP P09919 ALA 205 'engineered mutation' 166 5 
# 
_pdbx_struct_assembly.id                   1 
_pdbx_struct_assembly.details              author_defined_assembly 
_pdbx_struct_assembly.method_details       ? 
_pdbx_struct_assembly.oligomeric_details   monomeric 
_pdbx_struct_assembly.oligomeric_count     1 
# 
loop_
_pdbx_struct_assembly_prop.biol_id 
_pdbx_struct_assembly_prop.type 
_pdbx_struct_assembly_prop.value 
_pdbx_struct_assembly_prop.details 
1 'ABSA (A^2)' 0    ? 
1 MORE         0    ? 
1 'SSA (A^2)'  9390 ? 
# 
_pdbx_struct_assembly_gen.assembly_id       1 
_pdbx_struct_assembly_gen.oper_expression   1 
_pdbx_struct_assembly_gen.asym_id_list      A,B 
# 
_pdbx_struct_assembly_auth_evidence.id                     1 
_pdbx_struct_assembly_auth_evidence.assembly_id            1 
_pdbx_struct_assembly_auth_evidence.experimental_support   'gel filtration' 
_pdbx_struct_assembly_auth_evidence.details                ? 
# 
_pdbx_struct_oper_list.id                   1 
_pdbx_struct_oper_list.type                 'identity operation' 
_pdbx_struct_oper_list.name                 1_555 
_pdbx_struct_oper_list.symmetry_operation   x,y,z 
_pdbx_struct_oper_list.matrix[1][1]         1.0000000000 
_pdbx_struct_oper_list.matrix[1][2]         0.0000000000 
_pdbx_struct_oper_list.matrix[1][3]         0.0000000000 
_pdbx_struct_oper_list.vector[1]            0.0000000000 
_pdbx_struct_oper_list.matrix[2][1]         0.0000000000 
_pdbx_struct_oper_list.matrix[2][2]         1.0000000000 
_pdbx_struct_oper_list.matrix[2][3]         0.0000000000 
_pdbx_struct_oper_list.vector[2]            0.0000000000 
_pdbx_struct_oper_list.matrix[3][1]         0.0000000000 
_pdbx_struct_oper_list.matrix[3][2]         0.0000000000 
_pdbx_struct_oper_list.matrix[3][3]         1.0000000000 
_pdbx_struct_oper_list.vector[3]            0.0000000000 
# 
loop_
_struct_conf.conf_type_id 
_struct_conf.id 
_struct_conf.pdbx_PDB_helix_id 
_struct_conf.beg_label_comp_id 
_struct_conf.beg_label_asym_id 
_struct_conf.beg_label_seq_id 
_struct_conf.pdbx_beg_PDB_ins_code 
_struct_conf.end_label_comp_id 
_struct_conf.end_label_asym_id 
_struct_conf.end_label_seq_id 
_struct_conf.pdbx_end_PDB_ins_code 
_struct_conf.beg_auth_comp_id 
_struct_conf.beg_auth_asym_id 
_struct_conf.beg_auth_seq_id 
_struct_conf.end_auth_comp_id 
_struct_conf.end_auth_asym_id 
_struct_conf.end_auth_seq_id 
_struct_conf.pdbx_PDB_helix_class 
_struct_conf.details 
_struct_conf.pdbx_PDB_helix_length 
HELX_P HELX_P1 AA1 PRO A 4   ? LYS A 34  ? PRO X 4   LYS X 34  1 ? 31 
HELX_P HELX_P2 AA2 HIS A 37  ? GLU A 40  ? HIS X 37  GLU X 40  5 ? 4  
HELX_P HELX_P3 AA3 LEU A 41  ? GLY A 49  ? LEU X 41  GLY X 49  1 ? 9  
HELX_P HELX_P4 AA4 GLN A 64  ? LEU A 86  ? GLN X 64  LEU X 86  1 ? 23 
HELX_P HELX_P5 AA5 LEU A 93  ? GLY A 119 ? LEU X 93  GLY X 119 1 ? 27 
HELX_P HELX_P6 AA6 SER A 136 ? GLY A 166 ? SER X 136 GLY X 166 1 ? 31 
# 
_struct_conf_type.id          HELX_P 
_struct_conf_type.criteria    ? 
_struct_conf_type.reference   ? 
# 
loop_
_struct_conn.id 
_struct_conn.conn_type_id 
_struct_conn.pdbx_leaving_atom_flag 
_struct_conn.pdbx_PDB_id 
_struct_conn.ptnr1_label_asym_id 
_struct_conn.ptnr1_label_comp_id 
_struct_conn.ptnr1_label_seq_id 
_struct_conn.ptnr1_label_atom_id 
_struct_conn.pdbx_ptnr1_label_alt_id 
_struct_conn.pdbx_ptnr1_PDB_ins_code 
_struct_conn.pdbx_ptnr1_standard_comp_id 
_struct_conn.ptnr1_symmetry 
_struct_conn.ptnr2_label_asym_id 
_struct_conn.ptnr2_label_comp_id 
_struct_conn.ptnr2_label_seq_id 
_struct_conn.ptnr2_label_atom_id 
_struct_conn.pdbx_ptnr2_label_alt_id 
_struct_conn.pdbx_ptnr2_PDB_ins_code 
_struct_conn.ptnr1_auth_asym_id 
_struct_conn.ptnr1_auth_comp_id 
_struct_conn.ptnr1_auth_seq_id 
_struct_conn.ptnr2_auth_asym_id 
_struct_conn.ptnr2_auth_comp_id 
_struct_conn.ptnr2_auth_seq_id 
_struct_conn.ptnr2_symmetry 
_struct_conn.pdbx_ptnr3_label_atom_id 
_struct_conn.pdbx_ptnr3_label_seq_id 
_struct_conn.pdbx_ptnr3_label_comp_id 
_struct_conn.pdbx_ptnr3_label_asym_id 
_struct_conn.pdbx_ptnr3_label_alt_id 
_struct_conn.pdbx_ptnr3_PDB_ins_code 
_struct_conn.details 
_struct_conn.pdbx_dist_value 
_struct_conn.pdbx_value_order 
_struct_conn.pdbx_role 
disulf1 disulf ? ? A CYS 30 SG ? ? ? 1_555 A CYS 36 SG ? ? X CYS 30 X CYS 36 1_555 ? ? ? ? ? ? ? 2.070 ? ? 
disulf2 disulf ? ? A CYS 58 SG ? ? ? 1_555 A CYS 68 SG ? ? X CYS 58 X CYS 68 1_555 ? ? ? ? ? ? ? 2.040 ? ? 
# 
_struct_conn_type.id          disulf 
_struct_conn_type.criteria    ? 
_struct_conn_type.reference   ? 
# 
loop_
_pdbx_modification_feature.ordinal 
_pdbx_modification_feature.label_comp_id 
_pdbx_modification_feature.label_asym_id 
_pdbx_modification_feature.label_seq_id 
_pdbx_modification_feature.label_alt_id 
_pdbx_modification_feature.modified_residue_label_comp_id 
_pdbx_modification_feature.modified_residue_label_asym_id 
_pdbx_modification_feature.modified_residue_label_seq_id 
_pdbx_modification_feature.modified_residue_label_alt_id 
_pdbx_modification_feature.auth_comp_id 
_pdbx_modification_feature.auth_asym_id 
_pdbx_modification_feature.auth_seq_id 
_pdbx_modification_feature.PDB_ins_code 
_pdbx_modification_feature.symmetry 
_pdbx_modification_feature.modified_residue_auth_comp_id 
_pdbx_modification_feature.modified_residue_auth_asym_id 
_pdbx_modification_feature.modified_residue_auth_seq_id 
_pdbx_modification_feature.modified_residue_PDB_ins_code 
_pdbx_modification_feature.modified_residue_symmetry 
_pdbx_modification_feature.comp_id_linking_atom 
_pdbx_modification_feature.modified_residue_id_linking_atom 
_pdbx_modification_feature.modified_residue_id 
_pdbx_modification_feature.ref_pcm_id 
_pdbx_modification_feature.ref_comp_id 
_pdbx_modification_feature.type 
_pdbx_modification_feature.category 
1 CYS A 30 ? CYS A 36 ? CYS X 30 ? 1_555 CYS X 36 ? 1_555 SG SG . . . None 'Disulfide bridge' 
2 CYS A 58 ? CYS A 68 ? CYS X 58 ? 1_555 CYS X 68 ? 1_555 SG SG . . . None 'Disulfide bridge' 
# 
_pdbx_entry_details.entry_id                   5ZO6 
_pdbx_entry_details.compound_details           ? 
_pdbx_entry_details.source_details             ? 
_pdbx_entry_details.nonpolymer_details         ? 
_pdbx_entry_details.sequence_details           ? 
_pdbx_entry_details.has_ligand_of_interest     ? 
_pdbx_entry_details.has_protein_modification   Y 
# 
_pdbx_validate_close_contact.id               1 
_pdbx_validate_close_contact.PDB_model_num    1 
_pdbx_validate_close_contact.auth_atom_id_1   N 
_pdbx_validate_close_contact.auth_asym_id_1   X 
_pdbx_validate_close_contact.auth_comp_id_1   SER 
_pdbx_validate_close_contact.auth_seq_id_1    1 
_pdbx_validate_close_contact.PDB_ins_code_1   ? 
_pdbx_validate_close_contact.label_alt_id_1   ? 
_pdbx_validate_close_contact.auth_atom_id_2   C 
_pdbx_validate_close_contact.auth_asym_id_2   X 
_pdbx_validate_close_contact.auth_comp_id_2   GLY 
_pdbx_validate_close_contact.auth_seq_id_2    166 
_pdbx_validate_close_contact.PDB_ins_code_2   ? 
_pdbx_validate_close_contact.label_alt_id_2   ? 
_pdbx_validate_close_contact.dist             1.34 
# 
loop_
_pdbx_validate_rmsd_angle.id 
_pdbx_validate_rmsd_angle.PDB_model_num 
_pdbx_validate_rmsd_angle.auth_atom_id_1 
_pdbx_validate_rmsd_angle.auth_asym_id_1 
_pdbx_validate_rmsd_angle.auth_comp_id_1 
_pdbx_validate_rmsd_angle.auth_seq_id_1 
_pdbx_validate_rmsd_angle.PDB_ins_code_1 
_pdbx_validate_rmsd_angle.label_alt_id_1 
_pdbx_validate_rmsd_angle.auth_atom_id_2 
_pdbx_validate_rmsd_angle.auth_asym_id_2 
_pdbx_validate_rmsd_angle.auth_comp_id_2 
_pdbx_validate_rmsd_angle.auth_seq_id_2 
_pdbx_validate_rmsd_angle.PDB_ins_code_2 
_pdbx_validate_rmsd_angle.label_alt_id_2 
_pdbx_validate_rmsd_angle.auth_atom_id_3 
_pdbx_validate_rmsd_angle.auth_asym_id_3 
_pdbx_validate_rmsd_angle.auth_comp_id_3 
_pdbx_validate_rmsd_angle.auth_seq_id_3 
_pdbx_validate_rmsd_angle.PDB_ins_code_3 
_pdbx_validate_rmsd_angle.label_alt_id_3 
_pdbx_validate_rmsd_angle.angle_value 
_pdbx_validate_rmsd_angle.angle_target_value 
_pdbx_validate_rmsd_angle.angle_deviation 
_pdbx_validate_rmsd_angle.angle_standard_deviation 
_pdbx_validate_rmsd_angle.linker_flag 
1 1 CB X LEU 78  ? ? CG X LEU 78  ? ? CD2 X LEU 78  ? ? 123.37 111.00 12.37 1.70 N 
2 1 NE X ARG 140 ? ? CZ X ARG 140 ? ? NH1 X ARG 140 ? ? 116.84 120.30 -3.46 0.50 N 
3 1 NE X ARG 140 ? ? CZ X ARG 140 ? ? NH2 X ARG 140 ? ? 123.89 120.30 3.59  0.50 N 
# 
loop_
_pdbx_validate_torsion.id 
_pdbx_validate_torsion.PDB_model_num 
_pdbx_validate_torsion.auth_comp_id 
_pdbx_validate_torsion.auth_asym_id 
_pdbx_validate_torsion.auth_seq_id 
_pdbx_validate_torsion.PDB_ins_code 
_pdbx_validate_torsion.label_alt_id 
_pdbx_validate_torsion.phi 
_pdbx_validate_torsion.psi 
1 1 GLN X 64 ? ? -152.26 9.88   
2 1 ILE X 89 ? ? 71.11   -62.72 
# 
loop_
_chem_comp_atom.comp_id 
_chem_comp_atom.atom_id 
_chem_comp_atom.type_symbol 
_chem_comp_atom.pdbx_aromatic_flag 
_chem_comp_atom.pdbx_stereo_config 
_chem_comp_atom.pdbx_ordinal 
ALA N    N N N 1   
ALA CA   C N S 2   
ALA C    C N N 3   
ALA O    O N N 4   
ALA CB   C N N 5   
ALA OXT  O N N 6   
ALA H    H N N 7   
ALA H2   H N N 8   
ALA HA   H N N 9   
ALA HB1  H N N 10  
ALA HB2  H N N 11  
ALA HB3  H N N 12  
ALA HXT  H N N 13  
ARG N    N N N 14  
ARG CA   C N S 15  
ARG C    C N N 16  
ARG O    O N N 17  
ARG CB   C N N 18  
ARG CG   C N N 19  
ARG CD   C N N 20  
ARG NE   N N N 21  
ARG CZ   C N N 22  
ARG NH1  N N N 23  
ARG NH2  N N N 24  
ARG OXT  O N N 25  
ARG H    H N N 26  
ARG H2   H N N 27  
ARG HA   H N N 28  
ARG HB2  H N N 29  
ARG HB3  H N N 30  
ARG HG2  H N N 31  
ARG HG3  H N N 32  
ARG HD2  H N N 33  
ARG HD3  H N N 34  
ARG HE   H N N 35  
ARG HH11 H N N 36  
ARG HH12 H N N 37  
ARG HH21 H N N 38  
ARG HH22 H N N 39  
ARG HXT  H N N 40  
ASP N    N N N 41  
ASP CA   C N S 42  
ASP C    C N N 43  
ASP O    O N N 44  
ASP CB   C N N 45  
ASP CG   C N N 46  
ASP OD1  O N N 47  
ASP OD2  O N N 48  
ASP OXT  O N N 49  
ASP H    H N N 50  
ASP H2   H N N 51  
ASP HA   H N N 52  
ASP HB2  H N N 53  
ASP HB3  H N N 54  
ASP HD2  H N N 55  
ASP HXT  H N N 56  
CYS N    N N N 57  
CYS CA   C N R 58  
CYS C    C N N 59  
CYS O    O N N 60  
CYS CB   C N N 61  
CYS SG   S N N 62  
CYS OXT  O N N 63  
CYS H    H N N 64  
CYS H2   H N N 65  
CYS HA   H N N 66  
CYS HB2  H N N 67  
CYS HB3  H N N 68  
CYS HG   H N N 69  
CYS HXT  H N N 70  
GLN N    N N N 71  
GLN CA   C N S 72  
GLN C    C N N 73  
GLN O    O N N 74  
GLN CB   C N N 75  
GLN CG   C N N 76  
GLN CD   C N N 77  
GLN OE1  O N N 78  
GLN NE2  N N N 79  
GLN OXT  O N N 80  
GLN H    H N N 81  
GLN H2   H N N 82  
GLN HA   H N N 83  
GLN HB2  H N N 84  
GLN HB3  H N N 85  
GLN HG2  H N N 86  
GLN HG3  H N N 87  
GLN HE21 H N N 88  
GLN HE22 H N N 89  
GLN HXT  H N N 90  
GLU N    N N N 91  
GLU CA   C N S 92  
GLU C    C N N 93  
GLU O    O N N 94  
GLU CB   C N N 95  
GLU CG   C N N 96  
GLU CD   C N N 97  
GLU OE1  O N N 98  
GLU OE2  O N N 99  
GLU OXT  O N N 100 
GLU H    H N N 101 
GLU H2   H N N 102 
GLU HA   H N N 103 
GLU HB2  H N N 104 
GLU HB3  H N N 105 
GLU HG2  H N N 106 
GLU HG3  H N N 107 
GLU HE2  H N N 108 
GLU HXT  H N N 109 
GLY N    N N N 110 
GLY CA   C N N 111 
GLY C    C N N 112 
GLY O    O N N 113 
GLY OXT  O N N 114 
GLY H    H N N 115 
GLY H2   H N N 116 
GLY HA2  H N N 117 
GLY HA3  H N N 118 
GLY HXT  H N N 119 
HIS N    N N N 120 
HIS CA   C N S 121 
HIS C    C N N 122 
HIS O    O N N 123 
HIS CB   C N N 124 
HIS CG   C Y N 125 
HIS ND1  N Y N 126 
HIS CD2  C Y N 127 
HIS CE1  C Y N 128 
HIS NE2  N Y N 129 
HIS OXT  O N N 130 
HIS H    H N N 131 
HIS H2   H N N 132 
HIS HA   H N N 133 
HIS HB2  H N N 134 
HIS HB3  H N N 135 
HIS HD1  H N N 136 
HIS HD2  H N N 137 
HIS HE1  H N N 138 
HIS HE2  H N N 139 
HIS HXT  H N N 140 
HOH O    O N N 141 
HOH H1   H N N 142 
HOH H2   H N N 143 
ILE N    N N N 144 
ILE CA   C N S 145 
ILE C    C N N 146 
ILE O    O N N 147 
ILE CB   C N S 148 
ILE CG1  C N N 149 
ILE CG2  C N N 150 
ILE CD1  C N N 151 
ILE OXT  O N N 152 
ILE H    H N N 153 
ILE H2   H N N 154 
ILE HA   H N N 155 
ILE HB   H N N 156 
ILE HG12 H N N 157 
ILE HG13 H N N 158 
ILE HG21 H N N 159 
ILE HG22 H N N 160 
ILE HG23 H N N 161 
ILE HD11 H N N 162 
ILE HD12 H N N 163 
ILE HD13 H N N 164 
ILE HXT  H N N 165 
LEU N    N N N 166 
LEU CA   C N S 167 
LEU C    C N N 168 
LEU O    O N N 169 
LEU CB   C N N 170 
LEU CG   C N N 171 
LEU CD1  C N N 172 
LEU CD2  C N N 173 
LEU OXT  O N N 174 
LEU H    H N N 175 
LEU H2   H N N 176 
LEU HA   H N N 177 
LEU HB2  H N N 178 
LEU HB3  H N N 179 
LEU HG   H N N 180 
LEU HD11 H N N 181 
LEU HD12 H N N 182 
LEU HD13 H N N 183 
LEU HD21 H N N 184 
LEU HD22 H N N 185 
LEU HD23 H N N 186 
LEU HXT  H N N 187 
LYS N    N N N 188 
LYS CA   C N S 189 
LYS C    C N N 190 
LYS O    O N N 191 
LYS CB   C N N 192 
LYS CG   C N N 193 
LYS CD   C N N 194 
LYS CE   C N N 195 
LYS NZ   N N N 196 
LYS OXT  O N N 197 
LYS H    H N N 198 
LYS H2   H N N 199 
LYS HA   H N N 200 
LYS HB2  H N N 201 
LYS HB3  H N N 202 
LYS HG2  H N N 203 
LYS HG3  H N N 204 
LYS HD2  H N N 205 
LYS HD3  H N N 206 
LYS HE2  H N N 207 
LYS HE3  H N N 208 
LYS HZ1  H N N 209 
LYS HZ2  H N N 210 
LYS HZ3  H N N 211 
LYS HXT  H N N 212 
MET N    N N N 213 
MET CA   C N S 214 
MET C    C N N 215 
MET O    O N N 216 
MET CB   C N N 217 
MET CG   C N N 218 
MET SD   S N N 219 
MET CE   C N N 220 
MET OXT  O N N 221 
MET H    H N N 222 
MET H2   H N N 223 
MET HA   H N N 224 
MET HB2  H N N 225 
MET HB3  H N N 226 
MET HG2  H N N 227 
MET HG3  H N N 228 
MET HE1  H N N 229 
MET HE2  H N N 230 
MET HE3  H N N 231 
MET HXT  H N N 232 
PHE N    N N N 233 
PHE CA   C N S 234 
PHE C    C N N 235 
PHE O    O N N 236 
PHE CB   C N N 237 
PHE CG   C Y N 238 
PHE CD1  C Y N 239 
PHE CD2  C Y N 240 
PHE CE1  C Y N 241 
PHE CE2  C Y N 242 
PHE CZ   C Y N 243 
PHE OXT  O N N 244 
PHE H    H N N 245 
PHE H2   H N N 246 
PHE HA   H N N 247 
PHE HB2  H N N 248 
PHE HB3  H N N 249 
PHE HD1  H N N 250 
PHE HD2  H N N 251 
PHE HE1  H N N 252 
PHE HE2  H N N 253 
PHE HZ   H N N 254 
PHE HXT  H N N 255 
PRO N    N N N 256 
PRO CA   C N S 257 
PRO C    C N N 258 
PRO O    O N N 259 
PRO CB   C N N 260 
PRO CG   C N N 261 
PRO CD   C N N 262 
PRO OXT  O N N 263 
PRO H    H N N 264 
PRO HA   H N N 265 
PRO HB2  H N N 266 
PRO HB3  H N N 267 
PRO HG2  H N N 268 
PRO HG3  H N N 269 
PRO HD2  H N N 270 
PRO HD3  H N N 271 
PRO HXT  H N N 272 
SER N    N N N 273 
SER CA   C N S 274 
SER C    C N N 275 
SER O    O N N 276 
SER CB   C N N 277 
SER OG   O N N 278 
SER OXT  O N N 279 
SER H    H N N 280 
SER H2   H N N 281 
SER HA   H N N 282 
SER HB2  H N N 283 
SER HB3  H N N 284 
SER HG   H N N 285 
SER HXT  H N N 286 
THR N    N N N 287 
THR CA   C N S 288 
THR C    C N N 289 
THR O    O N N 290 
THR CB   C N R 291 
THR OG1  O N N 292 
THR CG2  C N N 293 
THR OXT  O N N 294 
THR H    H N N 295 
THR H2   H N N 296 
THR HA   H N N 297 
THR HB   H N N 298 
THR HG1  H N N 299 
THR HG21 H N N 300 
THR HG22 H N N 301 
THR HG23 H N N 302 
THR HXT  H N N 303 
TRP N    N N N 304 
TRP CA   C N S 305 
TRP C    C N N 306 
TRP O    O N N 307 
TRP CB   C N N 308 
TRP CG   C Y N 309 
TRP CD1  C Y N 310 
TRP CD2  C Y N 311 
TRP NE1  N Y N 312 
TRP CE2  C Y N 313 
TRP CE3  C Y N 314 
TRP CZ2  C Y N 315 
TRP CZ3  C Y N 316 
TRP CH2  C Y N 317 
TRP OXT  O N N 318 
TRP H    H N N 319 
TRP H2   H N N 320 
TRP HA   H N N 321 
TRP HB2  H N N 322 
TRP HB3  H N N 323 
TRP HD1  H N N 324 
TRP HE1  H N N 325 
TRP HE3  H N N 326 
TRP HZ2  H N N 327 
TRP HZ3  H N N 328 
TRP HH2  H N N 329 
TRP HXT  H N N 330 
TYR N    N N N 331 
TYR CA   C N S 332 
TYR C    C N N 333 
TYR O    O N N 334 
TYR CB   C N N 335 
TYR CG   C Y N 336 
TYR CD1  C Y N 337 
TYR CD2  C Y N 338 
TYR CE1  C Y N 339 
TYR CE2  C Y N 340 
TYR CZ   C Y N 341 
TYR OH   O N N 342 
TYR OXT  O N N 343 
TYR H    H N N 344 
TYR H2   H N N 345 
TYR HA   H N N 346 
TYR HB2  H N N 347 
TYR HB3  H N N 348 
TYR HD1  H N N 349 
TYR HD2  H N N 350 
TYR HE1  H N N 351 
TYR HE2  H N N 352 
TYR HH   H N N 353 
TYR HXT  H N N 354 
VAL N    N N N 355 
VAL CA   C N S 356 
VAL C    C N N 357 
VAL O    O N N 358 
VAL CB   C N N 359 
VAL CG1  C N N 360 
VAL CG2  C N N 361 
VAL OXT  O N N 362 
VAL H    H N N 363 
VAL H2   H N N 364 
VAL HA   H N N 365 
VAL HB   H N N 366 
VAL HG11 H N N 367 
VAL HG12 H N N 368 
VAL HG13 H N N 369 
VAL HG21 H N N 370 
VAL HG22 H N N 371 
VAL HG23 H N N 372 
VAL HXT  H N N 373 
# 
loop_
_chem_comp_bond.comp_id 
_chem_comp_bond.atom_id_1 
_chem_comp_bond.atom_id_2 
_chem_comp_bond.value_order 
_chem_comp_bond.pdbx_aromatic_flag 
_chem_comp_bond.pdbx_stereo_config 
_chem_comp_bond.pdbx_ordinal 
ALA N   CA   sing N N 1   
ALA N   H    sing N N 2   
ALA N   H2   sing N N 3   
ALA CA  C    sing N N 4   
ALA CA  CB   sing N N 5   
ALA CA  HA   sing N N 6   
ALA C   O    doub N N 7   
ALA C   OXT  sing N N 8   
ALA CB  HB1  sing N N 9   
ALA CB  HB2  sing N N 10  
ALA CB  HB3  sing N N 11  
ALA OXT HXT  sing N N 12  
ARG N   CA   sing N N 13  
ARG N   H    sing N N 14  
ARG N   H2   sing N N 15  
ARG CA  C    sing N N 16  
ARG CA  CB   sing N N 17  
ARG CA  HA   sing N N 18  
ARG C   O    doub N N 19  
ARG C   OXT  sing N N 20  
ARG CB  CG   sing N N 21  
ARG CB  HB2  sing N N 22  
ARG CB  HB3  sing N N 23  
ARG CG  CD   sing N N 24  
ARG CG  HG2  sing N N 25  
ARG CG  HG3  sing N N 26  
ARG CD  NE   sing N N 27  
ARG CD  HD2  sing N N 28  
ARG CD  HD3  sing N N 29  
ARG NE  CZ   sing N N 30  
ARG NE  HE   sing N N 31  
ARG CZ  NH1  sing N N 32  
ARG CZ  NH2  doub N N 33  
ARG NH1 HH11 sing N N 34  
ARG NH1 HH12 sing N N 35  
ARG NH2 HH21 sing N N 36  
ARG NH2 HH22 sing N N 37  
ARG OXT HXT  sing N N 38  
ASP N   CA   sing N N 39  
ASP N   H    sing N N 40  
ASP N   H2   sing N N 41  
ASP CA  C    sing N N 42  
ASP CA  CB   sing N N 43  
ASP CA  HA   sing N N 44  
ASP C   O    doub N N 45  
ASP C   OXT  sing N N 46  
ASP CB  CG   sing N N 47  
ASP CB  HB2  sing N N 48  
ASP CB  HB3  sing N N 49  
ASP CG  OD1  doub N N 50  
ASP CG  OD2  sing N N 51  
ASP OD2 HD2  sing N N 52  
ASP OXT HXT  sing N N 53  
CYS N   CA   sing N N 54  
CYS N   H    sing N N 55  
CYS N   H2   sing N N 56  
CYS CA  C    sing N N 57  
CYS CA  CB   sing N N 58  
CYS CA  HA   sing N N 59  
CYS C   O    doub N N 60  
CYS C   OXT  sing N N 61  
CYS CB  SG   sing N N 62  
CYS CB  HB2  sing N N 63  
CYS CB  HB3  sing N N 64  
CYS SG  HG   sing N N 65  
CYS OXT HXT  sing N N 66  
GLN N   CA   sing N N 67  
GLN N   H    sing N N 68  
GLN N   H2   sing N N 69  
GLN CA  C    sing N N 70  
GLN CA  CB   sing N N 71  
GLN CA  HA   sing N N 72  
GLN C   O    doub N N 73  
GLN C   OXT  sing N N 74  
GLN CB  CG   sing N N 75  
GLN CB  HB2  sing N N 76  
GLN CB  HB3  sing N N 77  
GLN CG  CD   sing N N 78  
GLN CG  HG2  sing N N 79  
GLN CG  HG3  sing N N 80  
GLN CD  OE1  doub N N 81  
GLN CD  NE2  sing N N 82  
GLN NE2 HE21 sing N N 83  
GLN NE2 HE22 sing N N 84  
GLN OXT HXT  sing N N 85  
GLU N   CA   sing N N 86  
GLU N   H    sing N N 87  
GLU N   H2   sing N N 88  
GLU CA  C    sing N N 89  
GLU CA  CB   sing N N 90  
GLU CA  HA   sing N N 91  
GLU C   O    doub N N 92  
GLU C   OXT  sing N N 93  
GLU CB  CG   sing N N 94  
GLU CB  HB2  sing N N 95  
GLU CB  HB3  sing N N 96  
GLU CG  CD   sing N N 97  
GLU CG  HG2  sing N N 98  
GLU CG  HG3  sing N N 99  
GLU CD  OE1  doub N N 100 
GLU CD  OE2  sing N N 101 
GLU OE2 HE2  sing N N 102 
GLU OXT HXT  sing N N 103 
GLY N   CA   sing N N 104 
GLY N   H    sing N N 105 
GLY N   H2   sing N N 106 
GLY CA  C    sing N N 107 
GLY CA  HA2  sing N N 108 
GLY CA  HA3  sing N N 109 
GLY C   O    doub N N 110 
GLY C   OXT  sing N N 111 
GLY OXT HXT  sing N N 112 
HIS N   CA   sing N N 113 
HIS N   H    sing N N 114 
HIS N   H2   sing N N 115 
HIS CA  C    sing N N 116 
HIS CA  CB   sing N N 117 
HIS CA  HA   sing N N 118 
HIS C   O    doub N N 119 
HIS C   OXT  sing N N 120 
HIS CB  CG   sing N N 121 
HIS CB  HB2  sing N N 122 
HIS CB  HB3  sing N N 123 
HIS CG  ND1  sing Y N 124 
HIS CG  CD2  doub Y N 125 
HIS ND1 CE1  doub Y N 126 
HIS ND1 HD1  sing N N 127 
HIS CD2 NE2  sing Y N 128 
HIS CD2 HD2  sing N N 129 
HIS CE1 NE2  sing Y N 130 
HIS CE1 HE1  sing N N 131 
HIS NE2 HE2  sing N N 132 
HIS OXT HXT  sing N N 133 
HOH O   H1   sing N N 134 
HOH O   H2   sing N N 135 
ILE N   CA   sing N N 136 
ILE N   H    sing N N 137 
ILE N   H2   sing N N 138 
ILE CA  C    sing N N 139 
ILE CA  CB   sing N N 140 
ILE CA  HA   sing N N 141 
ILE C   O    doub N N 142 
ILE C   OXT  sing N N 143 
ILE CB  CG1  sing N N 144 
ILE CB  CG2  sing N N 145 
ILE CB  HB   sing N N 146 
ILE CG1 CD1  sing N N 147 
ILE CG1 HG12 sing N N 148 
ILE CG1 HG13 sing N N 149 
ILE CG2 HG21 sing N N 150 
ILE CG2 HG22 sing N N 151 
ILE CG2 HG23 sing N N 152 
ILE CD1 HD11 sing N N 153 
ILE CD1 HD12 sing N N 154 
ILE CD1 HD13 sing N N 155 
ILE OXT HXT  sing N N 156 
LEU N   CA   sing N N 157 
LEU N   H    sing N N 158 
LEU N   H2   sing N N 159 
LEU CA  C    sing N N 160 
LEU CA  CB   sing N N 161 
LEU CA  HA   sing N N 162 
LEU C   O    doub N N 163 
LEU C   OXT  sing N N 164 
LEU CB  CG   sing N N 165 
LEU CB  HB2  sing N N 166 
LEU CB  HB3  sing N N 167 
LEU CG  CD1  sing N N 168 
LEU CG  CD2  sing N N 169 
LEU CG  HG   sing N N 170 
LEU CD1 HD11 sing N N 171 
LEU CD1 HD12 sing N N 172 
LEU CD1 HD13 sing N N 173 
LEU CD2 HD21 sing N N 174 
LEU CD2 HD22 sing N N 175 
LEU CD2 HD23 sing N N 176 
LEU OXT HXT  sing N N 177 
LYS N   CA   sing N N 178 
LYS N   H    sing N N 179 
LYS N   H2   sing N N 180 
LYS CA  C    sing N N 181 
LYS CA  CB   sing N N 182 
LYS CA  HA   sing N N 183 
LYS C   O    doub N N 184 
LYS C   OXT  sing N N 185 
LYS CB  CG   sing N N 186 
LYS CB  HB2  sing N N 187 
LYS CB  HB3  sing N N 188 
LYS CG  CD   sing N N 189 
LYS CG  HG2  sing N N 190 
LYS CG  HG3  sing N N 191 
LYS CD  CE   sing N N 192 
LYS CD  HD2  sing N N 193 
LYS CD  HD3  sing N N 194 
LYS CE  NZ   sing N N 195 
LYS CE  HE2  sing N N 196 
LYS CE  HE3  sing N N 197 
LYS NZ  HZ1  sing N N 198 
LYS NZ  HZ2  sing N N 199 
LYS NZ  HZ3  sing N N 200 
LYS OXT HXT  sing N N 201 
MET N   CA   sing N N 202 
MET N   H    sing N N 203 
MET N   H2   sing N N 204 
MET CA  C    sing N N 205 
MET CA  CB   sing N N 206 
MET CA  HA   sing N N 207 
MET C   O    doub N N 208 
MET C   OXT  sing N N 209 
MET CB  CG   sing N N 210 
MET CB  HB2  sing N N 211 
MET CB  HB3  sing N N 212 
MET CG  SD   sing N N 213 
MET CG  HG2  sing N N 214 
MET CG  HG3  sing N N 215 
MET SD  CE   sing N N 216 
MET CE  HE1  sing N N 217 
MET CE  HE2  sing N N 218 
MET CE  HE3  sing N N 219 
MET OXT HXT  sing N N 220 
PHE N   CA   sing N N 221 
PHE N   H    sing N N 222 
PHE N   H2   sing N N 223 
PHE CA  C    sing N N 224 
PHE CA  CB   sing N N 225 
PHE CA  HA   sing N N 226 
PHE C   O    doub N N 227 
PHE C   OXT  sing N N 228 
PHE CB  CG   sing N N 229 
PHE CB  HB2  sing N N 230 
PHE CB  HB3  sing N N 231 
PHE CG  CD1  doub Y N 232 
PHE CG  CD2  sing Y N 233 
PHE CD1 CE1  sing Y N 234 
PHE CD1 HD1  sing N N 235 
PHE CD2 CE2  doub Y N 236 
PHE CD2 HD2  sing N N 237 
PHE CE1 CZ   doub Y N 238 
PHE CE1 HE1  sing N N 239 
PHE CE2 CZ   sing Y N 240 
PHE CE2 HE2  sing N N 241 
PHE CZ  HZ   sing N N 242 
PHE OXT HXT  sing N N 243 
PRO N   CA   sing N N 244 
PRO N   CD   sing N N 245 
PRO N   H    sing N N 246 
PRO CA  C    sing N N 247 
PRO CA  CB   sing N N 248 
PRO CA  HA   sing N N 249 
PRO C   O    doub N N 250 
PRO C   OXT  sing N N 251 
PRO CB  CG   sing N N 252 
PRO CB  HB2  sing N N 253 
PRO CB  HB3  sing N N 254 
PRO CG  CD   sing N N 255 
PRO CG  HG2  sing N N 256 
PRO CG  HG3  sing N N 257 
PRO CD  HD2  sing N N 258 
PRO CD  HD3  sing N N 259 
PRO OXT HXT  sing N N 260 
SER N   CA   sing N N 261 
SER N   H    sing N N 262 
SER N   H2   sing N N 263 
SER CA  C    sing N N 264 
SER CA  CB   sing N N 265 
SER CA  HA   sing N N 266 
SER C   O    doub N N 267 
SER C   OXT  sing N N 268 
SER CB  OG   sing N N 269 
SER CB  HB2  sing N N 270 
SER CB  HB3  sing N N 271 
SER OG  HG   sing N N 272 
SER OXT HXT  sing N N 273 
THR N   CA   sing N N 274 
THR N   H    sing N N 275 
THR N   H2   sing N N 276 
THR CA  C    sing N N 277 
THR CA  CB   sing N N 278 
THR CA  HA   sing N N 279 
THR C   O    doub N N 280 
THR C   OXT  sing N N 281 
THR CB  OG1  sing N N 282 
THR CB  CG2  sing N N 283 
THR CB  HB   sing N N 284 
THR OG1 HG1  sing N N 285 
THR CG2 HG21 sing N N 286 
THR CG2 HG22 sing N N 287 
THR CG2 HG23 sing N N 288 
THR OXT HXT  sing N N 289 
TRP N   CA   sing N N 290 
TRP N   H    sing N N 291 
TRP N   H2   sing N N 292 
TRP CA  C    sing N N 293 
TRP CA  CB   sing N N 294 
TRP CA  HA   sing N N 295 
TRP C   O    doub N N 296 
TRP C   OXT  sing N N 297 
TRP CB  CG   sing N N 298 
TRP CB  HB2  sing N N 299 
TRP CB  HB3  sing N N 300 
TRP CG  CD1  doub Y N 301 
TRP CG  CD2  sing Y N 302 
TRP CD1 NE1  sing Y N 303 
TRP CD1 HD1  sing N N 304 
TRP CD2 CE2  doub Y N 305 
TRP CD2 CE3  sing Y N 306 
TRP NE1 CE2  sing Y N 307 
TRP NE1 HE1  sing N N 308 
TRP CE2 CZ2  sing Y N 309 
TRP CE3 CZ3  doub Y N 310 
TRP CE3 HE3  sing N N 311 
TRP CZ2 CH2  doub Y N 312 
TRP CZ2 HZ2  sing N N 313 
TRP CZ3 CH2  sing Y N 314 
TRP CZ3 HZ3  sing N N 315 
TRP CH2 HH2  sing N N 316 
TRP OXT HXT  sing N N 317 
TYR N   CA   sing N N 318 
TYR N   H    sing N N 319 
TYR N   H2   sing N N 320 
TYR CA  C    sing N N 321 
TYR CA  CB   sing N N 322 
TYR CA  HA   sing N N 323 
TYR C   O    doub N N 324 
TYR C   OXT  sing N N 325 
TYR CB  CG   sing N N 326 
TYR CB  HB2  sing N N 327 
TYR CB  HB3  sing N N 328 
TYR CG  CD1  doub Y N 329 
TYR CG  CD2  sing Y N 330 
TYR CD1 CE1  sing Y N 331 
TYR CD1 HD1  sing N N 332 
TYR CD2 CE2  doub Y N 333 
TYR CD2 HD2  sing N N 334 
TYR CE1 CZ   doub Y N 335 
TYR CE1 HE1  sing N N 336 
TYR CE2 CZ   sing Y N 337 
TYR CE2 HE2  sing N N 338 
TYR CZ  OH   sing N N 339 
TYR OH  HH   sing N N 340 
TYR OXT HXT  sing N N 341 
VAL N   CA   sing N N 342 
VAL N   H    sing N N 343 
VAL N   H2   sing N N 344 
VAL CA  C    sing N N 345 
VAL CA  CB   sing N N 346 
VAL CA  HA   sing N N 347 
VAL C   O    doub N N 348 
VAL C   OXT  sing N N 349 
VAL CB  CG1  sing N N 350 
VAL CB  CG2  sing N N 351 
VAL CB  HB   sing N N 352 
VAL CG1 HG11 sing N N 353 
VAL CG1 HG12 sing N N 354 
VAL CG1 HG13 sing N N 355 
VAL CG2 HG21 sing N N 356 
VAL CG2 HG22 sing N N 357 
VAL CG2 HG23 sing N N 358 
VAL OXT HXT  sing N N 359 
# 
_pdbx_audit_support.funding_organization   'Japan Society for the Promotion of Science' 
_pdbx_audit_support.country                Japan 
_pdbx_audit_support.grant_number           23510273 
_pdbx_audit_support.ordinal                1 
# 
_pdbx_initial_refinement_model.id               1 
_pdbx_initial_refinement_model.entity_id_list   ? 
_pdbx_initial_refinement_model.type             'experimental model' 
_pdbx_initial_refinement_model.source_name      PDB 
_pdbx_initial_refinement_model.accession_code   1BGC 
_pdbx_initial_refinement_model.details          ? 
# 
_atom_sites.entry_id                    5ZO6 
_atom_sites.fract_transf_matrix[1][1]   0.00160604 
_atom_sites.fract_transf_matrix[1][2]   -0.00440751 
_atom_sites.fract_transf_matrix[1][3]   -0.02066936 
_atom_sites.fract_transf_matrix[2][1]   -0.00785860 
_atom_sites.fract_transf_matrix[2][2]   0.01871393 
_atom_sites.fract_transf_matrix[2][3]   -0.00460116 
_atom_sites.fract_transf_matrix[3][1]   0.01679150 
_atom_sites.fract_transf_matrix[3][2]   0.00700485 
_atom_sites.fract_transf_matrix[3][3]   -0.00018898 
_atom_sites.fract_transf_vector[1]      -0.251751 
_atom_sites.fract_transf_vector[2]      -0.087796 
_atom_sites.fract_transf_vector[3]      0.047558 
# 
loop_
_atom_type.symbol 
C 
N 
O 
S 
# 
loop_
_atom_site.group_PDB 
_atom_site.id 
_atom_site.type_symbol 
_atom_site.label_atom_id 
_atom_site.label_alt_id 
_atom_site.label_comp_id 
_atom_site.label_asym_id 
_atom_site.label_entity_id 
_atom_site.label_seq_id 
_atom_site.pdbx_PDB_ins_code 
_atom_site.Cartn_x 
_atom_site.Cartn_y 
_atom_site.Cartn_z 
_atom_site.occupancy 
_atom_site.B_iso_or_equiv 
_atom_site.pdbx_formal_charge 
_atom_site.auth_seq_id 
_atom_site.auth_comp_id 
_atom_site.auth_asym_id 
_atom_site.auth_atom_id 
_atom_site.pdbx_PDB_model_num 
ATOM   1    N N   . SER A 1 1   ? -1.287  18.165  -12.853 1.00 17.31  ? 1   SER X N   1 
ATOM   2    C CA  . SER A 1 1   ? -1.682  19.469  -13.388 1.00 16.43  ? 1   SER X CA  1 
ATOM   3    C C   . SER A 1 1   ? -2.924  20.061  -12.789 1.00 15.23  ? 1   SER X C   1 
ATOM   4    O O   . SER A 1 1   ? -3.272  21.185  -13.122 1.00 13.34  ? 1   SER X O   1 
ATOM   5    C CB  . SER A 1 1   ? -1.920  19.396  -14.898 1.00 18.83  ? 1   SER X CB  1 
ATOM   6    O OG  . SER A 1 1   ? -2.965  18.489  -15.171 1.00 21.77  ? 1   SER X OG  1 
ATOM   7    N N   . SER A 1 2   ? -3.670  19.326  -11.959 1.00 13.98  ? 2   SER X N   1 
ATOM   8    C CA  . SER A 1 2   ? -4.826  19.848  -11.313 1.00 15.88  ? 2   SER X CA  1 
ATOM   9    C C   . SER A 1 2   ? -4.679  20.046  -9.811  1.00 16.21  ? 2   SER X C   1 
ATOM   10   O O   . SER A 1 2   ? -5.600  20.523  -9.173  1.00 16.18  ? 2   SER X O   1 
ATOM   11   C CB  . SER A 1 2   ? -6.021  18.880  -11.508 1.00 18.49  ? 2   SER X CB  1 
ATOM   12   O OG  . SER A 1 2   ? -6.296  18.557  -12.876 1.00 20.97  ? 2   SER X OG  1 
ATOM   13   N N   . LEU A 1 3   ? -3.527  19.688  -9.235  1.00 16.07  ? 3   LEU X N   1 
ATOM   14   C CA  . LEU A 1 3   ? -3.414  19.745  -7.816  1.00 17.63  ? 3   LEU X CA  1 
ATOM   15   C C   . LEU A 1 3   ? -2.243  20.629  -7.411  1.00 13.25  ? 3   LEU X C   1 
ATOM   16   O O   . LEU A 1 3   ? -1.253  20.732  -8.167  1.00 15.34  ? 3   LEU X O   1 
ATOM   17   C CB  . LEU A 1 3   ? -3.244  18.355  -7.291  1.00 21.10  ? 3   LEU X CB  1 
ATOM   18   C CG  . LEU A 1 3   ? -4.531  17.456  -7.484  1.00 24.26  ? 3   LEU X CG  1 
ATOM   19   C CD1 . LEU A 1 3   ? -4.264  16.090  -6.903  1.00 26.83  ? 3   LEU X CD1 1 
ATOM   20   C CD2 . LEU A 1 3   ? -5.819  18.015  -6.897  1.00 27.78  ? 3   LEU X CD2 1 
ATOM   21   N N   . PRO A 1 4   ? -2.324  21.227  -6.212  1.00 13.34  ? 4   PRO X N   1 
ATOM   22   C CA  . PRO A 1 4   ? -1.290  22.153  -5.795  1.00 11.93  ? 4   PRO X CA  1 
ATOM   23   C C   . PRO A 1 4   ? 0.090   21.474  -5.713  1.00 11.99  ? 4   PRO X C   1 
ATOM   24   O O   . PRO A 1 4   ? 0.204   20.323  -5.386  1.00 10.94  ? 4   PRO X O   1 
ATOM   25   C CB  . PRO A 1 4   ? -1.762  22.575  -4.387  1.00 13.16  ? 4   PRO X CB  1 
ATOM   26   C CG  . PRO A 1 4   ? -3.255  22.505  -4.532  1.00 15.11  ? 4   PRO X CG  1 
ATOM   27   C CD  . PRO A 1 4   ? -3.439  21.218  -5.256  1.00 13.97  ? 4   PRO X CD  1 
ATOM   28   N N   . GLN A 1 5   ? 1.132   22.247  -5.974  1.00 10.05  ? 5   GLN X N   1 
ATOM   29   C CA  . GLN A 1 5   ? 2.477   21.720  -5.988  1.00 11.79  ? 5   GLN X CA  1 
ATOM   30   C C   . GLN A 1 5   ? 2.882   21.136  -4.661  1.00 11.82  ? 5   GLN X C   1 
ATOM   31   O O   . GLN A 1 5   ? 3.553   20.104  -4.630  1.00 10.47  ? 5   GLN X O   1 
ATOM   32   C CB  . GLN A 1 5   ? 3.432   22.835  -6.332  1.00 11.66  ? 5   GLN X CB  1 
ATOM   33   C CG  . GLN A 1 5   ? 3.394   23.226  -7.777  1.00 13.72  ? 5   GLN X CG  1 
ATOM   34   C CD  . GLN A 1 5   ? 4.110   22.220  -8.622  1.00 15.18  ? 5   GLN X CD  1 
ATOM   35   O OE1 . GLN A 1 5   ? 3.530   21.221  -9.131  1.00 14.65  ? 5   GLN X OE1 1 
ATOM   36   N NE2 . GLN A 1 5   ? 5.396   22.461  -8.803  1.00 15.20  ? 5   GLN X NE2 1 
ATOM   37   N N   . SER A 1 6   ? 2.435   21.744  -3.564  1.00 11.23  ? 6   SER X N   1 
ATOM   38   C CA  . SER A 1 6   ? 2.798   21.187  -2.237  1.00 13.60  ? 6   SER X CA  1 
ATOM   39   C C   . SER A 1 6   ? 2.368   19.718  -2.099  1.00 15.86  ? 6   SER X C   1 
ATOM   40   O O   . SER A 1 6   ? 3.197   18.825  -1.720  1.00 17.09  ? 6   SER X O   1 
ATOM   41   C CB  . SER A 1 6   ? 2.248   22.040  -1.117  1.00 15.29  ? 6   SER X CB  1 
ATOM   42   O OG  . SER A 1 6   ? 0.869   22.251  -1.214  1.00 16.37  ? 6   SER X OG  1 
ATOM   43   N N   . PHE A 1 7   ? 1.147   19.454  -2.518  1.00 12.17  ? 7   PHE X N   1 
ATOM   44   C CA  . PHE A 1 7   ? 0.653   18.084  -2.536  1.00 12.32  ? 7   PHE X CA  1 
ATOM   45   C C   . PHE A 1 7   ? 1.371   17.217  -3.563  1.00 11.38  ? 7   PHE X C   1 
ATOM   46   O O   . PHE A 1 7   ? 1.803   16.126  -3.244  1.00 12.14  ? 7   PHE X O   1 
ATOM   47   C CB  . PHE A 1 7   ? -0.845  18.064  -2.859  1.00 11.92  ? 7   PHE X CB  1 
ATOM   48   C CG  . PHE A 1 7   ? -1.379  16.654  -3.011  1.00 12.63  ? 7   PHE X CG  1 
ATOM   49   C CD1 . PHE A 1 7   ? -1.558  15.879  -1.895  1.00 12.82  ? 7   PHE X CD1 1 
ATOM   50   C CD2 . PHE A 1 7   ? -1.603  16.101  -4.270  1.00 13.36  ? 7   PHE X CD2 1 
ATOM   51   C CE1 . PHE A 1 7   ? -1.961  14.546  -2.043  1.00 13.63  ? 7   PHE X CE1 1 
ATOM   52   C CE2 . PHE A 1 7   ? -2.049  14.778  -4.408  1.00 13.86  ? 7   PHE X CE2 1 
ATOM   53   C CZ  . PHE A 1 7   ? -2.181  14.023  -3.288  1.00 13.20  ? 7   PHE X CZ  1 
ATOM   54   N N   . LEU A 1 8   ? 1.475   17.692  -4.785  1.00 10.75  ? 8   LEU X N   1 
ATOM   55   C CA  . LEU A 1 8   ? 2.085   16.878  -5.845  1.00 11.11  ? 8   LEU X CA  1 
ATOM   56   C C   . LEU A 1 8   ? 3.479   16.433  -5.527  1.00 11.43  ? 8   LEU X C   1 
ATOM   57   O O   . LEU A 1 8   ? 3.822   15.268  -5.572  1.00 10.75  ? 8   LEU X O   1 
ATOM   58   C CB  . LEU A 1 8   ? 2.048   17.611  -7.160  1.00 12.63  ? 8   LEU X CB  1 
ATOM   59   C CG  . LEU A 1 8   ? 2.690   16.839  -8.334  1.00 14.24  ? 8   LEU X CG  1 
ATOM   60   C CD1 . LEU A 1 8   ? 1.969   15.506  -8.611  1.00 16.72  ? 8   LEU X CD1 1 
ATOM   61   C CD2 . LEU A 1 8   ? 2.738   17.779  -9.551  1.00 16.15  ? 8   LEU X CD2 1 
ATOM   62   N N   . LEU A 1 9   ? 4.356   17.407  -5.234  1.00 10.22  ? 9   LEU X N   1 
ATOM   63   C CA  . LEU A 1 9   ? 5.745   17.074  -4.998  1.00 10.26  ? 9   LEU X CA  1 
ATOM   64   C C   . LEU A 1 9   ? 5.963   16.173  -3.771  1.00 9.26   ? 9   LEU X C   1 
ATOM   65   O O   . LEU A 1 9   ? 6.793   15.277  -3.856  1.00 10.24  ? 9   LEU X O   1 
ATOM   66   C CB  . LEU A 1 9   ? 6.544   18.346  -4.910  1.00 11.04  ? 9   LEU X CB  1 
ATOM   67   C CG  . LEU A 1 9   ? 6.490   19.228  -6.153  1.00 14.52  ? 9   LEU X CG  1 
ATOM   68   C CD1 . LEU A 1 9   ? 7.382   20.463  -5.860  1.00 14.60  ? 9   LEU X CD1 1 
ATOM   69   C CD2 . LEU A 1 9   ? 6.946   18.539  -7.420  1.00 15.13  ? 9   LEU X CD2 1 
ATOM   70   N N   . LYS A 1 10  ? 5.210   16.410  -2.696  1.00 9.87   ? 10  LYS X N   1 
ATOM   71   C CA  . LYS A 1 10  ? 5.301   15.603  -1.484  1.00 10.13  ? 10  LYS X CA  1 
ATOM   72   C C   . LYS A 1 10  ? 4.823   14.184  -1.731  1.00 10.06  ? 10  LYS X C   1 
ATOM   73   O O   . LYS A 1 10  ? 5.450   13.238  -1.331  1.00 9.74   ? 10  LYS X O   1 
ATOM   74   C CB  . LYS A 1 10  ? 4.511   16.212  -0.336  1.00 12.46  ? 10  LYS X CB  1 
ATOM   75   C CG  . LYS A 1 10  ? 4.558   15.378  0.927   1.00 14.98  ? 10  LYS X CG  1 
ATOM   76   C CD  . LYS A 1 10  ? 3.917   16.130  2.101   1.00 21.05  ? 10  LYS X CD  1 
ATOM   77   C CE  . LYS A 1 10  ? 4.429   15.559  3.427   1.00 26.53  ? 10  LYS X CE  1 
ATOM   78   N NZ  . LYS A 1 10  ? 4.026   16.342  4.650   1.00 32.98  ? 10  LYS X NZ  1 
ATOM   79   N N   . SER A 1 11  ? 3.684   14.125  -2.405  1.00 9.58   ? 11  SER X N   1 
ATOM   80   C CA  . SER A 1 11  ? 3.015   12.822  -2.599  1.00 10.20  ? 11  SER X CA  1 
ATOM   81   C C   . SER A 1 11  ? 3.901   11.902  -3.441  1.00 9.62   ? 11  SER X C   1 
ATOM   82   O O   . SER A 1 11  ? 4.089   10.743  -3.124  1.00 8.69   ? 11  SER X O   1 
ATOM   83   C CB  . SER A 1 11  ? 1.591   13.023  -3.149  1.00 10.70  ? 11  SER X CB  1 
ATOM   84   O OG  . SER A 1 11  ? 1.591   13.445  -4.536  1.00 13.97  ? 11  SER X OG  1 
ATOM   85   N N   . LEU A 1 12  ? 4.559   12.429  -4.482  1.00 9.67   ? 12  LEU X N   1 
ATOM   86   C CA  . LEU A 1 12  ? 5.492   11.625  -5.298  1.00 10.48  ? 12  LEU X CA  1 
ATOM   87   C C   . LEU A 1 12  ? 6.686   11.182  -4.513  1.00 10.78  ? 12  LEU X C   1 
ATOM   88   O O   . LEU A 1 12  ? 7.109   10.023  -4.630  1.00 10.28  ? 12  LEU X O   1 
ATOM   89   C CB  . LEU A 1 12  ? 5.885   12.330  -6.628  1.00 11.35  ? 12  LEU X CB  1 
ATOM   90   C CG  . LEU A 1 12  ? 4.712   12.641  -7.516  1.00 12.55  ? 12  LEU X CG  1 
ATOM   91   C CD1 . LEU A 1 12  ? 5.121   13.598  -8.626  1.00 13.84  ? 12  LEU X CD1 1 
ATOM   92   C CD2 . LEU A 1 12  ? 4.004   11.380  -8.063  1.00 11.96  ? 12  LEU X CD2 1 
ATOM   93   N N   . GLU A 1 13  ? 7.243   12.077  -3.714  1.00 11.33  ? 13  GLU X N   1 
ATOM   94   C CA  . GLU A 1 13  ? 8.401   11.717  -2.903  1.00 12.07  ? 13  GLU X CA  1 
ATOM   95   C C   . GLU A 1 13  ? 7.992   10.628  -1.856  1.00 11.16  ? 13  GLU X C   1 
ATOM   96   O O   . GLU A 1 13  ? 8.759   9.750   -1.553  1.00 11.62  ? 13  GLU X O   1 
ATOM   97   C CB  . GLU A 1 13  ? 9.030   12.978  -2.271  1.00 15.03  ? 13  GLU X CB  1 
ATOM   98   C CG  . GLU A 1 13  ? 10.309  12.690  -1.525  1.00 19.28  ? 13  GLU X CG  1 
ATOM   99   C CD  . GLU A 1 13  ? 11.408  12.096  -2.449  1.00 26.01  ? 13  GLU X CD  1 
ATOM   100  O OE1 . GLU A 1 13  ? 11.321  12.236  -3.701  1.00 31.15  ? 13  GLU X OE1 1 
ATOM   101  O OE2 . GLU A 1 13  ? 12.354  11.427  -1.915  1.00 31.26  ? 13  GLU X OE2 1 
ATOM   102  N N   . GLN A 1 14  ? 6.801   10.724  -1.294  1.00 9.76   ? 14  GLN X N   1 
ATOM   103  C CA  . GLN A 1 14  ? 6.281   9.726   -0.370  1.00 9.40   ? 14  GLN X CA  1 
ATOM   104  C C   . GLN A 1 14  ? 6.130   8.366   -1.013  1.00 9.05   ? 14  GLN X C   1 
ATOM   105  O O   . GLN A 1 14  ? 6.477   7.353   -0.397  1.00 11.02  ? 14  GLN X O   1 
ATOM   106  C CB  . GLN A 1 14  ? 4.959   10.151  0.213   1.00 10.20  ? 14  GLN X CB  1 
ATOM   107  C CG  . GLN A 1 14  ? 5.146   11.224  1.293   1.00 11.72  ? 14  GLN X CG  1 
ATOM   108  C CD  . GLN A 1 14  ? 3.847   11.761  1.819   1.00 13.22  ? 14  GLN X CD  1 
ATOM   109  O OE1 . GLN A 1 14  ? 2.870   11.954  1.087   1.00 16.24  ? 14  GLN X OE1 1 
ATOM   110  N NE2 . GLN A 1 14  ? 3.854   12.091  3.082   1.00 18.67  ? 14  GLN X NE2 1 
ATOM   111  N N   . VAL A 1 15  ? 5.622   8.317   -2.246  1.00 8.57   ? 15  VAL X N   1 
ATOM   112  C CA  . VAL A 1 15  ? 5.583   7.073   -2.983  1.00 7.71   ? 15  VAL X CA  1 
ATOM   113  C C   . VAL A 1 15  ? 6.972   6.465   -3.163  1.00 8.51   ? 15  VAL X C   1 
ATOM   114  O O   . VAL A 1 15  ? 7.165   5.287   -2.873  1.00 8.44   ? 15  VAL X O   1 
ATOM   115  C CB  . VAL A 1 15  ? 4.785   7.208   -4.315  1.00 7.69   ? 15  VAL X CB  1 
ATOM   116  C CG1 . VAL A 1 15  ? 4.925   5.878   -5.109  1.00 7.94   ? 15  VAL X CG1 1 
ATOM   117  C CG2 . VAL A 1 15  ? 3.307   7.561   -4.003  1.00 8.32   ? 15  VAL X CG2 1 
ATOM   118  N N   . ARG A 1 16  ? 7.949   7.248   -3.639  1.00 9.44   ? 16  ARG X N   1 
ATOM   119  C CA  . ARG A 1 16  ? 9.277   6.734   -3.834  1.00 10.64  ? 16  ARG X CA  1 
ATOM   120  C C   . ARG A 1 16  ? 9.850   6.201   -2.518  1.00 9.67   ? 16  ARG X C   1 
ATOM   121  O O   . ARG A 1 16  ? 10.556  5.198   -2.502  1.00 9.92   ? 16  ARG X O   1 
ATOM   122  C CB  . ARG A 1 16  ? 10.177  7.845   -4.369  1.00 11.71  ? 16  ARG X CB  1 
ATOM   123  C CG  . ARG A 1 16  ? 9.820   8.323   -5.784  1.00 14.87  ? 16  ARG X CG  1 
ATOM   124  C CD  . ARG A 1 16  ? 10.527  9.642   -6.190  1.00 20.53  ? 16  ARG X CD  1 
ATOM   125  N NE  . ARG A 1 16  ? 11.871  9.614   -5.630  1.00 25.57  ? 16  ARG X NE  1 
ATOM   126  C CZ  . ARG A 1 16  ? 12.878  8.866   -6.091  1.00 32.33  ? 16  ARG X CZ  1 
ATOM   127  N NH1 . ARG A 1 16  ? 12.723  8.010   -7.121  1.00 38.43  ? 16  ARG X NH1 1 
ATOM   128  N NH2 . ARG A 1 16  ? 14.076  8.955   -5.494  1.00 36.66  ? 16  ARG X NH2 1 
ATOM   129  N N   . LYS A 1 17  ? 9.543   6.850   -1.370  1.00 9.66   ? 17  LYS X N   1 
ATOM   130  C CA  . LYS A 1 17  ? 10.092  6.334   -0.133  1.00 10.89  ? 17  LYS X CA  1 
ATOM   131  C C   . LYS A 1 17  ? 9.513   4.963   0.203   1.00 10.02  ? 17  LYS X C   1 
ATOM   132  O O   . LYS A 1 17  ? 10.226  4.060   0.578   1.00 10.76  ? 17  LYS X O   1 
ATOM   133  C CB  . LYS A 1 17  ? 9.854   7.320   1.037   1.00 12.65  ? 17  LYS X CB  1 
ATOM   134  C CG  . LYS A 1 17  ? 10.455  6.968   2.379   1.00 17.46  ? 17  LYS X CG  1 
ATOM   135  C CD  . LYS A 1 17  ? 11.998  6.993   2.471   1.00 23.52  ? 17  LYS X CD  1 
ATOM   136  C CE  . LYS A 1 17  ? 12.565  6.157   3.653   1.00 26.58  ? 17  LYS X CE  1 
ATOM   137  N NZ  . LYS A 1 17  ? 11.777  6.454   4.891   1.00 28.34  ? 17  LYS X NZ  1 
ATOM   138  N N   . ILE A 1 18  ? 8.221   4.841   0.082   1.00 8.93   ? 18  ILE X N   1 
ATOM   139  C CA  . ILE A 1 18  ? 7.588   3.526   0.295   1.00 8.18   ? 18  ILE X CA  1 
ATOM   140  C C   . ILE A 1 18  ? 8.103   2.471   -0.688  1.00 7.71   ? 18  ILE X C   1 
ATOM   141  O O   . ILE A 1 18  ? 8.302   1.267   -0.327  1.00 7.63   ? 18  ILE X O   1 
ATOM   142  C CB  . ILE A 1 18  ? 6.070   3.611   0.143   1.00 9.02   ? 18  ILE X CB  1 
ATOM   143  C CG1 . ILE A 1 18  ? 5.463   4.636   1.098   1.00 8.72   ? 18  ILE X CG1 1 
ATOM   144  C CG2 . ILE A 1 18  ? 5.429   2.291   0.472   1.00 8.06   ? 18  ILE X CG2 1 
ATOM   145  C CD1 . ILE A 1 18  ? 4.074   5.102   0.661   1.00 9.40   ? 18  ILE X CD1 1 
ATOM   146  N N   . GLN A 1 19  ? 8.384   2.866   -1.953  1.00 7.53   ? 19  GLN X N   1 
ATOM   147  C CA  . GLN A 1 19  ? 8.865   1.850   -2.935  1.00 8.52   ? 19  GLN X CA  1 
ATOM   148  C C   . GLN A 1 19  ? 10.257  1.322   -2.480  1.00 9.10   ? 19  GLN X C   1 
ATOM   149  O O   . GLN A 1 19  ? 10.601  0.150   -2.591  1.00 9.17   ? 19  GLN X O   1 
ATOM   150  C CB  . GLN A 1 19  ? 8.979   2.474   -4.287  1.00 8.34   ? 19  GLN X CB  1 
ATOM   151  C CG  . GLN A 1 19  ? 7.665   2.766   -4.971  1.00 9.00   ? 19  GLN X CG  1 
ATOM   152  C CD  . GLN A 1 19  ? 7.789   3.529   -6.306  1.00 10.03  ? 19  GLN X CD  1 
ATOM   153  O OE1 . GLN A 1 19  ? 8.367   4.613   -6.387  1.00 11.52  ? 19  GLN X OE1 1 
ATOM   154  N NE2 . GLN A 1 19  ? 7.152   2.994   -7.323  1.00 11.32  ? 19  GLN X NE2 1 
ATOM   155  N N   . GLY A 1 20  ? 11.115  2.261   -2.023  1.00 10.30  ? 20  GLY X N   1 
ATOM   156  C CA  . GLY A 1 20  ? 12.425  1.891   -1.559  1.00 10.95  ? 20  GLY X CA  1 
ATOM   157  C C   . GLY A 1 20  ? 12.340  1.002   -0.301  1.00 11.68  ? 20  GLY X C   1 
ATOM   158  O O   . GLY A 1 20  ? 13.031  -0.030  -0.194  1.00 10.89  ? 20  GLY X O   1 
ATOM   159  N N   . ASP A 1 21  ? 11.466  1.361   0.647   1.00 11.95  ? 21  ASP X N   1 
ATOM   160  C CA  . ASP A 1 21  ? 11.201  0.536   1.848   1.00 12.73  ? 21  ASP X CA  1 
ATOM   161  C C   . ASP A 1 21  ? 10.748  -0.929  1.469   1.00 11.69  ? 21  ASP X C   1 
ATOM   162  O O   . ASP A 1 21  ? 11.196  -1.927  2.019   1.00 10.17  ? 21  ASP X O   1 
ATOM   163  C CB  . ASP A 1 21  ? 10.031  1.101   2.701   1.00 13.41  ? 21  ASP X CB  1 
ATOM   164  C CG  . ASP A 1 21  ? 10.274  2.459   3.316   1.00 13.68  ? 21  ASP X CG  1 
ATOM   165  O OD1 . ASP A 1 21  ? 11.479  2.958   3.468   1.00 14.28  ? 21  ASP X OD1 1 
ATOM   166  O OD2 . ASP A 1 21  ? 9.197   3.082   3.747   1.00 13.33  ? 21  ASP X OD2 1 
ATOM   167  N N   . GLY A 1 22  ? 9.790   -0.982  0.569   1.00 11.12  ? 22  GLY X N   1 
ATOM   168  C CA  . GLY A 1 22  ? 9.264   -2.186  0.035   1.00 10.47  ? 22  GLY X CA  1 
ATOM   169  C C   . GLY A 1 22  ? 10.366  -3.017  -0.661  1.00 9.96   ? 22  GLY X C   1 
ATOM   170  O O   . GLY A 1 22  ? 10.474  -4.217  -0.425  1.00 8.91   ? 22  GLY X O   1 
ATOM   171  N N   . ALA A 1 23  ? 11.220  -2.398  -1.464  1.00 9.35   ? 23  ALA X N   1 
ATOM   172  C CA  . ALA A 1 23  ? 12.323  -3.117  -2.073  1.00 9.14   ? 23  ALA X CA  1 
ATOM   173  C C   . ALA A 1 23  ? 13.250  -3.679  -1.048  1.00 9.33   ? 23  ALA X C   1 
ATOM   174  O O   . ALA A 1 23  ? 13.808  -4.775  -1.293  1.00 8.72   ? 23  ALA X O   1 
ATOM   175  C CB  . ALA A 1 23  ? 13.081  -2.238  -3.061  1.00 9.98   ? 23  ALA X CB  1 
ATOM   176  N N   . ALA A 1 24  ? 13.531  -2.932  0.027   1.00 9.51   ? 24  ALA X N   1 
ATOM   177  C CA  . ALA A 1 24  ? 14.352  -3.473  1.082   1.00 10.32  ? 24  ALA X CA  1 
ATOM   178  C C   . ALA A 1 24  ? 13.739  -4.728  1.684   1.00 10.77  ? 24  ALA X C   1 
ATOM   179  O O   . ALA A 1 24  ? 14.444  -5.723  1.928   1.00 11.50  ? 24  ALA X O   1 
ATOM   180  C CB  . ALA A 1 24  ? 14.631  -2.436  2.154   1.00 12.16  ? 24  ALA X CB  1 
ATOM   181  N N   . LEU A 1 25  ? 12.438  -4.689  1.938   1.00 11.24  ? 25  LEU X N   1 
ATOM   182  C CA  . LEU A 1 25  ? 11.721  -5.837  2.462   1.00 10.60  ? 25  LEU X CA  1 
ATOM   183  C C   . LEU A 1 25  ? 11.835  -7.029  1.553   1.00 10.14  ? 25  LEU X C   1 
ATOM   184  O O   . LEU A 1 25  ? 12.117  -8.120  1.979   1.00 9.96   ? 25  LEU X O   1 
ATOM   185  C CB  . LEU A 1 25  ? 10.277  -5.496  2.831   1.00 11.83  ? 25  LEU X CB  1 
ATOM   186  C CG  . LEU A 1 25  ? 9.392   -6.601  3.390   1.00 13.66  ? 25  LEU X CG  1 
ATOM   187  C CD1 . LEU A 1 25  ? 9.988   -7.089  4.719   1.00 14.90  ? 25  LEU X CD1 1 
ATOM   188  C CD2 . LEU A 1 25  ? 7.954   -6.162  3.501   1.00 15.58  ? 25  LEU X CD2 1 
ATOM   189  N N   . GLN A 1 26  ? 11.592  -6.798  0.271   1.00 9.62   ? 26  GLN X N   1 
ATOM   190  C CA  . GLN A 1 26  ? 11.671  -7.864  -0.678  1.00 9.26   ? 26  GLN X CA  1 
ATOM   191  C C   . GLN A 1 26  ? 13.031  -8.524  -0.739  1.00 10.48  ? 26  GLN X C   1 
ATOM   192  O O   . GLN A 1 26  ? 13.177  -9.738  -0.888  1.00 9.67   ? 26  GLN X O   1 
ATOM   193  C CB  . GLN A 1 26  ? 11.238  -7.369  -2.039  1.00 9.24   ? 26  GLN X CB  1 
ATOM   194  C CG  . GLN A 1 26  ? 9.787   -6.987  -2.147  1.00 9.34   ? 26  GLN X CG  1 
ATOM   195  C CD  . GLN A 1 26  ? 9.429   -6.257  -3.408  1.00 9.69   ? 26  GLN X CD  1 
ATOM   196  O OE1 . GLN A 1 26  ? 9.908   -5.122  -3.680  1.00 10.66  ? 26  GLN X OE1 1 
ATOM   197  N NE2 . GLN A 1 26  ? 8.570   -6.867  -4.194  1.00 9.42   ? 26  GLN X NE2 1 
ATOM   198  N N   . GLU A 1 27  ? 14.034  -7.689  -0.734  1.00 9.36   ? 27  GLU X N   1 
ATOM   199  C CA  . GLU A 1 27  ? 15.418  -8.160  -0.785  1.00 12.25  ? 27  GLU X CA  1 
ATOM   200  C C   . GLU A 1 27  ? 15.734  -8.992  0.485   1.00 13.10  ? 27  GLU X C   1 
ATOM   201  O O   . GLU A 1 27  ? 16.354  -10.063 0.392   1.00 12.81  ? 27  GLU X O   1 
ATOM   202  C CB  . GLU A 1 27  ? 16.326  -6.962  -0.951  1.00 15.93  ? 27  GLU X CB  1 
ATOM   203  C CG  . GLU A 1 27  ? 17.815  -7.268  -0.968  1.00 20.17  ? 27  GLU X CG  1 
ATOM   204  C CD  . GLU A 1 27  ? 18.247  -8.059  -2.149  1.00 26.38  ? 27  GLU X CD  1 
ATOM   205  O OE1 . GLU A 1 27  ? 17.818  -7.735  -3.294  1.00 33.05  ? 27  GLU X OE1 1 
ATOM   206  O OE2 . GLU A 1 27  ? 19.071  -8.981  -1.938  1.00 40.13  ? 27  GLU X OE2 1 
ATOM   207  N N   . LYS A 1 28  ? 15.319  -8.523  1.639   1.00 12.95  ? 28  LYS X N   1 
ATOM   208  C CA  . LYS A 1 28  ? 15.562  -9.298  2.873   1.00 15.05  ? 28  LYS X CA  1 
ATOM   209  C C   . LYS A 1 28  ? 14.809  -10.609 2.932   1.00 14.74  ? 28  LYS X C   1 
ATOM   210  O O   . LYS A 1 28  ? 15.288  -11.630 3.434   1.00 13.83  ? 28  LYS X O   1 
ATOM   211  C CB  . LYS A 1 28  ? 15.233  -8.464  4.067   1.00 15.78  ? 28  LYS X CB  1 
ATOM   212  C CG  . LYS A 1 28  ? 16.147  -7.297  4.253   1.00 21.20  ? 28  LYS X CG  1 
ATOM   213  C CD  . LYS A 1 28  ? 15.730  -6.625  5.565   1.00 23.58  ? 28  LYS X CD  1 
ATOM   214  C CE  . LYS A 1 28  ? 16.779  -5.614  5.974   1.00 30.35  ? 28  LYS X CE  1 
ATOM   215  N NZ  . LYS A 1 28  ? 17.017  -4.580  4.934   1.00 37.13  ? 28  LYS X NZ  1 
ATOM   216  N N   . LEU A 1 29  ? 13.575  -10.615 2.474   1.00 12.76  ? 29  LEU X N   1 
ATOM   217  C CA  . LEU A 1 29  ? 12.828  -11.896 2.382   1.00 12.65  ? 29  LEU X CA  1 
ATOM   218  C C   . LEU A 1 29  ? 13.526  -12.905 1.471   1.00 12.66  ? 29  LEU X C   1 
ATOM   219  O O   . LEU A 1 29  ? 13.590  -14.079 1.769   1.00 10.91  ? 29  LEU X O   1 
ATOM   220  C CB  . LEU A 1 29  ? 11.357  -11.664 2.015   1.00 12.22  ? 29  LEU X CB  1 
ATOM   221  C CG  . LEU A 1 29  ? 10.467  -10.982 3.059   1.00 12.21  ? 29  LEU X CG  1 
ATOM   222  C CD1 . LEU A 1 29  ? 9.249   -10.432 2.404   1.00 12.25  ? 29  LEU X CD1 1 
ATOM   223  C CD2 . LEU A 1 29  ? 10.076  -12.013 4.091   1.00 14.42  ? 29  LEU X CD2 1 
ATOM   224  N N   . CYS A 1 30  ? 14.034  -12.437 0.336   1.00 10.67  ? 30  CYS X N   1 
ATOM   225  C CA  . CYS A 1 30  ? 14.749  -13.292 -0.605  1.00 11.59  ? 30  CYS X CA  1 
ATOM   226  C C   . CYS A 1 30  ? 16.075  -13.773 -0.008  1.00 12.72  ? 30  CYS X C   1 
ATOM   227  O O   . CYS A 1 30  ? 16.339  -14.982 -0.059  1.00 12.86  ? 30  CYS X O   1 
ATOM   228  C CB  . CYS A 1 30  ? 14.996  -12.523 -1.884  1.00 11.49  ? 30  CYS X CB  1 
ATOM   229  S SG  . CYS A 1 30  ? 15.883  -13.453 -3.139  1.00 14.58  ? 30  CYS X SG  1 
ATOM   230  N N   . ALA A 1 31  ? 16.828  -12.873 0.616   1.00 15.96  ? 31  ALA X N   1 
ATOM   231  C CA  . ALA A 1 31  ? 18.175  -13.231 1.142   1.00 17.48  ? 31  ALA X CA  1 
ATOM   232  C C   . ALA A 1 31  ? 18.079  -14.090 2.386   1.00 18.10  ? 31  ALA X C   1 
ATOM   233  O O   . ALA A 1 31  ? 18.875  -15.038 2.554   1.00 22.51  ? 31  ALA X O   1 
ATOM   234  C CB  . ALA A 1 31  ? 19.065  -12.004 1.336   1.00 19.20  ? 31  ALA X CB  1 
ATOM   235  N N   . THR A 1 32  ? 17.123  -13.822 3.247   1.00 18.28  ? 32  THR X N   1 
ATOM   236  C CA  . THR A 1 32  ? 16.992  -14.600 4.481   1.00 18.16  ? 32  THR X CA  1 
ATOM   237  C C   . THR A 1 32  ? 16.275  -15.943 4.298   1.00 18.19  ? 32  THR X C   1 
ATOM   238  O O   . THR A 1 32  ? 16.677  -16.963 4.895   1.00 20.18  ? 32  THR X O   1 
ATOM   239  C CB  . THR A 1 32  ? 16.195  -13.776 5.503   1.00 20.99  ? 32  THR X CB  1 
ATOM   240  O OG1 . THR A 1 32  ? 16.740  -12.475 5.565   1.00 21.50  ? 32  THR X OG1 1 
ATOM   241  C CG2 . THR A 1 32  ? 16.215  -14.396 6.892   1.00 20.89  ? 32  THR X CG2 1 
ATOM   242  N N   . TYR A 1 33  ? 15.164  -15.960 3.557   1.00 14.59  ? 33  TYR X N   1 
ATOM   243  C CA  . TYR A 1 33  ? 14.301  -17.104 3.504   1.00 13.91  ? 33  TYR X CA  1 
ATOM   244  C C   . TYR A 1 33  ? 14.194  -17.773 2.145   1.00 14.02  ? 33  TYR X C   1 
ATOM   245  O O   . TYR A 1 33  ? 13.476  -18.722 2.013   1.00 14.90  ? 33  TYR X O   1 
ATOM   246  C CB  . TYR A 1 33  ? 12.917  -16.756 3.984   1.00 14.23  ? 33  TYR X CB  1 
ATOM   247  C CG  . TYR A 1 33  ? 12.924  -16.164 5.377   1.00 16.71  ? 33  TYR X CG  1 
ATOM   248  C CD1 . TYR A 1 33  ? 13.287  -16.937 6.467   1.00 20.49  ? 33  TYR X CD1 1 
ATOM   249  C CD2 . TYR A 1 33  ? 12.524  -14.838 5.601   1.00 18.36  ? 33  TYR X CD2 1 
ATOM   250  C CE1 . TYR A 1 33  ? 13.294  -16.390 7.750   1.00 21.55  ? 33  TYR X CE1 1 
ATOM   251  C CE2 . TYR A 1 33  ? 12.505  -14.297 6.889   1.00 20.99  ? 33  TYR X CE2 1 
ATOM   252  C CZ  . TYR A 1 33  ? 12.919  -15.060 7.937   1.00 22.63  ? 33  TYR X CZ  1 
ATOM   253  O OH  . TYR A 1 33  ? 12.929  -14.481 9.198   1.00 25.78  ? 33  TYR X OH  1 
ATOM   254  N N   . LYS A 1 34  ? 14.891  -17.241 1.123   1.00 13.42  ? 34  LYS X N   1 
ATOM   255  C CA  . LYS A 1 34  ? 14.817  -17.777 -0.228  1.00 13.05  ? 34  LYS X CA  1 
ATOM   256  C C   . LYS A 1 34  ? 13.405  -17.725 -0.811  1.00 11.76  ? 34  LYS X C   1 
ATOM   257  O O   . LYS A 1 34  ? 13.045  -18.514 -1.648  1.00 14.75  ? 34  LYS X O   1 
ATOM   258  C CB  . LYS A 1 34  ? 15.416  -19.198 -0.341  1.00 13.78  ? 34  LYS X CB  1 
ATOM   259  C CG  . LYS A 1 34  ? 16.818  -19.288 0.197   1.00 13.21  ? 34  LYS X CG  1 
ATOM   260  C CD  . LYS A 1 34  ? 17.387  -20.670 -0.026  1.00 12.50  ? 34  LYS X CD  1 
ATOM   261  C CE  . LYS A 1 34  ? 18.652  -20.816 0.758   1.00 12.66  ? 34  LYS X CE  1 
ATOM   262  N NZ  . LYS A 1 34  ? 18.977  -22.264 0.701   1.00 13.30  ? 34  LYS X NZ  1 
ATOM   263  N N   . LEU A 1 35  ? 12.607  -16.721 -0.389  1.00 10.42  ? 35  LEU X N   1 
ATOM   264  C CA  . LEU A 1 35  ? 11.333  -16.437 -0.959  1.00 10.53  ? 35  LEU X CA  1 
ATOM   265  C C   . LEU A 1 35  ? 11.494  -15.167 -1.824  1.00 10.93  ? 35  LEU X C   1 
ATOM   266  O O   . LEU A 1 35  ? 11.589  -14.021 -1.284  1.00 10.68  ? 35  LEU X O   1 
ATOM   267  C CB  . LEU A 1 35  ? 10.333  -16.228 0.175   1.00 12.07  ? 35  LEU X CB  1 
ATOM   268  C CG  . LEU A 1 35  ? 10.127  -17.527 0.972   1.00 13.54  ? 35  LEU X CG  1 
ATOM   269  C CD1 . LEU A 1 35  ? 9.379   -17.124 2.235   1.00 13.62  ? 35  LEU X CD1 1 
ATOM   270  C CD2 . LEU A 1 35  ? 9.354   -18.562 0.140   1.00 15.87  ? 35  LEU X CD2 1 
ATOM   271  N N   . CYS A 1 36  ? 11.705  -15.430 -3.136  1.00 11.35  ? 36  CYS X N   1 
ATOM   272  C CA  . CYS A 1 36  ? 12.204  -14.441 -4.110  1.00 12.07  ? 36  CYS X CA  1 
ATOM   273  C C   . CYS A 1 36  ? 11.245  -14.200 -5.264  1.00 12.56  ? 36  CYS X C   1 
ATOM   274  O O   . CYS A 1 36  ? 11.495  -13.342 -6.144  1.00 13.49  ? 36  CYS X O   1 
ATOM   275  C CB  . CYS A 1 36  ? 13.551  -14.960 -4.697  1.00 12.84  ? 36  CYS X CB  1 
ATOM   276  S SG  . CYS A 1 36  ? 14.791  -15.193 -3.399  1.00 13.04  ? 36  CYS X SG  1 
ATOM   277  N N   . HIS A 1 37  ? 10.180  -15.002 -5.319  1.00 13.41  ? 37  HIS X N   1 
ATOM   278  C CA  . HIS A 1 37  ? 9.308   -15.092 -6.473  1.00 15.92  ? 37  HIS X CA  1 
ATOM   279  C C   . HIS A 1 37  ? 7.811   -15.144 -6.113  1.00 12.06  ? 37  HIS X C   1 
ATOM   280  O O   . HIS A 1 37  ? 7.280   -16.164 -5.834  1.00 12.58  ? 37  HIS X O   1 
ATOM   281  C CB  . HIS A 1 37  ? 9.729   -16.292 -7.289  1.00 17.03  ? 37  HIS X CB  1 
ATOM   282  C CG  . HIS A 1 37  ? 11.091  -16.121 -7.893  1.00 21.04  ? 37  HIS X CG  1 
ATOM   283  N ND1 . HIS A 1 37  ? 11.369  -15.116 -8.791  1.00 25.40  ? 37  HIS X ND1 1 
ATOM   284  C CD2 . HIS A 1 37  ? 12.236  -16.815 -7.729  1.00 20.34  ? 37  HIS X CD2 1 
ATOM   285  C CE1 . HIS A 1 37  ? 12.637  -15.224 -9.174  1.00 26.39  ? 37  HIS X CE1 1 
ATOM   286  N NE2 . HIS A 1 37  ? 13.181  -16.236 -8.519  1.00 22.40  ? 37  HIS X NE2 1 
ATOM   287  N N   . PRO A 1 38  ? 7.121   -14.010 -6.121  1.00 12.31  ? 38  PRO X N   1 
ATOM   288  C CA  . PRO A 1 38  ? 5.691   -14.007 -5.823  1.00 11.84  ? 38  PRO X CA  1 
ATOM   289  C C   . PRO A 1 38  ? 4.925   -14.985 -6.672  1.00 11.92  ? 38  PRO X C   1 
ATOM   290  O O   . PRO A 1 38  ? 3.918   -15.548 -6.234  1.00 11.71  ? 38  PRO X O   1 
ATOM   291  C CB  . PRO A 1 38  ? 5.228   -12.540 -6.166  1.00 12.33  ? 38  PRO X CB  1 
ATOM   292  C CG  . PRO A 1 38  ? 6.472   -11.815 -6.411  1.00 13.76  ? 38  PRO X CG  1 
ATOM   293  C CD  . PRO A 1 38  ? 7.662   -12.672 -6.404  1.00 13.17  ? 38  PRO X CD  1 
ATOM   294  N N   . GLU A 1 39  ? 5.355   -15.081 -7.954  1.00 12.07  ? 39  GLU X N   1 
ATOM   295  C CA  . GLU A 1 39  ? 4.747   -15.994 -8.867  1.00 12.95  ? 39  GLU X CA  1 
ATOM   296  C C   . GLU A 1 39  ? 4.897   -17.479 -8.508  1.00 15.16  ? 39  GLU X C   1 
ATOM   297  O O   . GLU A 1 39  ? 4.179   -18.257 -9.072  1.00 20.16  ? 39  GLU X O   1 
ATOM   298  C CB  . GLU A 1 39  ? 5.245   -15.712 -10.299 1.00 12.69  ? 39  GLU X CB  1 
ATOM   299  C CG  . GLU A 1 39  ? 6.662   -16.142 -10.527 1.00 12.29  ? 39  GLU X CG  1 
ATOM   300  C CD  . GLU A 1 39  ? 7.705   -15.101 -10.245 1.00 14.94  ? 39  GLU X CD  1 
ATOM   301  O OE1 . GLU A 1 39  ? 7.580   -14.245 -9.350  1.00 15.45  ? 39  GLU X OE1 1 
ATOM   302  O OE2 . GLU A 1 39  ? 8.737   -15.107 -10.953 1.00 17.38  ? 39  GLU X OE2 1 
ATOM   303  N N   . GLU A 1 40  ? 5.803   -17.864 -7.590  1.00 15.97  ? 40  GLU X N   1 
ATOM   304  C CA  . GLU A 1 40  ? 5.897   -19.225 -7.051  1.00 18.72  ? 40  GLU X CA  1 
ATOM   305  C C   . GLU A 1 40  ? 4.981   -19.461 -5.814  1.00 18.47  ? 40  GLU X C   1 
ATOM   306  O O   . GLU A 1 40  ? 5.052   -20.559 -5.214  1.00 18.92  ? 40  GLU X O   1 
ATOM   307  C CB  . GLU A 1 40  ? 7.352   -19.550 -6.639  1.00 21.78  ? 40  GLU X CB  1 
ATOM   308  C CG  . GLU A 1 40  ? 8.340   -19.827 -7.761  1.00 27.94  ? 40  GLU X CG  1 
ATOM   309  C CD  . GLU A 1 40  ? 9.778   -19.807 -7.247  1.00 30.38  ? 40  GLU X CD  1 
ATOM   310  O OE1 . GLU A 1 40  ? 10.016  -19.448 -6.047  1.00 38.61  ? 40  GLU X OE1 1 
ATOM   311  O OE2 . GLU A 1 40  ? 10.712  -20.059 -8.018  1.00 40.40  ? 40  GLU X OE2 1 
ATOM   312  N N   . LEU A 1 41  ? 4.191   -18.451 -5.442  1.00 14.20  ? 41  LEU X N   1 
ATOM   313  C CA  . LEU A 1 41  ? 3.345   -18.512 -4.240  1.00 13.01  ? 41  LEU X CA  1 
ATOM   314  C C   . LEU A 1 41  ? 1.900   -18.356 -4.597  1.00 14.81  ? 41  LEU X C   1 
ATOM   315  O O   . LEU A 1 41  ? 1.024   -17.958 -3.790  1.00 13.38  ? 41  LEU X O   1 
ATOM   316  C CB  . LEU A 1 41  ? 3.796   -17.398 -3.289  1.00 13.13  ? 41  LEU X CB  1 
ATOM   317  C CG  . LEU A 1 41  ? 5.229   -17.442 -2.884  1.00 11.94  ? 41  LEU X CG  1 
ATOM   318  C CD1 . LEU A 1 41  ? 5.552   -16.174 -2.056  1.00 12.44  ? 41  LEU X CD1 1 
ATOM   319  C CD2 . LEU A 1 41  ? 5.511   -18.641 -2.026  1.00 12.83  ? 41  LEU X CD2 1 
ATOM   320  N N   . VAL A 1 42  ? 1.568   -18.757 -5.831  1.00 14.71  ? 42  VAL X N   1 
ATOM   321  C CA  . VAL A 1 42  ? 0.193   -18.760 -6.257  1.00 13.43  ? 42  VAL X CA  1 
ATOM   322  C C   . VAL A 1 42  ? -0.739  -19.630 -5.421  1.00 15.28  ? 42  VAL X C   1 
ATOM   323  O O   . VAL A 1 42  ? -1.798  -19.196 -5.132  1.00 13.95  ? 42  VAL X O   1 
ATOM   324  C CB  . VAL A 1 42  ? 0.041   -19.222 -7.750  1.00 14.65  ? 42  VAL X CB  1 
ATOM   325  C CG1 . VAL A 1 42  ? -1.356  -19.425 -8.134  1.00 15.23  ? 42  VAL X CG1 1 
ATOM   326  C CG2 . VAL A 1 42  ? 0.577   -18.117 -8.636  1.00 14.81  ? 42  VAL X CG2 1 
ATOM   327  N N   . LEU A 1 43  ? -0.315  -20.810 -5.050  1.00 16.61  ? 43  LEU X N   1 
ATOM   328  C CA  . LEU A 1 43  ? -1.263  -21.708 -4.355  1.00 18.63  ? 43  LEU X CA  1 
ATOM   329  C C   . LEU A 1 43  ? -1.476  -21.195 -2.896  1.00 17.55  ? 43  LEU X C   1 
ATOM   330  O O   . LEU A 1 43  ? -2.614  -21.242 -2.376  1.00 19.23  ? 43  LEU X O   1 
ATOM   331  C CB  . LEU A 1 43  ? -0.739  -23.133 -4.421  1.00 22.00  ? 43  LEU X CB  1 
ATOM   332  C CG  . LEU A 1 43  ? -0.547  -23.615 -5.911  1.00 25.91  ? 43  LEU X CG  1 
ATOM   333  C CD1 . LEU A 1 43  ? 0.379   -24.808 -6.089  1.00 28.97  ? 43  LEU X CD1 1 
ATOM   334  C CD2 . LEU A 1 43  ? -1.850  -23.798 -6.635  1.00 29.33  ? 43  LEU X CD2 1 
ATOM   335  N N   . LEU A 1 44  ? -0.412  -20.650 -2.317  1.00 17.54  ? 44  LEU X N   1 
ATOM   336  C CA  . LEU A 1 44  ? -0.501  -19.988 -0.984  1.00 18.29  ? 44  LEU X CA  1 
ATOM   337  C C   . LEU A 1 44  ? -1.391  -18.783 -1.059  1.00 17.53  ? 44  LEU X C   1 
ATOM   338  O O   . LEU A 1 44  ? -2.310  -18.595 -0.244  1.00 17.27  ? 44  LEU X O   1 
ATOM   339  C CB  . LEU A 1 44  ? 0.879   -19.615 -0.409  1.00 20.86  ? 44  LEU X CB  1 
ATOM   340  C CG  . LEU A 1 44  ? 0.768   -18.639 0.798   1.00 21.94  ? 44  LEU X CG  1 
ATOM   341  C CD1 . LEU A 1 44  ? 0.269   -19.414 1.993   1.00 23.73  ? 44  LEU X CD1 1 
ATOM   342  C CD2 . LEU A 1 44  ? 2.104   -17.985 1.114   1.00 21.47  ? 44  LEU X CD2 1 
ATOM   343  N N   . GLY A 1 45  ? -1.198  -17.941 -2.070  1.00 16.79  ? 45  GLY X N   1 
ATOM   344  C CA  . GLY A 1 45  ? -2.077  -16.796 -2.240  1.00 16.74  ? 45  GLY X CA  1 
ATOM   345  C C   . GLY A 1 45  ? -3.530  -17.208 -2.359  1.00 18.87  ? 45  GLY X C   1 
ATOM   346  O O   . GLY A 1 45  ? -4.401  -16.553 -1.845  1.00 18.06  ? 45  GLY X O   1 
ATOM   347  N N   . HIS A 1 46  ? -3.811  -18.320 -3.056  1.00 18.30  ? 46  HIS X N   1 
ATOM   348  C CA  . HIS A 1 46  ? -5.192  -18.837 -3.193  1.00 19.42  ? 46  HIS X CA  1 
ATOM   349  C C   . HIS A 1 46  ? -5.782  -19.152 -1.813  1.00 18.72  ? 46  HIS X C   1 
ATOM   350  O O   . HIS A 1 46  ? -6.929  -18.795 -1.549  1.00 19.61  ? 46  HIS X O   1 
ATOM   351  C CB  . HIS A 1 46  ? -5.150  -20.103 -4.086  1.00 20.51  ? 46  HIS X CB  1 
ATOM   352  C CG  . HIS A 1 46  ? -6.482  -20.783 -4.293  1.00 22.05  ? 46  HIS X CG  1 
ATOM   353  N ND1 . HIS A 1 46  ? -7.561  -20.158 -4.878  1.00 22.57  ? 46  HIS X ND1 1 
ATOM   354  C CD2 . HIS A 1 46  ? -6.890  -22.046 -4.004  1.00 25.39  ? 46  HIS X CD2 1 
ATOM   355  C CE1 . HIS A 1 46  ? -8.581  -20.998 -4.952  1.00 21.11  ? 46  HIS X CE1 1 
ATOM   356  N NE2 . HIS A 1 46  ? -8.212  -22.142 -4.407  1.00 24.05  ? 46  HIS X NE2 1 
ATOM   357  N N   . SER A 1 47  ? -4.986  -19.825 -1.002  1.00 19.41  ? 47  SER X N   1 
ATOM   358  C CA  . SER A 1 47  ? -5.361  -20.201 0.396   1.00 22.32  ? 47  SER X CA  1 
ATOM   359  C C   . SER A 1 47  ? -5.550  -18.931 1.275   1.00 21.17  ? 47  SER X C   1 
ATOM   360  O O   . SER A 1 47  ? -6.467  -18.874 2.118   1.00 22.77  ? 47  SER X O   1 
ATOM   361  C CB  . SER A 1 47  ? -4.383  -21.233 1.013   1.00 25.18  ? 47  SER X CB  1 
ATOM   362  O OG  . SER A 1 47  ? -3.149  -20.653 1.425   1.00 31.28  ? 47  SER X OG  1 
ATOM   363  N N   . LEU A 1 48  ? -4.739  -17.904 1.113   1.00 17.54  ? 48  LEU X N   1 
ATOM   364  C CA  . LEU A 1 48  ? -4.927  -16.728 1.968   1.00 17.40  ? 48  LEU X CA  1 
ATOM   365  C C   . LEU A 1 48  ? -6.131  -15.924 1.652   1.00 15.11  ? 48  LEU X C   1 
ATOM   366  O O   . LEU A 1 48  ? -6.653  -15.231 2.498   1.00 15.36  ? 48  LEU X O   1 
ATOM   367  C CB  . LEU A 1 48  ? -3.704  -15.808 1.906   1.00 18.10  ? 48  LEU X CB  1 
ATOM   368  C CG  . LEU A 1 48  ? -2.437  -16.457 2.429   1.00 19.26  ? 48  LEU X CG  1 
ATOM   369  C CD1 . LEU A 1 48  ? -1.221  -15.577 2.091   1.00 21.56  ? 48  LEU X CD1 1 
ATOM   370  C CD2 . LEU A 1 48  ? -2.595  -16.729 3.917   1.00 22.53  ? 48  LEU X CD2 1 
ATOM   371  N N   . GLY A 1 49  ? -6.535  -15.886 0.402   1.00 14.50  ? 49  GLY X N   1 
ATOM   372  C CA  . GLY A 1 49  ? -7.732  -15.212 0.024   1.00 15.72  ? 49  GLY X CA  1 
ATOM   373  C C   . GLY A 1 49  ? -7.786  -13.710 0.036   1.00 16.06  ? 49  GLY X C   1 
ATOM   374  O O   . GLY A 1 49  ? -8.827  -13.085 0.228   1.00 14.61  ? 49  GLY X O   1 
ATOM   375  N N   . ILE A 1 50  ? -6.629  -13.087 -0.141  1.00 15.23  ? 50  ILE X N   1 
ATOM   376  C CA  . ILE A 1 50  ? -6.555  -11.653 -0.018  1.00 15.84  ? 50  ILE X CA  1 
ATOM   377  C C   . ILE A 1 50  ? -7.094  -10.906 -1.229  1.00 15.60  ? 50  ILE X C   1 
ATOM   378  O O   . ILE A 1 50  ? -6.641  -11.204 -2.370  1.00 15.51  ? 50  ILE X O   1 
ATOM   379  C CB  . ILE A 1 50  ? -5.101  -11.195 0.255   1.00 16.14  ? 50  ILE X CB  1 
ATOM   380  C CG1 . ILE A 1 50  ? -4.570  -11.724 1.606   1.00 17.72  ? 50  ILE X CG1 1 
ATOM   381  C CG2 . ILE A 1 50  ? -5.026  -9.690  0.244   1.00 17.93  ? 50  ILE X CG2 1 
ATOM   382  C CD1 . ILE A 1 50  ? -3.022  -11.726 1.674   1.00 19.15  ? 50  ILE X CD1 1 
ATOM   383  N N   . PRO A 1 51  ? -8.022  -9.945  -1.035  1.00 16.28  ? 51  PRO X N   1 
ATOM   384  C CA  . PRO A 1 51  ? -8.552  -9.163  -2.169  1.00 18.36  ? 51  PRO X CA  1 
ATOM   385  C C   . PRO A 1 51  ? -7.673  -7.955  -2.476  1.00 16.77  ? 51  PRO X C   1 
ATOM   386  O O   . PRO A 1 51  ? -7.938  -6.861  -1.998  1.00 19.17  ? 51  PRO X O   1 
ATOM   387  C CB  . PRO A 1 51  ? -9.924  -8.752  -1.684  1.00 20.62  ? 51  PRO X CB  1 
ATOM   388  C CG  . PRO A 1 51  ? -9.814  -8.617  -0.223  1.00 19.66  ? 51  PRO X CG  1 
ATOM   389  C CD  . PRO A 1 51  ? -8.685  -9.524  0.219   1.00 18.36  ? 51  PRO X CD  1 
ATOM   390  N N   . TRP A 1 52  ? -6.726  -8.133  -3.366  1.00 15.91  ? 52  TRP X N   1 
ATOM   391  C CA  . TRP A 1 52  ? -5.784  -7.029  -3.713  1.00 15.79  ? 52  TRP X CA  1 
ATOM   392  C C   . TRP A 1 52  ? -6.450  -5.763  -4.274  1.00 18.02  ? 52  TRP X C   1 
ATOM   393  O O   . TRP A 1 52  ? -7.380  -5.833  -5.086  1.00 19.95  ? 52  TRP X O   1 
ATOM   394  C CB  . TRP A 1 52  ? -4.675  -7.513  -4.667  1.00 15.74  ? 52  TRP X CB  1 
ATOM   395  C CG  . TRP A 1 52  ? -4.093  -8.819  -4.212  1.00 14.45  ? 52  TRP X CG  1 
ATOM   396  C CD1 . TRP A 1 52  ? -4.328  -10.062 -4.714  1.00 14.28  ? 52  TRP X CD1 1 
ATOM   397  C CD2 . TRP A 1 52  ? -3.227  -9.013  -3.075  1.00 12.29  ? 52  TRP X CD2 1 
ATOM   398  N NE1 . TRP A 1 52  ? -3.658  -10.984 -4.008  1.00 14.04  ? 52  TRP X NE1 1 
ATOM   399  C CE2 . TRP A 1 52  ? -2.966  -10.386 -2.992  1.00 12.84  ? 52  TRP X CE2 1 
ATOM   400  C CE3 . TRP A 1 52  ? -2.607  -8.145  -2.165  1.00 11.47  ? 52  TRP X CE3 1 
ATOM   401  C CZ2 . TRP A 1 52  ? -2.124  -10.925 -2.017  1.00 13.71  ? 52  TRP X CZ2 1 
ATOM   402  C CZ3 . TRP A 1 52  ? -1.759  -8.659  -1.248  1.00 11.27  ? 52  TRP X CZ3 1 
ATOM   403  C CH2 . TRP A 1 52  ? -1.539  -10.043 -1.160  1.00 11.75  ? 52  TRP X CH2 1 
ATOM   404  N N   . ALA A 1 53  ? -5.957  -4.607  -3.839  1.00 17.73  ? 53  ALA X N   1 
ATOM   405  C CA  . ALA A 1 53  ? -6.649  -3.351  -4.066  1.00 18.60  ? 53  ALA X CA  1 
ATOM   406  C C   . ALA A 1 53  ? -6.616  -2.906  -5.518  1.00 24.43  ? 53  ALA X C   1 
ATOM   407  O O   . ALA A 1 53  ? -5.531  -2.770  -6.073  1.00 22.62  ? 53  ALA X O   1 
ATOM   408  C CB  . ALA A 1 53  ? -6.065  -2.227  -3.186  1.00 19.12  ? 53  ALA X CB  1 
ATOM   409  N N   . PRO A 1 54  ? -7.807  -2.608  -6.104  1.00 22.86  ? 54  PRO X N   1 
ATOM   410  C CA  . PRO A 1 54  ? -7.876  -2.104  -7.482  1.00 25.30  ? 54  PRO X CA  1 
ATOM   411  C C   . PRO A 1 54  ? -7.596  -0.622  -7.583  1.00 24.75  ? 54  PRO X C   1 
ATOM   412  O O   . PRO A 1 54  ? -7.961  0.149   -6.684  1.00 27.20  ? 54  PRO X O   1 
ATOM   413  C CB  . PRO A 1 54  ? -9.338  -2.334  -7.851  1.00 23.33  ? 54  PRO X CB  1 
ATOM   414  C CG  . PRO A 1 54  ? -10.050 -2.138  -6.547  1.00 24.15  ? 54  PRO X CG  1 
ATOM   415  C CD  . PRO A 1 54  ? -9.148  -2.730  -5.492  1.00 23.70  ? 54  PRO X CD  1 
ATOM   416  N N   . LEU A 1 55  ? -6.998  -0.222  -8.702  1.00 31.54  ? 55  LEU X N   1 
ATOM   417  C CA  . LEU A 1 55  ? -7.055  1.174   -9.187  1.00 34.44  ? 55  LEU X CA  1 
ATOM   418  C C   . LEU A 1 55  ? -7.601  1.141   -10.607 1.00 42.44  ? 55  LEU X C   1 
ATOM   419  O O   . LEU A 1 55  ? -7.551  0.096   -11.271 1.00 48.64  ? 55  LEU X O   1 
ATOM   420  C CB  . LEU A 1 55  ? -5.683  1.866   -9.150  1.00 33.45  ? 55  LEU X CB  1 
ATOM   421  C CG  . LEU A 1 55  ? -5.164  2.230   -7.752  1.00 31.88  ? 55  LEU X CG  1 
ATOM   422  C CD1 . LEU A 1 55  ? -3.748  2.795   -7.823  1.00 31.46  ? 55  LEU X CD1 1 
ATOM   423  C CD2 . LEU A 1 55  ? -6.041  3.233   -7.010  1.00 29.33  ? 55  LEU X CD2 1 
ATOM   424  N N   . SER A 1 56  ? -8.124  2.281   -11.053 1.00 40.67  ? 56  SER X N   1 
ATOM   425  C CA  . SER A 1 56  ? -8.872  2.378   -12.309 1.00 46.05  ? 56  SER X CA  1 
ATOM   426  C C   . SER A 1 56  ? -8.912  3.846   -12.783 1.00 47.70  ? 56  SER X C   1 
ATOM   427  O O   . SER A 1 56  ? -8.834  4.780   -11.965 1.00 41.41  ? 56  SER X O   1 
ATOM   428  C CB  . SER A 1 56  ? -10.274 1.805   -12.085 1.00 46.57  ? 56  SER X CB  1 
ATOM   429  O OG  . SER A 1 56  ? -11.261 2.537   -12.759 1.00 55.06  ? 56  SER X OG  1 
ATOM   430  N N   . SER A 1 57  ? -9.021  4.057   -14.099 1.00 52.61  ? 57  SER X N   1 
ATOM   431  C CA  . SER A 1 57  ? -8.803  5.410   -14.664 1.00 58.20  ? 57  SER X CA  1 
ATOM   432  C C   . SER A 1 57  ? -9.744  6.453   -14.065 1.00 60.04  ? 57  SER X C   1 
ATOM   433  O O   . SER A 1 57  ? -10.866 6.148   -13.683 1.00 51.02  ? 57  SER X O   1 
ATOM   434  C CB  . SER A 1 57  ? -8.858  5.431   -16.208 1.00 63.33  ? 57  SER X CB  1 
ATOM   435  O OG  . SER A 1 57  ? -7.567  5.155   -16.763 1.00 67.53  ? 57  SER X OG  1 
ATOM   436  N N   . CYS A 1 58  ? -9.251  7.679   -13.960 1.00 71.79  ? 58  CYS X N   1 
ATOM   437  C CA  . CYS A 1 58  ? -10.049 8.803   -13.486 1.00 84.70  ? 58  CYS X CA  1 
ATOM   438  C C   . CYS A 1 58  ? -9.694  10.048  -14.292 1.00 96.59  ? 58  CYS X C   1 
ATOM   439  O O   . CYS A 1 58  ? -8.507  10.320  -14.542 1.00 89.40  ? 58  CYS X O   1 
ATOM   440  C CB  . CYS A 1 58  ? -9.775  9.056   -12.008 1.00 84.16  ? 58  CYS X CB  1 
ATOM   441  S SG  . CYS A 1 58  ? -8.030  9.418   -11.686 1.00 79.73  ? 58  CYS X SG  1 
ATOM   442  N N   . PRO A 1 59  ? -10.717 10.817  -14.706 1.00 111.85 ? 59  PRO X N   1 
ATOM   443  C CA  . PRO A 1 59  ? -10.370 12.081  -15.362 1.00 120.36 ? 59  PRO X CA  1 
ATOM   444  C C   . PRO A 1 59  ? -9.782  13.114  -14.370 1.00 126.05 ? 59  PRO X C   1 
ATOM   445  O O   . PRO A 1 59  ? -9.919  12.960  -13.143 1.00 115.88 ? 59  PRO X O   1 
ATOM   446  C CB  . PRO A 1 59  ? -11.710 12.552  -15.938 1.00 113.98 ? 59  PRO X CB  1 
ATOM   447  C CG  . PRO A 1 59  ? -12.741 11.947  -15.036 1.00 108.95 ? 59  PRO X CG  1 
ATOM   448  C CD  . PRO A 1 59  ? -12.176 10.648  -14.540 1.00 104.93 ? 59  PRO X CD  1 
ATOM   449  N N   . SER A 1 60  ? -9.130  14.143  -14.914 1.00 127.00 ? 60  SER X N   1 
ATOM   450  C CA  . SER A 1 60  ? -8.625  15.286  -14.146 1.00 119.79 ? 60  SER X CA  1 
ATOM   451  C C   . SER A 1 60  ? -9.779  16.280  -13.959 1.00 118.31 ? 60  SER X C   1 
ATOM   452  O O   . SER A 1 60  ? -9.731  17.423  -14.431 1.00 113.44 ? 60  SER X O   1 
ATOM   453  C CB  . SER A 1 60  ? -7.431  15.941  -14.858 1.00 113.05 ? 60  SER X CB  1 
ATOM   454  O OG  . SER A 1 60  ? -6.340  15.042  -14.980 1.00 107.46 ? 60  SER X OG  1 
ATOM   455  N N   . GLN A 1 61  ? -10.801 15.821  -13.235 1.00 118.02 ? 61  GLN X N   1 
ATOM   456  C CA  . GLN A 1 61  ? -12.097 16.490  -13.135 1.00 115.28 ? 61  GLN X CA  1 
ATOM   457  C C   . GLN A 1 61  ? -12.209 17.352  -11.884 1.00 113.46 ? 61  GLN X C   1 
ATOM   458  O O   . GLN A 1 61  ? -11.558 17.093  -10.879 1.00 115.14 ? 61  GLN X O   1 
ATOM   459  C CB  . GLN A 1 61  ? -13.235 15.453  -13.108 1.00 114.36 ? 61  GLN X CB  1 
ATOM   460  C CG  . GLN A 1 61  ? -13.970 15.248  -14.423 1.00 114.06 ? 61  GLN X CG  1 
ATOM   461  C CD  . GLN A 1 61  ? -15.317 14.572  -14.216 1.00 110.93 ? 61  GLN X CD  1 
ATOM   462  O OE1 . GLN A 1 61  ? -15.387 13.429  -13.756 1.00 104.13 ? 61  GLN X OE1 1 
ATOM   463  N NE2 . GLN A 1 61  ? -16.397 15.286  -14.543 1.00 105.72 ? 61  GLN X NE2 1 
ATOM   464  N N   . ALA A 1 62  ? -13.060 18.371  -11.958 1.00 111.38 ? 62  ALA X N   1 
ATOM   465  C CA  . ALA A 1 62  ? -13.505 19.102  -10.773 1.00 107.02 ? 62  ALA X CA  1 
ATOM   466  C C   . ALA A 1 62  ? -14.343 18.188  -9.854  1.00 102.10 ? 62  ALA X C   1 
ATOM   467  O O   . ALA A 1 62  ? -14.085 18.096  -8.644  1.00 91.32  ? 62  ALA X O   1 
ATOM   468  C CB  . ALA A 1 62  ? -14.312 20.327  -11.190 1.00 102.79 ? 62  ALA X CB  1 
ATOM   469  N N   . LEU A 1 63  ? -15.303 17.484  -10.467 1.00 100.70 ? 63  LEU X N   1 
ATOM   470  C CA  . LEU A 1 63  ? -16.347 16.700  -9.773  1.00 93.30  ? 63  LEU X CA  1 
ATOM   471  C C   . LEU A 1 63  ? -16.029 15.190  -9.539  1.00 80.42  ? 63  LEU X C   1 
ATOM   472  O O   . LEU A 1 63  ? -16.933 14.424  -9.146  1.00 77.00  ? 63  LEU X O   1 
ATOM   473  C CB  . LEU A 1 63  ? -17.672 16.833  -10.554 1.00 95.68  ? 63  LEU X CB  1 
ATOM   474  C CG  . LEU A 1 63  ? -18.126 18.230  -11.025 1.00 96.56  ? 63  LEU X CG  1 
ATOM   475  C CD1 . LEU A 1 63  ? -19.222 18.087  -12.076 1.00 95.34  ? 63  LEU X CD1 1 
ATOM   476  C CD2 . LEU A 1 63  ? -18.580 19.114  -9.862  1.00 91.67  ? 63  LEU X CD2 1 
ATOM   477  N N   . GLN A 1 64  ? -14.780 14.771  -9.809  1.00 66.07  ? 64  GLN X N   1 
ATOM   478  C CA  . GLN A 1 64  ? -14.277 13.418  -9.457  1.00 57.95  ? 64  GLN X CA  1 
ATOM   479  C C   . GLN A 1 64  ? -12.740 13.319  -9.211  1.00 44.91  ? 64  GLN X C   1 
ATOM   480  O O   . GLN A 1 64  ? -12.209 12.216  -9.107  1.00 43.47  ? 64  GLN X O   1 
ATOM   481  C CB  . GLN A 1 64  ? -14.720 12.374  -10.511 1.00 62.52  ? 64  GLN X CB  1 
ATOM   482  C CG  . GLN A 1 64  ? -15.540 11.210  -9.940  1.00 70.61  ? 64  GLN X CG  1 
ATOM   483  C CD  . GLN A 1 64  ? -15.610 10.003  -10.875 1.00 74.41  ? 64  GLN X CD  1 
ATOM   484  O OE1 . GLN A 1 64  ? -14.593 9.344   -11.123 1.00 83.17  ? 64  GLN X OE1 1 
ATOM   485  N NE2 . GLN A 1 64  ? -16.811 9.695   -11.383 1.00 75.24  ? 64  GLN X NE2 1 
ATOM   486  N N   . LEU A 1 65  ? -12.010 14.435  -9.129  1.00 35.55  ? 65  LEU X N   1 
ATOM   487  C CA  . LEU A 1 65  ? -10.626 14.374  -8.604  1.00 33.63  ? 65  LEU X CA  1 
ATOM   488  C C   . LEU A 1 65  ? -10.583 13.661  -7.225  1.00 27.33  ? 65  LEU X C   1 
ATOM   489  O O   . LEU A 1 65  ? -9.721  12.792  -7.000  1.00 26.80  ? 65  LEU X O   1 
ATOM   490  C CB  . LEU A 1 65  ? -10.022 15.774  -8.440  1.00 37.36  ? 65  LEU X CB  1 
ATOM   491  C CG  . LEU A 1 65  ? -8.686  16.107  -9.126  1.00 42.90  ? 65  LEU X CG  1 
ATOM   492  C CD1 . LEU A 1 65  ? -8.545  15.545  -10.527 1.00 44.97  ? 65  LEU X CD1 1 
ATOM   493  C CD2 . LEU A 1 65  ? -8.560  17.637  -9.169  1.00 44.35  ? 65  LEU X CD2 1 
ATOM   494  N N   . ALA A 1 66  ? -11.518 14.050  -6.344  1.00 25.97  ? 66  ALA X N   1 
ATOM   495  C CA  . ALA A 1 66  ? -11.587 13.527  -4.961  1.00 26.32  ? 66  ALA X CA  1 
ATOM   496  C C   . ALA A 1 66  ? -11.817 12.007  -5.027  1.00 26.02  ? 66  ALA X C   1 
ATOM   497  O O   . ALA A 1 66  ? -11.174 11.234  -4.292  1.00 25.74  ? 66  ALA X O   1 
ATOM   498  C CB  . ALA A 1 66  ? -12.645 14.238  -4.105  1.00 27.15  ? 66  ALA X CB  1 
ATOM   499  N N   . GLY A 1 67  ? -12.673 11.580  -5.950  1.00 23.82  ? 67  GLY X N   1 
ATOM   500  C CA  . GLY A 1 67  ? -12.984 10.146  -6.108  1.00 25.30  ? 67  GLY X CA  1 
ATOM   501  C C   . GLY A 1 67  ? -11.799 9.355   -6.563  1.00 26.08  ? 67  GLY X C   1 
ATOM   502  O O   . GLY A 1 67  ? -11.638 8.204   -6.143  1.00 26.16  ? 67  GLY X O   1 
ATOM   503  N N   . CYS A 1 68  ? -10.950 9.969   -7.407  1.00 26.27  ? 68  CYS X N   1 
ATOM   504  C CA  . CYS A 1 68  ? -9.719  9.341   -7.844  1.00 28.67  ? 68  CYS X CA  1 
ATOM   505  C C   . CYS A 1 68  ? -8.768  9.163   -6.654  1.00 26.67  ? 68  CYS X C   1 
ATOM   506  O O   . CYS A 1 68  ? -8.258  8.071   -6.397  1.00 27.22  ? 68  CYS X O   1 
ATOM   507  C CB  . CYS A 1 68  ? -9.037  10.125  -8.945  1.00 40.55  ? 68  CYS X CB  1 
ATOM   508  S SG  . CYS A 1 68  ? -7.757  9.081   -9.692  1.00 60.00  ? 68  CYS X SG  1 
ATOM   509  N N   . LEU A 1 69  ? -8.562  10.223  -5.893  1.00 19.95  ? 69  LEU X N   1 
ATOM   510  C CA  . LEU A 1 69  ? -7.751  10.093  -4.700  1.00 21.33  ? 69  LEU X CA  1 
ATOM   511  C C   . LEU A 1 69  ? -8.339  9.158   -3.672  1.00 21.53  ? 69  LEU X C   1 
ATOM   512  O O   . LEU A 1 69  ? -7.599  8.520   -2.922  1.00 19.13  ? 69  LEU X O   1 
ATOM   513  C CB  . LEU A 1 69  ? -7.497  11.468  -4.043  1.00 21.70  ? 69  LEU X CB  1 
ATOM   514  C CG  . LEU A 1 69  ? -6.586  12.372  -4.877  1.00 22.17  ? 69  LEU X CG  1 
ATOM   515  C CD1 . LEU A 1 69  ? -6.444  13.676  -4.137  1.00 24.66  ? 69  LEU X CD1 1 
ATOM   516  C CD2 . LEU A 1 69  ? -5.237  11.689  -5.118  1.00 24.18  ? 69  LEU X CD2 1 
ATOM   517  N N   . SER A 1 70  ? -9.670  9.096   -3.590  1.00 20.02  ? 70  SER X N   1 
ATOM   518  C CA  . SER A 1 70  ? -10.321 8.213   -2.627  1.00 20.65  ? 70  SER X CA  1 
ATOM   519  C C   . SER A 1 70  ? -9.996  6.710   -2.862  1.00 20.18  ? 70  SER X C   1 
ATOM   520  O O   . SER A 1 70  ? -9.801  5.937   -1.900  1.00 20.61  ? 70  SER X O   1 
ATOM   521  C CB  . SER A 1 70  ? -11.812 8.477   -2.639  1.00 23.47  ? 70  SER X CB  1 
ATOM   522  O OG  . SER A 1 70  ? -12.419 7.699   -1.603  1.00 28.47  ? 70  SER X OG  1 
ATOM   523  N N   . GLN A 1 71  ? -9.872  6.320   -4.134  1.00 19.41  ? 71  GLN X N   1 
ATOM   524  C CA  . GLN A 1 71  ? -9.417  4.993   -4.476  1.00 22.77  ? 71  GLN X CA  1 
ATOM   525  C C   . GLN A 1 71  ? -8.017  4.697   -3.978  1.00 20.05  ? 71  GLN X C   1 
ATOM   526  O O   . GLN A 1 71  ? -7.715  3.581   -3.527  1.00 19.36  ? 71  GLN X O   1 
ATOM   527  C CB  . GLN A 1 71  ? -9.337  4.834   -5.983  1.00 28.48  ? 71  GLN X CB  1 
ATOM   528  C CG  . GLN A 1 71  ? -10.621 4.540   -6.667  1.00 35.02  ? 71  GLN X CG  1 
ATOM   529  C CD  . GLN A 1 71  ? -10.312 3.639   -7.846  1.00 45.19  ? 71  GLN X CD  1 
ATOM   530  O OE1 . GLN A 1 71  ? -9.563  4.051   -8.746  1.00 41.43  ? 71  GLN X OE1 1 
ATOM   531  N NE2 . GLN A 1 71  ? -10.773 2.360   -7.787  1.00 47.16  ? 71  GLN X NE2 1 
ATOM   532  N N   . LEU A 1 72  ? -7.141  5.675   -4.108  1.00 16.84  ? 72  LEU X N   1 
ATOM   533  C CA  . LEU A 1 72  ? -5.775  5.550   -3.594  1.00 17.07  ? 72  LEU X CA  1 
ATOM   534  C C   . LEU A 1 72  ? -5.781  5.373   -2.092  1.00 16.06  ? 72  LEU X C   1 
ATOM   535  O O   . LEU A 1 72  ? -5.094  4.465   -1.530  1.00 15.77  ? 72  LEU X O   1 
ATOM   536  C CB  . LEU A 1 72  ? -4.848  6.760   -3.989  1.00 19.59  ? 72  LEU X CB  1 
ATOM   537  C CG  . LEU A 1 72  ? -4.318  6.978   -5.417  1.00 24.74  ? 72  LEU X CG  1 
ATOM   538  C CD1 . LEU A 1 72  ? -3.265  8.076   -5.410  1.00 25.85  ? 72  LEU X CD1 1 
ATOM   539  C CD2 . LEU A 1 72  ? -3.714  5.794   -6.081  1.00 26.86  ? 72  LEU X CD2 1 
ATOM   540  N N   . HIS A 1 73  ? -6.551  6.218   -1.405  1.00 14.23  ? 73  HIS X N   1 
ATOM   541  C CA  . HIS A 1 73  ? -6.637  6.125   0.037   1.00 14.74  ? 73  HIS X CA  1 
ATOM   542  C C   . HIS A 1 73  ? -7.194  4.745   0.532   1.00 14.68  ? 73  HIS X C   1 
ATOM   543  O O   . HIS A 1 73  ? -6.643  4.103   1.499   1.00 15.01  ? 73  HIS X O   1 
ATOM   544  C CB  . HIS A 1 73  ? -7.456  7.250   0.623   1.00 14.00  ? 73  HIS X CB  1 
ATOM   545  C CG  . HIS A 1 73  ? -7.290  7.344   2.082   1.00 15.14  ? 73  HIS X CG  1 
ATOM   546  N ND1 . HIS A 1 73  ? -8.136  6.679   2.942   1.00 17.68  ? 73  HIS X ND1 1 
ATOM   547  C CD2 . HIS A 1 73  ? -6.328  7.906   2.849   1.00 16.63  ? 73  HIS X CD2 1 
ATOM   548  C CE1 . HIS A 1 73  ? -7.720  6.852   4.176   1.00 17.70  ? 73  HIS X CE1 1 
ATOM   549  N NE2 . HIS A 1 73  ? -6.633  7.599   4.153   1.00 18.68  ? 73  HIS X NE2 1 
ATOM   550  N N   . SER A 1 74  ? -8.254  4.315   -0.127  1.00 15.16  ? 74  SER X N   1 
ATOM   551  C CA  . SER A 1 74  ? -8.893  3.013   0.173   1.00 16.78  ? 74  SER X CA  1 
ATOM   552  C C   . SER A 1 74  ? -7.914  1.839   -0.048  1.00 16.52  ? 74  SER X C   1 
ATOM   553  O O   . SER A 1 74  ? -7.773  0.976   0.815   1.00 15.82  ? 74  SER X O   1 
ATOM   554  C CB  . SER A 1 74  ? -10.110 2.840   -0.708  1.00 19.86  ? 74  SER X CB  1 
ATOM   555  O OG  . SER A 1 74  ? -10.640 1.536   -0.520  1.00 24.90  ? 74  SER X OG  1 
ATOM   556  N N   . GLY A 1 75  ? -7.119  1.887   -1.129  1.00 15.59  ? 75  GLY X N   1 
ATOM   557  C CA  . GLY A 1 75  ? -6.036  0.905   -1.324  1.00 15.38  ? 75  GLY X CA  1 
ATOM   558  C C   . GLY A 1 75  ? -4.947  0.930   -0.259  1.00 14.61  ? 75  GLY X C   1 
ATOM   559  O O   . GLY A 1 75  ? -4.472  -0.131  0.179   1.00 13.31  ? 75  GLY X O   1 
ATOM   560  N N   . LEU A 1 76  ? -4.551  2.142   0.157   1.00 12.21  ? 76  LEU X N   1 
ATOM   561  C CA  . LEU A 1 76  ? -3.535  2.324   1.183   1.00 14.38  ? 76  LEU X CA  1 
ATOM   562  C C   . LEU A 1 76  ? -4.034  1.748   2.488   1.00 12.75  ? 76  LEU X C   1 
ATOM   563  O O   . LEU A 1 76  ? -3.292  1.125   3.222   1.00 13.64  ? 76  LEU X O   1 
ATOM   564  C CB  . LEU A 1 76  ? -3.131  3.787   1.342   1.00 16.17  ? 76  LEU X CB  1 
ATOM   565  C CG  . LEU A 1 76  ? -2.266  4.352   0.174   1.00 16.53  ? 76  LEU X CG  1 
ATOM   566  C CD1 . LEU A 1 76  ? -2.098  5.839   0.380   1.00 16.45  ? 76  LEU X CD1 1 
ATOM   567  C CD2 . LEU A 1 76  ? -0.899  3.701   -0.022  1.00 17.89  ? 76  LEU X CD2 1 
ATOM   568  N N   . PHE A 1 77  ? -5.323  1.934   2.723   1.00 12.85  ? 77  PHE X N   1 
ATOM   569  C CA  . PHE A 1 77  ? -5.939  1.370   3.925   1.00 12.14  ? 77  PHE X CA  1 
ATOM   570  C C   . PHE A 1 77  ? -5.877  -0.180  3.954   1.00 11.55  ? 77  PHE X C   1 
ATOM   571  O O   . PHE A 1 77  ? -5.521  -0.764  4.984   1.00 9.99   ? 77  PHE X O   1 
ATOM   572  C CB  . PHE A 1 77  ? -7.346  1.922   4.089   1.00 13.14  ? 77  PHE X CB  1 
ATOM   573  C CG  . PHE A 1 77  ? -8.125  1.272   5.218   1.00 14.31  ? 77  PHE X CG  1 
ATOM   574  C CD1 . PHE A 1 77  ? -7.803  1.492   6.558   1.00 15.61  ? 77  PHE X CD1 1 
ATOM   575  C CD2 . PHE A 1 77  ? -9.155  0.421   4.931   1.00 15.45  ? 77  PHE X CD2 1 
ATOM   576  C CE1 . PHE A 1 77  ? -8.517  0.829   7.545   1.00 15.77  ? 77  PHE X CE1 1 
ATOM   577  C CE2 . PHE A 1 77  ? -9.876  -0.235  5.926   1.00 17.98  ? 77  PHE X CE2 1 
ATOM   578  C CZ  . PHE A 1 77  ? -9.552  -0.005  7.223   1.00 16.11  ? 77  PHE X CZ  1 
ATOM   579  N N   . LEU A 1 78  ? -6.159  -0.795  2.811   1.00 11.26  ? 78  LEU X N   1 
ATOM   580  C CA  . LEU A 1 78  ? -6.148  -2.236  2.624   1.00 12.04  ? 78  LEU X CA  1 
ATOM   581  C C   . LEU A 1 78  ? -4.724  -2.692  2.882   1.00 9.81   ? 78  LEU X C   1 
ATOM   582  O O   . LEU A 1 78  ? -4.462  -3.621  3.668   1.00 9.40   ? 78  LEU X O   1 
ATOM   583  C CB  . LEU A 1 78  ? -6.581  -2.655  1.221   1.00 14.99  ? 78  LEU X CB  1 
ATOM   584  C CG  . LEU A 1 78  ? -6.123  -4.119  0.867   1.00 22.14  ? 78  LEU X CG  1 
ATOM   585  C CD1 . LEU A 1 78  ? -7.294  -5.068  1.189   1.00 27.31  ? 78  LEU X CD1 1 
ATOM   586  C CD2 . LEU A 1 78  ? -5.364  -4.496  -0.474  1.00 23.04  ? 78  LEU X CD2 1 
ATOM   587  N N   . TYR A 1 79  ? -3.734  -2.061  2.232   1.00 7.99   ? 79  TYR X N   1 
ATOM   588  C CA  . TYR A 1 79  ? -2.342  -2.449  2.427   1.00 8.32   ? 79  TYR X CA  1 
ATOM   589  C C   . TYR A 1 79  ? -1.875  -2.261  3.839   1.00 8.66   ? 79  TYR X C   1 
ATOM   590  O O   . TYR A 1 79  ? -1.112  -3.121  4.343   1.00 9.73   ? 79  TYR X O   1 
ATOM   591  C CB  . TYR A 1 79  ? -1.412  -1.801  1.385   1.00 8.08   ? 79  TYR X CB  1 
ATOM   592  C CG  . TYR A 1 79  ? -1.556  -2.541  0.068   1.00 7.55   ? 79  TYR X CG  1 
ATOM   593  C CD1 . TYR A 1 79  ? -1.154  -3.812  -0.046  1.00 7.80   ? 79  TYR X CD1 1 
ATOM   594  C CD2 . TYR A 1 79  ? -2.155  -1.964  -1.047  1.00 7.28   ? 79  TYR X CD2 1 
ATOM   595  C CE1 . TYR A 1 79  ? -1.313  -4.538  -1.209  1.00 8.69   ? 79  TYR X CE1 1 
ATOM   596  C CE2 . TYR A 1 79  ? -2.369  -2.708  -2.190  1.00 7.62   ? 79  TYR X CE2 1 
ATOM   597  C CZ  . TYR A 1 79  ? -1.910  -3.952  -2.285  1.00 8.96   ? 79  TYR X CZ  1 
ATOM   598  O OH  . TYR A 1 79  ? -2.136  -4.726  -3.465  1.00 10.37  ? 79  TYR X OH  1 
ATOM   599  N N   . GLN A 1 80  ? -2.289  -1.183  4.505   1.00 10.36  ? 80  GLN X N   1 
ATOM   600  C CA  . GLN A 1 80  ? -1.851  -0.954  5.898   1.00 10.80  ? 80  GLN X CA  1 
ATOM   601  C C   . GLN A 1 80  ? -2.345  -2.103  6.759   1.00 10.07  ? 80  GLN X C   1 
ATOM   602  O O   . GLN A 1 80  ? -1.608  -2.595  7.626   1.00 10.84  ? 80  GLN X O   1 
ATOM   603  C CB  . GLN A 1 80  ? -2.308  0.367   6.466   1.00 12.61  ? 80  GLN X CB  1 
ATOM   604  C CG  . GLN A 1 80  ? -1.488  0.837   7.758   1.00 14.18  ? 80  GLN X CG  1 
ATOM   605  C CD  . GLN A 1 80  ? 0.029   1.117   7.548   1.00 13.85  ? 80  GLN X CD  1 
ATOM   606  O OE1 . GLN A 1 80  ? 0.842   0.196   7.417   1.00 17.18  ? 80  GLN X OE1 1 
ATOM   607  N NE2 . GLN A 1 80  ? 0.399   2.340   7.608   1.00 15.14  ? 80  GLN X NE2 1 
ATOM   608  N N   . GLY A 1 81  ? -3.570  -2.540  6.488   1.00 9.62   ? 81  GLY X N   1 
ATOM   609  C CA  . GLY A 1 81  ? -4.164  -3.646  7.261   1.00 9.24   ? 81  GLY X CA  1 
ATOM   610  C C   . GLY A 1 81  ? -3.343  -4.947  7.038   1.00 8.73   ? 81  GLY X C   1 
ATOM   611  O O   . GLY A 1 81  ? -3.155  -5.752  7.963   1.00 9.75   ? 81  GLY X O   1 
ATOM   612  N N   . LEU A 1 82  ? -2.950  -5.194  5.778   1.00 9.00   ? 82  LEU X N   1 
ATOM   613  C CA  . LEU A 1 82  ? -2.161  -6.379  5.466   1.00 10.32  ? 82  LEU X CA  1 
ATOM   614  C C   . LEU A 1 82  ? -0.795  -6.365  6.120   1.00 10.13  ? 82  LEU X C   1 
ATOM   615  O O   . LEU A 1 82  ? -0.394  -7.341  6.730   1.00 10.67  ? 82  LEU X O   1 
ATOM   616  C CB  . LEU A 1 82  ? -2.034  -6.566  3.952   1.00 11.04  ? 82  LEU X CB  1 
ATOM   617  C CG  . LEU A 1 82  ? -3.369  -6.762  3.230   1.00 11.85  ? 82  LEU X CG  1 
ATOM   618  C CD1 . LEU A 1 82  ? -3.069  -6.839  1.723   1.00 11.55  ? 82  LEU X CD1 1 
ATOM   619  C CD2 . LEU A 1 82  ? -4.013  -8.092  3.656   1.00 12.90  ? 82  LEU X CD2 1 
ATOM   620  N N   . LEU A 1 83  ? -0.139  -5.210  6.073   1.00 10.16  ? 83  LEU X N   1 
ATOM   621  C CA  . LEU A 1 83  ? 1.153   -4.997  6.744   1.00 10.17  ? 83  LEU X CA  1 
ATOM   622  C C   . LEU A 1 83  ? 1.027   -5.224  8.252   1.00 8.92   ? 83  LEU X C   1 
ATOM   623  O O   . LEU A 1 83  ? 1.847   -5.873  8.868   1.00 9.21   ? 83  LEU X O   1 
ATOM   624  C CB  . LEU A 1 83  ? 1.704   -3.639  6.462   1.00 11.00  ? 83  LEU X CB  1 
ATOM   625  C CG  . LEU A 1 83  ? 2.119   -3.435  5.000   1.00 12.07  ? 83  LEU X CG  1 
ATOM   626  C CD1 . LEU A 1 83  ? 2.471   -1.972  4.796   1.00 12.79  ? 83  LEU X CD1 1 
ATOM   627  C CD2 . LEU A 1 83  ? 3.278   -4.309  4.539   1.00 12.15  ? 83  LEU X CD2 1 
ATOM   628  N N   . GLN A 1 84  ? -0.058  -4.706  8.837   1.00 9.17   ? 84  GLN X N   1 
ATOM   629  C CA  . GLN A 1 84  ? -0.330  -4.886  10.265  1.00 10.35  ? 84  GLN X CA  1 
ATOM   630  C C   . GLN A 1 84  ? -0.474  -6.361  10.639  1.00 11.49  ? 84  GLN X C   1 
ATOM   631  O O   . GLN A 1 84  ? 0.070   -6.803  11.634  1.00 10.79  ? 84  GLN X O   1 
ATOM   632  C CB  . GLN A 1 84  ? -1.578  -4.131  10.690  1.00 11.08  ? 84  GLN X CB  1 
ATOM   633  C CG  . GLN A 1 84  ? -1.771  -4.065  12.195  1.00 11.25  ? 84  GLN X CG  1 
ATOM   634  C CD  . GLN A 1 84  ? -0.911  -3.013  12.851  1.00 13.19  ? 84  GLN X CD  1 
ATOM   635  O OE1 . GLN A 1 84  ? -0.535  -2.010  12.249  1.00 14.60  ? 84  GLN X OE1 1 
ATOM   636  N NE2 . GLN A 1 84  ? -0.727  -3.161  14.145  1.00 15.55  ? 84  GLN X NE2 1 
ATOM   637  N N   . ALA A 1 85  ? -1.243  -7.110  9.834   1.00 11.32  ? 85  ALA X N   1 
ATOM   638  C CA  . ALA A 1 85  ? -1.527  -8.521  10.074  1.00 11.15  ? 85  ALA X CA  1 
ATOM   639  C C   . ALA A 1 85  ? -0.272  -9.376  10.013  1.00 11.46  ? 85  ALA X C   1 
ATOM   640  O O   . ALA A 1 85  ? -0.197  -10.423 10.685  1.00 12.96  ? 85  ALA X O   1 
ATOM   641  C CB  . ALA A 1 85  ? -2.593  -9.006  9.070   1.00 11.69  ? 85  ALA X CB  1 
ATOM   642  N N   . LEU A 1 86  ? 0.748   -8.939  9.283   1.00 10.18  ? 86  LEU X N   1 
ATOM   643  C CA  . LEU A 1 86  ? 2.017   -9.636  9.257   1.00 10.51  ? 86  LEU X CA  1 
ATOM   644  C C   . LEU A 1 86  ? 2.752   -9.676  10.593  1.00 9.95   ? 86  LEU X C   1 
ATOM   645  O O   . LEU A 1 86  ? 3.636   -10.554 10.762  1.00 11.19  ? 86  LEU X O   1 
ATOM   646  C CB  . LEU A 1 86  ? 2.927   -9.112  8.133   1.00 10.33  ? 86  LEU X CB  1 
ATOM   647  C CG  . LEU A 1 86  ? 2.482   -9.366  6.664   1.00 10.99  ? 86  LEU X CG  1 
ATOM   648  C CD1 . LEU A 1 86  ? 3.259   -8.437  5.684   1.00 10.52  ? 86  LEU X CD1 1 
ATOM   649  C CD2 . LEU A 1 86  ? 2.626   -10.850 6.303   1.00 11.07  ? 86  LEU X CD2 1 
ATOM   650  N N   . GLU A 1 87  ? 2.485   -8.671  11.425  1.00 11.54  ? 87  GLU X N   1 
ATOM   651  C CA  . GLU A 1 87  ? 3.001   -8.626  12.808  1.00 12.35  ? 87  GLU X CA  1 
ATOM   652  C C   . GLU A 1 87  ? 4.514   -8.751  12.793  1.00 12.58  ? 87  GLU X C   1 
ATOM   653  O O   . GLU A 1 87  ? 5.140   -9.493  13.606  1.00 14.33  ? 87  GLU X O   1 
ATOM   654  C CB  . GLU A 1 87  ? 2.360   -9.772  13.679  1.00 13.43  ? 87  GLU X CB  1 
ATOM   655  C CG  . GLU A 1 87  ? 0.905   -9.461  13.991  1.00 15.04  ? 87  GLU X CG  1 
ATOM   656  C CD  . GLU A 1 87  ? 0.684   -8.422  15.136  1.00 15.01  ? 87  GLU X CD  1 
ATOM   657  O OE1 . GLU A 1 87  ? 1.625   -8.154  15.923  1.00 18.02  ? 87  GLU X OE1 1 
ATOM   658  O OE2 . GLU A 1 87  ? -0.429  -7.904  15.289  1.00 17.26  ? 87  GLU X OE2 1 
ATOM   659  N N   . GLY A 1 88  ? 5.130   -7.953  11.955  1.00 12.84  ? 88  GLY X N   1 
ATOM   660  C CA  . GLY A 1 88  ? 6.577   -7.903  11.859  1.00 13.30  ? 88  GLY X CA  1 
ATOM   661  C C   . GLY A 1 88  ? 7.297   -9.003  11.108  1.00 13.17  ? 88  GLY X C   1 
ATOM   662  O O   . GLY A 1 88  ? 8.490   -8.816  10.817  1.00 14.56  ? 88  GLY X O   1 
ATOM   663  N N   . ILE A 1 89  ? 6.585   -10.098 10.791  1.00 12.38  ? 89  ILE X N   1 
ATOM   664  C CA  . ILE A 1 89  ? 7.052   -11.304 10.081  1.00 13.08  ? 89  ILE X CA  1 
ATOM   665  C C   . ILE A 1 89  ? 7.984   -12.114 10.979  1.00 14.60  ? 89  ILE X C   1 
ATOM   666  O O   . ILE A 1 89  ? 7.733   -13.323 11.271  1.00 15.89  ? 89  ILE X O   1 
ATOM   667  C CB  . ILE A 1 89  ? 7.685   -11.024 8.677   1.00 13.45  ? 89  ILE X CB  1 
ATOM   668  C CG1 . ILE A 1 89  ? 6.627   -10.458 7.718   1.00 15.42  ? 89  ILE X CG1 1 
ATOM   669  C CG2 . ILE A 1 89  ? 8.280   -12.306 8.111   1.00 13.37  ? 89  ILE X CG2 1 
ATOM   670  C CD1 . ILE A 1 89  ? 7.073   -10.127 6.316   1.00 16.68  ? 89  ILE X CD1 1 
ATOM   671  N N   . SER A 1 90  ? 9.111   -11.491 11.338  1.00 15.92  ? 90  SER X N   1 
ATOM   672  C CA  . SER A 1 90  ? 10.124  -12.175 12.140  1.00 18.27  ? 90  SER X CA  1 
ATOM   673  C C   . SER A 1 90  ? 10.967  -11.094 12.853  1.00 18.73  ? 90  SER X C   1 
ATOM   674  O O   . SER A 1 90  ? 10.891  -9.928  12.511  1.00 15.77  ? 90  SER X O   1 
ATOM   675  C CB  . SER A 1 90  ? 10.977  -13.043 11.240  1.00 19.13  ? 90  SER X CB  1 
ATOM   676  O OG  . SER A 1 90  ? 11.833  -12.178 10.472  1.00 19.62  ? 90  SER X OG  1 
ATOM   677  N N   . PRO A 1 91  ? 11.692  -11.461 13.937  1.00 20.75  ? 91  PRO X N   1 
ATOM   678  C CA  . PRO A 1 91  ? 12.498  -10.405 14.575  1.00 21.22  ? 91  PRO X CA  1 
ATOM   679  C C   . PRO A 1 91  ? 13.529  -9.728  13.627  1.00 22.83  ? 91  PRO X C   1 
ATOM   680  O O   . PRO A 1 91  ? 13.750  -8.512  13.803  1.00 26.47  ? 91  PRO X O   1 
ATOM   681  C CB  . PRO A 1 91  ? 13.176  -11.133 15.765  1.00 22.13  ? 91  PRO X CB  1 
ATOM   682  C CG  . PRO A 1 91  ? 12.300  -12.337 16.013  1.00 20.84  ? 91  PRO X CG  1 
ATOM   683  C CD  . PRO A 1 91  ? 11.736  -12.751 14.667  1.00 21.78  ? 91  PRO X CD  1 
ATOM   684  N N   . GLU A 1 92  ? 14.061  -10.470 12.652  1.00 24.20  ? 92  GLU X N   1 
ATOM   685  C CA  . GLU A 1 92  ? 15.026  -9.990  11.646  1.00 27.72  ? 92  GLU X CA  1 
ATOM   686  C C   . GLU A 1 92  ? 14.368  -8.890  10.769  1.00 27.66  ? 92  GLU X C   1 
ATOM   687  O O   . GLU A 1 92  ? 14.967  -7.813  10.540  1.00 25.80  ? 92  GLU X O   1 
ATOM   688  C CB  . GLU A 1 92  ? 15.505  -11.126 10.705  1.00 31.55  ? 92  GLU X CB  1 
ATOM   689  C CG  . GLU A 1 92  ? 16.413  -12.207 11.309  1.00 37.98  ? 92  GLU X CG  1 
ATOM   690  C CD  . GLU A 1 92  ? 15.687  -13.308 12.095  1.00 39.61  ? 92  GLU X CD  1 
ATOM   691  O OE1 . GLU A 1 92  ? 14.485  -13.160 12.445  1.00 37.13  ? 92  GLU X OE1 1 
ATOM   692  O OE2 . GLU A 1 92  ? 16.356  -14.322 12.422  1.00 38.38  ? 92  GLU X OE2 1 
ATOM   693  N N   . LEU A 1 93  ? 13.111  -9.137  10.376  1.00 22.78  ? 93  LEU X N   1 
ATOM   694  C CA  . LEU A 1 93  ? 12.380  -8.255  9.433   1.00 20.76  ? 93  LEU X CA  1 
ATOM   695  C C   . LEU A 1 93  ? 11.544  -7.160  10.104  1.00 19.61  ? 93  LEU X C   1 
ATOM   696  O O   . LEU A 1 93  ? 11.097  -6.220  9.429   1.00 17.81  ? 93  LEU X O   1 
ATOM   697  C CB  . LEU A 1 93  ? 11.430  -9.136  8.606   1.00 20.35  ? 93  LEU X CB  1 
ATOM   698  C CG  . LEU A 1 93  ? 11.870  -10.143 7.501   1.00 23.68  ? 93  LEU X CG  1 
ATOM   699  C CD1 . LEU A 1 93  ? 11.803  -9.489  6.172   1.00 25.47  ? 93  LEU X CD1 1 
ATOM   700  C CD2 . LEU A 1 93  ? 13.247  -10.717 7.713   1.00 28.00  ? 93  LEU X CD2 1 
ATOM   701  N N   . GLY A 1 94  ? 11.313  -7.206  11.427  1.00 17.05  ? 94  GLY X N   1 
ATOM   702  C CA  . GLY A 1 94  ? 10.390  -6.280  12.095  1.00 19.33  ? 94  GLY X CA  1 
ATOM   703  C C   . GLY A 1 94  ? 10.659  -4.807  11.833  1.00 18.51  ? 94  GLY X C   1 
ATOM   704  O O   . GLY A 1 94  ? 9.782   -4.029  11.495  1.00 16.17  ? 94  GLY X O   1 
ATOM   705  N N   . PRO A 1 95  ? 11.901  -4.385  12.014  1.00 16.47  ? 95  PRO X N   1 
ATOM   706  C CA  . PRO A 1 95  ? 12.190  -2.939  11.899  1.00 16.41  ? 95  PRO X CA  1 
ATOM   707  C C   . PRO A 1 95  ? 11.913  -2.419  10.443  1.00 14.84  ? 95  PRO X C   1 
ATOM   708  O O   . PRO A 1 95  ? 11.459  -1.284  10.261  1.00 14.53  ? 95  PRO X O   1 
ATOM   709  C CB  . PRO A 1 95  ? 13.675  -2.864  12.332  1.00 19.32  ? 95  PRO X CB  1 
ATOM   710  C CG  . PRO A 1 95  ? 13.756  -3.946  13.349  1.00 18.02  ? 95  PRO X CG  1 
ATOM   711  C CD  . PRO A 1 95  ? 12.983  -5.089  12.741  1.00 19.16  ? 95  PRO X CD  1 
ATOM   712  N N   . THR A 1 96  ? 12.190  -3.270  9.477   1.00 14.41  ? 96  THR X N   1 
ATOM   713  C CA  . THR A 1 96  ? 11.956  -2.943  8.061   1.00 16.08  ? 96  THR X CA  1 
ATOM   714  C C   . THR A 1 96  ? 10.442  -2.823  7.813   1.00 13.74  ? 96  THR X C   1 
ATOM   715  O O   . THR A 1 96  ? 9.997   -1.896  7.112   1.00 12.89  ? 96  THR X O   1 
ATOM   716  C CB  . THR A 1 96  ? 12.566  -4.001  7.121   1.00 18.62  ? 96  THR X CB  1 
ATOM   717  O OG1 . THR A 1 96  ? 13.963  -4.160  7.364   1.00 19.35  ? 96  THR X OG1 1 
ATOM   718  C CG2 . THR A 1 96  ? 12.360  -3.608  5.623   1.00 18.50  ? 96  THR X CG2 1 
ATOM   719  N N   . LEU A 1 97  ? 9.670   -3.731  8.378   1.00 14.49  ? 97  LEU X N   1 
ATOM   720  C CA  . LEU A 1 97  ? 8.198   -3.615  8.268   1.00 14.48  ? 97  LEU X CA  1 
ATOM   721  C C   . LEU A 1 97  ? 7.669   -2.382  8.976   1.00 12.89  ? 97  LEU X C   1 
ATOM   722  O O   . LEU A 1 97  ? 6.781   -1.662  8.478   1.00 12.92  ? 97  LEU X O   1 
ATOM   723  C CB  . LEU A 1 97  ? 7.488   -4.872  8.791   1.00 17.12  ? 97  LEU X CB  1 
ATOM   724  C CG  . LEU A 1 97  ? 6.910   -5.873  7.826   1.00 21.98  ? 97  LEU X CG  1 
ATOM   725  C CD1 . LEU A 1 97  ? 6.128   -6.947  8.575   1.00 25.19  ? 97  LEU X CD1 1 
ATOM   726  C CD2 . LEU A 1 97  ? 5.935   -5.214  6.880   1.00 20.14  ? 97  LEU X CD2 1 
ATOM   727  N N   . ASP A 1 98  ? 8.181   -2.093  10.200  1.00 14.44  ? 98  ASP X N   1 
ATOM   728  C CA  . ASP A 1 98  ? 7.823   -0.850  10.903  1.00 15.15  ? 98  ASP X CA  1 
ATOM   729  C C   . ASP A 1 98  ? 8.064   0.445   10.082  1.00 13.97  ? 98  ASP X C   1 
ATOM   730  O O   . ASP A 1 98  ? 7.196   1.339   10.014  1.00 13.17  ? 98  ASP X O   1 
ATOM   731  C CB  . ASP A 1 98  ? 8.561   -0.731  12.254  1.00 19.52  ? 98  ASP X CB  1 
ATOM   732  C CG  . ASP A 1 98  ? 8.061   -1.745  13.299  1.00 23.77  ? 98  ASP X CG  1 
ATOM   733  O OD1 . ASP A 1 98  ? 6.961   -2.359  13.074  1.00 24.93  ? 98  ASP X OD1 1 
ATOM   734  O OD2 . ASP A 1 98  ? 8.758   -1.924  14.367  1.00 25.40  ? 98  ASP X OD2 1 
ATOM   735  N N   . THR A 1 99  ? 9.238   0.550   9.468   1.00 12.38  ? 99  THR X N   1 
ATOM   736  C CA  . THR A 1 99  ? 9.525   1.675   8.569   1.00 13.72  ? 99  THR X CA  1 
ATOM   737  C C   . THR A 1 99  ? 8.536   1.759   7.395   1.00 12.22  ? 99  THR X C   1 
ATOM   738  O O   . THR A 1 99  ? 7.994   2.801   7.084   1.00 13.90  ? 99  THR X O   1 
ATOM   739  C CB  . THR A 1 99  ? 10.995  1.608   8.070   1.00 15.73  ? 99  THR X CB  1 
ATOM   740  O OG1 . THR A 1 99  ? 11.852  1.745   9.248   1.00 16.39  ? 99  THR X OG1 1 
ATOM   741  C CG2 . THR A 1 99  ? 11.265  2.702   7.060   1.00 17.08  ? 99  THR X CG2 1 
ATOM   742  N N   . LEU A 1 100 ? 8.289   0.618   6.766   1.00 11.23  ? 100 LEU X N   1 
ATOM   743  C CA  . LEU A 1 100 ? 7.326   0.589   5.652   1.00 10.26  ? 100 LEU X CA  1 
ATOM   744  C C   . LEU A 1 100 ? 5.964   1.018   6.148   1.00 9.47   ? 100 LEU X C   1 
ATOM   745  O O   . LEU A 1 100 ? 5.336   1.843   5.503   1.00 8.89   ? 100 LEU X O   1 
ATOM   746  C CB  . LEU A 1 100 ? 7.265   -0.823  5.128   1.00 11.06  ? 100 LEU X CB  1 
ATOM   747  C CG  . LEU A 1 100 ? 6.352   -1.122  3.955   1.00 12.34  ? 100 LEU X CG  1 
ATOM   748  C CD1 . LEU A 1 100 ? 6.775   -0.294  2.710   1.00 13.84  ? 100 LEU X CD1 1 
ATOM   749  C CD2 . LEU A 1 100 ? 6.397   -2.582  3.666   1.00 12.43  ? 100 LEU X CD2 1 
ATOM   750  N N   . GLN A 1 101 ? 5.486   0.518   7.301   1.00 9.78   ? 101 GLN X N   1 
ATOM   751  C CA  . GLN A 1 101 ? 4.222   0.993   7.800   1.00 10.82  ? 101 GLN X CA  1 
ATOM   752  C C   . GLN A 1 101 ? 4.161   2.476   8.046   1.00 10.47  ? 101 GLN X C   1 
ATOM   753  O O   . GLN A 1 101 ? 3.133   3.129   7.757   1.00 10.07  ? 101 GLN X O   1 
ATOM   754  C CB  . GLN A 1 101 ? 3.739   0.218   9.084   1.00 10.74  ? 101 GLN X CB  1 
ATOM   755  C CG  . GLN A 1 101 ? 3.319   -1.162  8.859   1.00 11.32  ? 101 GLN X CG  1 
ATOM   756  C CD  . GLN A 1 101 ? 2.483   -1.598  10.028  1.00 14.39  ? 101 GLN X CD  1 
ATOM   757  O OE1 . GLN A 1 101 ? 3.043   -1.836  11.070  1.00 18.71  ? 101 GLN X OE1 1 
ATOM   758  N NE2 . GLN A 1 101 ? 1.167   -1.573  9.897   1.00 15.91  ? 101 GLN X NE2 1 
ATOM   759  N N   . LEU A 1 102 ? 5.190   3.028   8.697   1.00 10.34  ? 102 LEU X N   1 
ATOM   760  C CA  A LEU A 1 102 ? 5.209   4.458   9.007   0.50 11.05  ? 102 LEU X CA  1 
ATOM   761  C CA  B LEU A 1 102 ? 5.217   4.467   8.999   0.50 11.57  ? 102 LEU X CA  1 
ATOM   762  C C   . LEU A 1 102 ? 5.116   5.288   7.716   1.00 10.97  ? 102 LEU X C   1 
ATOM   763  O O   . LEU A 1 102 ? 4.374   6.294   7.638   1.00 11.22  ? 102 LEU X O   1 
ATOM   764  C CB  A LEU A 1 102 ? 6.490   4.774   9.777   0.50 11.21  ? 102 LEU X CB  1 
ATOM   765  C CB  B LEU A 1 102 ? 6.505   4.802   9.748   0.50 12.42  ? 102 LEU X CB  1 
ATOM   766  C CG  A LEU A 1 102 ? 6.534   6.144   10.410  0.50 11.37  ? 102 LEU X CG  1 
ATOM   767  C CG  B LEU A 1 102 ? 6.568   4.167   11.125  0.50 13.16  ? 102 LEU X CG  1 
ATOM   768  C CD1 A LEU A 1 102 ? 5.462   6.158   11.450  0.50 11.41  ? 102 LEU X CD1 1 
ATOM   769  C CD1 B LEU A 1 102 ? 7.959   4.222   11.662  0.50 13.60  ? 102 LEU X CD1 1 
ATOM   770  C CD2 A LEU A 1 102 ? 7.891   6.287   11.062  0.50 11.58  ? 102 LEU X CD2 1 
ATOM   771  C CD2 B LEU A 1 102 ? 5.540   4.825   12.012  0.50 14.89  ? 102 LEU X CD2 1 
ATOM   772  N N   . ASP A 1 103 ? 5.839   4.858   6.668   1.00 10.85  ? 103 ASP X N   1 
ATOM   773  C CA  . ASP A 1 103 ? 5.888   5.607   5.476   1.00 11.67  ? 103 ASP X CA  1 
ATOM   774  C C   . ASP A 1 103 ? 4.573   5.522   4.719   1.00 9.27   ? 103 ASP X C   1 
ATOM   775  O O   . ASP A 1 103 ? 4.141   6.494   4.106   1.00 9.84   ? 103 ASP X O   1 
ATOM   776  C CB  . ASP A 1 103 ? 7.073   5.248   4.636   1.00 12.60  ? 103 ASP X CB  1 
ATOM   777  C CG  . ASP A 1 103 ? 8.406   5.658   5.331   1.00 14.91  ? 103 ASP X CG  1 
ATOM   778  O OD1 . ASP A 1 103 ? 8.388   6.502   6.250   1.00 18.61  ? 103 ASP X OD1 1 
ATOM   779  O OD2 . ASP A 1 103 ? 9.438   5.093   5.033   1.00 14.78  ? 103 ASP X OD2 1 
ATOM   780  N N   . VAL A 1 104 ? 3.946   4.361   4.770   1.00 8.53   ? 104 VAL X N   1 
ATOM   781  C CA  . VAL A 1 104 ? 2.584   4.193   4.222   1.00 9.15   ? 104 VAL X CA  1 
ATOM   782  C C   . VAL A 1 104 ? 1.605   5.118   4.931   1.00 9.32   ? 104 VAL X C   1 
ATOM   783  O O   . VAL A 1 104 ? 0.762   5.792   4.309   1.00 9.89   ? 104 VAL X O   1 
ATOM   784  C CB  . VAL A 1 104 ? 2.083   2.724   4.219   1.00 9.08   ? 104 VAL X CB  1 
ATOM   785  C CG1 . VAL A 1 104 ? 0.607   2.669   3.891   1.00 9.89   ? 104 VAL X CG1 1 
ATOM   786  C CG2 . VAL A 1 104 ? 2.866   1.921   3.282   1.00 9.64   ? 104 VAL X CG2 1 
ATOM   787  N N   . ALA A 1 105 ? 1.649   5.132   6.265   1.00 10.22  ? 105 ALA X N   1 
ATOM   788  C CA  . ALA A 1 105 ? 0.777   6.017   6.988   1.00 10.74  ? 105 ALA X CA  1 
ATOM   789  C C   . ALA A 1 105 ? 0.967   7.508   6.690   1.00 12.24  ? 105 ALA X C   1 
ATOM   790  O O   . ALA A 1 105 ? -0.031  8.264   6.616   1.00 13.32  ? 105 ALA X O   1 
ATOM   791  C CB  . ALA A 1 105 ? 0.952   5.794   8.462   1.00 11.99  ? 105 ALA X CB  1 
ATOM   792  N N   . ASP A 1 106 ? 2.217   7.932   6.576   1.00 11.62  ? 106 ASP X N   1 
ATOM   793  C CA  A ASP A 1 106 ? 2.475   9.324   6.237   0.50 12.78  ? 106 ASP X CA  1 
ATOM   794  C CA  B ASP A 1 106 ? 2.527   9.322   6.206   0.50 13.10  ? 106 ASP X CA  1 
ATOM   795  C C   . ASP A 1 106 ? 1.844   9.684   4.873   1.00 12.45  ? 106 ASP X C   1 
ATOM   796  O O   . ASP A 1 106 ? 1.242   10.720  4.726   1.00 13.40  ? 106 ASP X O   1 
ATOM   797  C CB  A ASP A 1 106 ? 3.952   9.617   6.278   0.50 13.12  ? 106 ASP X CB  1 
ATOM   798  C CB  B ASP A 1 106 ? 4.030   9.564   6.110   0.50 14.10  ? 106 ASP X CB  1 
ATOM   799  C CG  A ASP A 1 106 ? 4.476   9.786   7.690   0.50 13.78  ? 106 ASP X CG  1 
ATOM   800  C CG  B ASP A 1 106 ? 4.370   11.043  5.934   0.50 15.42  ? 106 ASP X CG  1 
ATOM   801  O OD1 A ASP A 1 106 ? 3.710   10.094  8.636   0.50 14.33  ? 106 ASP X OD1 1 
ATOM   802  O OD1 B ASP A 1 106 ? 3.680   11.837  6.585   0.50 18.82  ? 106 ASP X OD1 1 
ATOM   803  O OD2 A ASP A 1 106 ? 5.706   9.695   7.837   0.50 17.19  ? 106 ASP X OD2 1 
ATOM   804  O OD2 B ASP A 1 106 ? 5.286   11.422  5.171   0.50 17.21  ? 106 ASP X OD2 1 
ATOM   805  N N   . PHE A 1 107 ? 1.959   8.791   3.887   1.00 11.63  ? 107 PHE X N   1 
ATOM   806  C CA  . PHE A 1 107 ? 1.362   9.013   2.573   1.00 11.14  ? 107 PHE X CA  1 
ATOM   807  C C   . PHE A 1 107 ? -0.152  9.081   2.625   1.00 11.87  ? 107 PHE X C   1 
ATOM   808  O O   . PHE A 1 107 ? -0.797  9.976   2.061   1.00 12.90  ? 107 PHE X O   1 
ATOM   809  C CB  . PHE A 1 107 ? 1.861   7.902   1.661   1.00 11.86  ? 107 PHE X CB  1 
ATOM   810  C CG  . PHE A 1 107 ? 1.391   7.961   0.235   1.00 10.72  ? 107 PHE X CG  1 
ATOM   811  C CD1 . PHE A 1 107 ? 1.351   9.150   -0.502  1.00 11.82  ? 107 PHE X CD1 1 
ATOM   812  C CD2 . PHE A 1 107 ? 1.047   6.762   -0.411  1.00 11.46  ? 107 PHE X CD2 1 
ATOM   813  C CE1 . PHE A 1 107 ? 0.855   9.121   -1.810  1.00 10.45  ? 107 PHE X CE1 1 
ATOM   814  C CE2 . PHE A 1 107 ? 0.634   6.723   -1.748  1.00 11.66  ? 107 PHE X CE2 1 
ATOM   815  C CZ  . PHE A 1 107 ? 0.501   7.935   -2.442  1.00 10.56  ? 107 PHE X CZ  1 
ATOM   816  N N   . ALA A 1 108 ? -0.729  8.147   3.366   1.00 12.86  ? 108 ALA X N   1 
ATOM   817  C CA  . ALA A 1 108 ? -2.174  8.089   3.506   1.00 13.94  ? 108 ALA X CA  1 
ATOM   818  C C   . ALA A 1 108 ? -2.717  9.367   4.129   1.00 16.30  ? 108 ALA X C   1 
ATOM   819  O O   . ALA A 1 108 ? -3.769  9.818   3.654   1.00 16.30  ? 108 ALA X O   1 
ATOM   820  C CB  . ALA A 1 108 ? -2.553  6.889   4.313   1.00 13.85  ? 108 ALA X CB  1 
ATOM   821  N N   . THR A 1 109 ? -2.010  9.972   5.108   1.00 15.36  ? 109 THR X N   1 
ATOM   822  C CA  . THR A 1 109 ? -2.366  11.214  5.725   1.00 16.94  ? 109 THR X CA  1 
ATOM   823  C C   . THR A 1 109 ? -2.421  12.348  4.707   1.00 15.99  ? 109 THR X C   1 
ATOM   824  O O   . THR A 1 109 ? -3.388  13.097  4.712   1.00 15.83  ? 109 THR X O   1 
ATOM   825  C CB  . THR A 1 109 ? -1.400  11.616  6.877   1.00 21.27  ? 109 THR X CB  1 
ATOM   826  O OG1 . THR A 1 109 ? -1.496  10.650  7.919   1.00 25.42  ? 109 THR X OG1 1 
ATOM   827  C CG2 . THR A 1 109 ? -1.749  12.970  7.483   1.00 25.52  ? 109 THR X CG2 1 
ATOM   828  N N   . THR A 1 110 ? -1.390  12.440  3.862   1.00 13.58  ? 110 THR X N   1 
ATOM   829  C CA  . THR A 1 110 ? -1.297  13.447  2.833   1.00 15.45  ? 110 THR X CA  1 
ATOM   830  C C   . THR A 1 110 ? -2.455  13.294  1.867   1.00 14.40  ? 110 THR X C   1 
ATOM   831  O O   . THR A 1 110 ? -3.029  14.316  1.446   1.00 13.44  ? 110 THR X O   1 
ATOM   832  C CB  . THR A 1 110 ? 0.037   13.286  2.076   1.00 17.77  ? 110 THR X CB  1 
ATOM   833  O OG1 . THR A 1 110 ? 1.092   13.470  3.025   1.00 18.10  ? 110 THR X OG1 1 
ATOM   834  C CG2 . THR A 1 110 ? 0.193   14.298  0.980   1.00 19.91  ? 110 THR X CG2 1 
ATOM   835  N N   . ILE A 1 111 ? -2.759  12.045  1.474   1.00 12.39  ? 111 ILE X N   1 
ATOM   836  C CA  . ILE A 1 111 ? -3.867  11.807  0.550   1.00 13.16  ? 111 ILE X CA  1 
ATOM   837  C C   . ILE A 1 111 ? -5.185  12.243  1.198   1.00 13.65  ? 111 ILE X C   1 
ATOM   838  O O   . ILE A 1 111 ? -6.015  12.895  0.562   1.00 13.66  ? 111 ILE X O   1 
ATOM   839  C CB  . ILE A 1 111 ? -3.951  10.351  0.105   1.00 13.07  ? 111 ILE X CB  1 
ATOM   840  C CG1 . ILE A 1 111 ? -2.696  9.891   -0.719  1.00 14.54  ? 111 ILE X CG1 1 
ATOM   841  C CG2 . ILE A 1 111 ? -5.219  10.056  -0.712  1.00 13.42  ? 111 ILE X CG2 1 
ATOM   842  C CD1 . ILE A 1 111 ? -2.297  10.740  -1.935  1.00 17.52  ? 111 ILE X CD1 1 
ATOM   843  N N   . TRP A 1 112 ? -5.385  11.830  2.443   1.00 14.23  ? 112 TRP X N   1 
ATOM   844  C CA  . TRP A 1 112 ? -6.663  12.142  3.094   1.00 15.49  ? 112 TRP X CA  1 
ATOM   845  C C   . TRP A 1 112 ? -6.886  13.664  3.239   1.00 15.78  ? 112 TRP X C   1 
ATOM   846  O O   . TRP A 1 112 ? -8.004  14.140  3.041   1.00 16.79  ? 112 TRP X O   1 
ATOM   847  C CB  . TRP A 1 112 ? -6.717  11.466  4.458   1.00 20.09  ? 112 TRP X CB  1 
ATOM   848  C CG  . TRP A 1 112 ? -8.026  11.497  5.196   1.00 22.60  ? 112 TRP X CG  1 
ATOM   849  C CD1 . TRP A 1 112 ? -8.323  12.252  6.265   1.00 26.96  ? 112 TRP X CD1 1 
ATOM   850  C CD2 . TRP A 1 112 ? -9.177  10.685  4.936   1.00 26.51  ? 112 TRP X CD2 1 
ATOM   851  N NE1 . TRP A 1 112 ? -9.618  11.995  6.701   1.00 27.43  ? 112 TRP X NE1 1 
ATOM   852  C CE2 . TRP A 1 112 ? -10.172 11.050  5.887   1.00 28.36  ? 112 TRP X CE2 1 
ATOM   853  C CE3 . TRP A 1 112 ? -9.487  9.719   3.958   1.00 29.89  ? 112 TRP X CE3 1 
ATOM   854  C CZ2 . TRP A 1 112 ? -11.450 10.440  5.929   1.00 30.51  ? 112 TRP X CZ2 1 
ATOM   855  C CZ3 . TRP A 1 112 ? -10.763 9.131   3.974   1.00 33.70  ? 112 TRP X CZ3 1 
ATOM   856  C CH2 . TRP A 1 112 ? -11.737 9.509   4.953   1.00 34.33  ? 112 TRP X CH2 1 
ATOM   857  N N   . GLN A 1 113 ? -5.850  14.400  3.581   1.00 15.09  ? 113 GLN X N   1 
ATOM   858  C CA  . GLN A 1 113 ? -5.953  15.870  3.705   1.00 18.42  ? 113 GLN X CA  1 
ATOM   859  C C   . GLN A 1 113 ? -6.337  16.528  2.344   1.00 17.73  ? 113 GLN X C   1 
ATOM   860  O O   . GLN A 1 113 ? -7.192  17.456  2.277   1.00 15.87  ? 113 GLN X O   1 
ATOM   861  C CB  . GLN A 1 113 ? -4.666  16.463  4.108   1.00 22.89  ? 113 GLN X CB  1 
ATOM   862  C CG  . GLN A 1 113 ? -4.084  16.123  5.467   1.00 28.33  ? 113 GLN X CG  1 
ATOM   863  C CD  . GLN A 1 113 ? -2.776  16.893  5.662   1.00 38.07  ? 113 GLN X CD  1 
ATOM   864  O OE1 . GLN A 1 113 ? -2.445  17.827  4.862   1.00 40.95  ? 113 GLN X OE1 1 
ATOM   865  N NE2 . GLN A 1 113 ? -2.035  16.546  6.715   1.00 45.61  ? 113 GLN X NE2 1 
ATOM   866  N N   . GLN A 1 114 ? -5.777  16.007  1.241   1.00 15.36  ? 114 GLN X N   1 
ATOM   867  C CA  . GLN A 1 114 ? -6.086  16.537  -0.070  1.00 15.73  ? 114 GLN X CA  1 
ATOM   868  C C   . GLN A 1 114 ? -7.520  16.196  -0.458  1.00 15.74  ? 114 GLN X C   1 
ATOM   869  O O   . GLN A 1 114 ? -8.238  17.025  -1.011  1.00 16.00  ? 114 GLN X O   1 
ATOM   870  C CB  . GLN A 1 114 ? -5.052  16.062  -1.096  1.00 17.01  ? 114 GLN X CB  1 
ATOM   871  C CG  . GLN A 1 114 ? -5.158  16.626  -2.475  1.00 18.32  ? 114 GLN X CG  1 
ATOM   872  C CD  . GLN A 1 114 ? -4.980  18.117  -2.555  1.00 20.60  ? 114 GLN X CD  1 
ATOM   873  O OE1 . GLN A 1 114 ? -5.593  18.734  -3.383  1.00 25.55  ? 114 GLN X OE1 1 
ATOM   874  N NE2 . GLN A 1 114 ? -4.250  18.679  -1.657  1.00 23.93  ? 114 GLN X NE2 1 
ATOM   875  N N   . MET A 1 115 ? -7.974  14.976  -0.159  1.00 17.60  ? 115 MET X N   1 
ATOM   876  C CA  . MET A 1 115 ? -9.385  14.607  -0.400  1.00 17.69  ? 115 MET X CA  1 
ATOM   877  C C   . MET A 1 115 ? -10.344 15.532  0.341   1.00 18.89  ? 115 MET X C   1 
ATOM   878  O O   . MET A 1 115 ? -11.425 15.861  -0.210  1.00 18.78  ? 115 MET X O   1 
ATOM   879  C CB  . MET A 1 115 ? -9.673  13.172  0.075   1.00 19.28  ? 115 MET X CB  1 
ATOM   880  C CG  . MET A 1 115 ? -9.061  12.133  -0.784  1.00 22.57  ? 115 MET X CG  1 
ATOM   881  S SD  . MET A 1 115 ? -9.044  10.575  0.139   1.00 25.42  ? 115 MET X SD  1 
ATOM   882  C CE  . MET A 1 115 ? -10.825 10.354  0.354   1.00 26.22  ? 115 MET X CE  1 
ATOM   883  N N   . GLU A 1 116 ? -9.998  15.924  1.566   1.00 20.41  ? 116 GLU X N   1 
ATOM   884  C CA  . GLU A 1 116 ? -10.859 16.841  2.320   1.00 22.02  ? 116 GLU X CA  1 
ATOM   885  C C   . GLU A 1 116 ? -10.939 18.159  1.535   1.00 20.44  ? 116 GLU X C   1 
ATOM   886  O O   . GLU A 1 116 ? -12.047 18.724  1.381   1.00 20.42  ? 116 GLU X O   1 
ATOM   887  C CB  . GLU A 1 116 ? -10.421 17.105  3.782   1.00 26.41  ? 116 GLU X CB  1 
ATOM   888  C CG  . GLU A 1 116 ? -11.481 17.925  4.573   1.00 32.66  ? 116 GLU X CG  1 
ATOM   889  C CD  . GLU A 1 116 ? -11.129 18.309  6.026   1.00 41.68  ? 116 GLU X CD  1 
ATOM   890  O OE1 . GLU A 1 116 ? -9.936  18.206  6.448   1.00 42.02  ? 116 GLU X OE1 1 
ATOM   891  O OE2 . GLU A 1 116 ? -12.074 18.735  6.760   1.00 45.46  ? 116 GLU X OE2 1 
ATOM   892  N N   . GLU A 1 117 ? -9.799  18.650  1.045   1.00 19.28  ? 117 GLU X N   1 
ATOM   893  C CA  . GLU A 1 117 ? -9.799  19.953  0.366   1.00 18.18  ? 117 GLU X CA  1 
ATOM   894  C C   . GLU A 1 117 ? -10.612 19.902  -0.900  1.00 19.58  ? 117 GLU X C   1 
ATOM   895  O O   . GLU A 1 117 ? -11.334 20.855  -1.231  1.00 19.08  ? 117 GLU X O   1 
ATOM   896  C CB  . GLU A 1 117 ? -8.410  20.412  0.007   1.00 20.34  ? 117 GLU X CB  1 
ATOM   897  C CG  . GLU A 1 117 ? -7.604  20.747  1.190   1.00 23.09  ? 117 GLU X CG  1 
ATOM   898  C CD  . GLU A 1 117 ? -6.326  21.466  0.858   1.00 28.74  ? 117 GLU X CD  1 
ATOM   899  O OE1 . GLU A 1 117 ? -6.056  21.823  -0.326  1.00 24.73  ? 117 GLU X OE1 1 
ATOM   900  O OE2 . GLU A 1 117 ? -5.586  21.616  1.839   1.00 32.81  ? 117 GLU X OE2 1 
ATOM   901  N N   . LEU A 1 118 ? -10.533 18.773  -1.615  1.00 18.50  ? 118 LEU X N   1 
ATOM   902  C CA  . LEU A 1 118 ? -11.221 18.632  -2.869  1.00 21.37  ? 118 LEU X CA  1 
ATOM   903  C C   . LEU A 1 118 ? -12.728 18.452  -2.694  1.00 23.78  ? 118 LEU X C   1 
ATOM   904  O O   . LEU A 1 118 ? -13.478 18.824  -3.591  1.00 32.24  ? 118 LEU X O   1 
ATOM   905  C CB  . LEU A 1 118 ? -10.685 17.455  -3.649  1.00 19.98  ? 118 LEU X CB  1 
ATOM   906  C CG  . LEU A 1 118 ? -9.245  17.664  -4.098  1.00 20.41  ? 118 LEU X CG  1 
ATOM   907  C CD1 . LEU A 1 118 ? -8.631  16.355  -4.565  1.00 19.22  ? 118 LEU X CD1 1 
ATOM   908  C CD2 . LEU A 1 118 ? -9.150  18.759  -5.154  1.00 21.69  ? 118 LEU X CD2 1 
ATOM   909  N N   . GLY A 1 119 ? -13.173 17.914  -1.561  1.00 23.09  ? 119 GLY X N   1 
ATOM   910  C CA  . GLY A 1 119 ? -14.576 17.835  -1.282  1.00 26.87  ? 119 GLY X CA  1 
ATOM   911  C C   . GLY A 1 119 ? -14.952 16.395  -1.485  1.00 30.68  ? 119 GLY X C   1 
ATOM   912  O O   . GLY A 1 119 ? -15.048 15.913  -2.612  1.00 38.52  ? 119 GLY X O   1 
ATOM   913  N N   . MET A 1 120 ? -15.131 15.713  -0.378  1.00 32.57  ? 120 MET X N   1 
ATOM   914  C CA  . MET A 1 120 ? -15.358 14.273  -0.341  1.00 32.00  ? 120 MET X CA  1 
ATOM   915  C C   . MET A 1 120 ? -16.582 14.037  0.550   1.00 27.12  ? 120 MET X C   1 
ATOM   916  O O   . MET A 1 120 ? -16.835 14.790  1.505   1.00 28.99  ? 120 MET X O   1 
ATOM   917  C CB  . MET A 1 120 ? -14.109 13.601  0.251   1.00 39.35  ? 120 MET X CB  1 
ATOM   918  C CG  . MET A 1 120 ? -14.076 12.087  0.137   1.00 44.97  ? 120 MET X CG  1 
ATOM   919  S SD  . MET A 1 120 ? -14.445 11.406  -1.505  1.00 53.57  ? 120 MET X SD  1 
ATOM   920  C CE  . MET A 1 120 ? -14.901 9.741   -0.999  1.00 59.69  ? 120 MET X CE  1 
ATOM   921  N N   . ALA A 1 121 ? -17.374 13.019  0.222   1.00 20.86  ? 121 ALA X N   1 
ATOM   922  C CA  . ALA A 1 121 ? -18.420 12.588  1.154   1.00 19.64  ? 121 ALA X CA  1 
ATOM   923  C C   . ALA A 1 121 ? -17.753 12.123  2.439   1.00 17.35  ? 121 ALA X C   1 
ATOM   924  O O   . ALA A 1 121 ? -16.697 11.426  2.412   1.00 19.30  ? 121 ALA X O   1 
ATOM   925  C CB  . ALA A 1 121 ? -19.214 11.437  0.566   1.00 18.45  ? 121 ALA X CB  1 
ATOM   926  N N   . PRO A 1 122 ? -18.391 12.428  3.568   1.00 20.14  ? 122 PRO X N   1 
ATOM   927  C CA  . PRO A 1 122 ? -17.765 12.026  4.832   1.00 22.10  ? 122 PRO X CA  1 
ATOM   928  C C   . PRO A 1 122 ? -17.712 10.496  4.974   1.00 19.48  ? 122 PRO X C   1 
ATOM   929  O O   . PRO A 1 122 ? -18.608 9.793   4.504   1.00 20.88  ? 122 PRO X O   1 
ATOM   930  C CB  . PRO A 1 122 ? -18.696 12.651  5.901   1.00 24.16  ? 122 PRO X CB  1 
ATOM   931  C CG  . PRO A 1 122 ? -19.394 13.780  5.200   1.00 22.94  ? 122 PRO X CG  1 
ATOM   932  C CD  . PRO A 1 122 ? -19.565 13.289  3.788   1.00 23.76  ? 122 PRO X CD  1 
ATOM   933  N N   . ALA A 1 123 ? -16.654 10.010  5.618   1.00 20.71  ? 123 ALA X N   1 
ATOM   934  C CA  . ALA A 1 123 ? -16.560 8.624   5.997   1.00 20.96  ? 123 ALA X CA  1 
ATOM   935  C C   . ALA A 1 123 ? -17.702 8.196   6.920   1.00 20.33  ? 123 ALA X C   1 
ATOM   936  O O   . ALA A 1 123 ? -18.189 8.998   7.755   1.00 19.48  ? 123 ALA X O   1 
ATOM   937  C CB  . ALA A 1 123 ? -15.218 8.370   6.673   1.00 19.57  ? 123 ALA X CB  1 
ATOM   938  N N   . LEU A 1 124 ? -18.144 6.948   6.761   1.00 18.41  ? 124 LEU X N   1 
ATOM   939  C CA  . LEU A 1 124 ? -19.165 6.383   7.630   1.00 18.97  ? 124 LEU X CA  1 
ATOM   940  C C   . LEU A 1 124 ? -18.530 5.931   8.929   1.00 17.53  ? 124 LEU X C   1 
ATOM   941  O O   . LEU A 1 124 ? -17.300 5.886   9.067   1.00 19.32  ? 124 LEU X O   1 
ATOM   942  C CB  . LEU A 1 124 ? -19.810 5.159   6.964   1.00 21.17  ? 124 LEU X CB  1 
ATOM   943  C CG  . LEU A 1 124 ? -20.678 5.421   5.726   1.00 23.69  ? 124 LEU X CG  1 
ATOM   944  C CD1 . LEU A 1 124 ? -20.025 6.108   4.562   1.00 29.54  ? 124 LEU X CD1 1 
ATOM   945  C CD2 . LEU A 1 124 ? -21.186 4.077   5.275   1.00 23.41  ? 124 LEU X CD2 1 
ATOM   946  N N   . GLN A 1 125 ? -19.386 5.622   9.891   1.00 17.08  ? 125 GLN X N   1 
ATOM   947  C CA  . GLN A 1 125 ? -18.929 5.103   11.150  1.00 16.42  ? 125 GLN X CA  1 
ATOM   948  C C   . GLN A 1 125 ? -18.068 3.833   10.884  1.00 15.89  ? 125 GLN X C   1 
ATOM   949  O O   . GLN A 1 125 ? -18.497 2.930   10.146  1.00 15.16  ? 125 GLN X O   1 
ATOM   950  C CB  . GLN A 1 125 ? -20.100 4.797   12.051  1.00 17.95  ? 125 GLN X CB  1 
ATOM   951  C CG  . GLN A 1 125 ? -19.707 4.121   13.346  1.00 21.45  ? 125 GLN X CG  1 
ATOM   952  C CD  . GLN A 1 125 ? -20.529 4.552   14.520  1.00 22.94  ? 125 GLN X CD  1 
ATOM   953  O OE1 . GLN A 1 125 ? -21.414 5.432   14.399  1.00 25.03  ? 125 GLN X OE1 1 
ATOM   954  N NE2 . GLN A 1 125 ? -20.211 3.981   15.662  1.00 19.99  ? 125 GLN X NE2 1 
ATOM   955  N N   . PRO A 1 126 ? -16.877 3.787   11.473  1.00 15.14  ? 126 PRO X N   1 
ATOM   956  C CA  . PRO A 1 126 ? -16.061 2.613   11.253  1.00 14.60  ? 126 PRO X CA  1 
ATOM   957  C C   . PRO A 1 126 ? -16.522 1.366   12.003  1.00 15.07  ? 126 PRO X C   1 
ATOM   958  O O   . PRO A 1 126 ? -17.331 1.408   12.976  1.00 15.66  ? 126 PRO X O   1 
ATOM   959  C CB  . PRO A 1 126 ? -14.649 3.032   11.704  1.00 16.35  ? 126 PRO X CB  1 
ATOM   960  C CG  . PRO A 1 126 ? -14.910 4.122   12.664  1.00 17.26  ? 126 PRO X CG  1 
ATOM   961  C CD  . PRO A 1 126 ? -16.182 4.815   12.292  1.00 15.94  ? 126 PRO X CD  1 
ATOM   962  N N   . THR A 1 127 ? -15.960 0.261   11.508  1.00 15.84  ? 127 THR X N   1 
ATOM   963  C CA  . THR A 1 127 ? -16.310 -1.068  11.973  1.00 18.34  ? 127 THR X CA  1 
ATOM   964  C C   . THR A 1 127 ? -15.041 -1.869  11.985  1.00 17.24  ? 127 THR X C   1 
ATOM   965  O O   . THR A 1 127 ? -14.154 -1.548  11.196  1.00 17.23  ? 127 THR X O   1 
ATOM   966  C CB  . THR A 1 127 ? -17.173 -1.748  10.838  1.00 23.47  ? 127 THR X CB  1 
ATOM   967  O OG1 . THR A 1 127 ? -16.401 -1.721  9.622   1.00 26.83  ? 127 THR X OG1 1 
ATOM   968  C CG2 . THR A 1 127 ? -18.427 -1.011  10.619  1.00 28.53  ? 127 THR X CG2 1 
ATOM   969  N N   . GLN A 1 128 ? -14.926 -2.876  12.849  1.00 15.21  ? 128 GLN X N   1 
ATOM   970  C CA  . GLN A 1 128 ? -13.749 -3.747  12.768  1.00 16.29  ? 128 GLN X CA  1 
ATOM   971  C C   . GLN A 1 128 ? -13.857 -4.537  11.495  1.00 18.56  ? 128 GLN X C   1 
ATOM   972  O O   . GLN A 1 128 ? -14.995 -4.728  10.972  1.00 20.01  ? 128 GLN X O   1 
ATOM   973  C CB  . GLN A 1 128 ? -13.665 -4.712  13.931  1.00 16.94  ? 128 GLN X CB  1 
ATOM   974  C CG  . GLN A 1 128 ? -13.404 -4.020  15.279  1.00 17.26  ? 128 GLN X CG  1 
ATOM   975  C CD  . GLN A 1 128 ? -13.239 -5.050  16.352  1.00 18.46  ? 128 GLN X CD  1 
ATOM   976  O OE1 . GLN A 1 128 ? -14.193 -5.454  16.990  1.00 21.30  ? 128 GLN X OE1 1 
ATOM   977  N NE2 . GLN A 1 128 ? -12.020 -5.574  16.460  1.00 19.31  ? 128 GLN X NE2 1 
ATOM   978  N N   . GLY A 1 129 ? -12.710 -4.902  10.969  1.00 17.72  ? 129 GLY X N   1 
ATOM   979  C CA  . GLY A 1 129 ? -12.653 -5.751  9.773   1.00 18.59  ? 129 GLY X CA  1 
ATOM   980  C C   . GLY A 1 129 ? -12.047 -7.110  10.062  1.00 18.78  ? 129 GLY X C   1 
ATOM   981  O O   . GLY A 1 129 ? -11.729 -7.459  11.201  1.00 20.42  ? 129 GLY X O   1 
ATOM   982  N N   . ALA A 1 130 ? -11.827 -7.842  8.987   1.00 17.34  ? 130 ALA X N   1 
ATOM   983  C CA  . ALA A 1 130 ? -11.266 -9.212  9.076   1.00 18.54  ? 130 ALA X CA  1 
ATOM   984  C C   . ALA A 1 130 ? -9.844  -9.107  8.620   1.00 18.44  ? 130 ALA X C   1 
ATOM   985  O O   . ALA A 1 130 ? -9.464  -8.155  7.949   1.00 21.43  ? 130 ALA X O   1 
ATOM   986  C CB  . ALA A 1 130 ? -12.054 -10.158 8.155   1.00 18.46  ? 130 ALA X CB  1 
ATOM   987  N N   . MET A 1 131 ? -9.032  -10.098 8.946   1.00 16.02  ? 131 MET X N   1 
ATOM   988  C CA  . MET A 1 131 ? -7.644  -10.064 8.467   1.00 15.50  ? 131 MET X CA  1 
ATOM   989  C C   . MET A 1 131 ? -7.269  -11.382 7.840   1.00 14.03  ? 131 MET X C   1 
ATOM   990  O O   . MET A 1 131 ? -7.912  -12.402 8.126   1.00 12.96  ? 131 MET X O   1 
ATOM   991  C CB  . MET A 1 131 ? -6.708  -9.746  9.613   1.00 19.10  ? 131 MET X CB  1 
ATOM   992  C CG  . MET A 1 131 ? -6.831  -10.645 10.784  1.00 24.15  ? 131 MET X CG  1 
ATOM   993  S SD  . MET A 1 131 ? -6.037  -9.890  12.254  1.00 30.36  ? 131 MET X SD  1 
ATOM   994  C CE  . MET A 1 131 ? -6.330  -11.310 13.272  1.00 27.47  ? 131 MET X CE  1 
ATOM   995  N N   . PRO A 1 132 ? -6.247  -11.403 7.000   1.00 12.97  ? 132 PRO X N   1 
ATOM   996  C CA  . PRO A 1 132 ? -5.663  -12.705 6.616   1.00 14.07  ? 132 PRO X CA  1 
ATOM   997  C C   . PRO A 1 132 ? -5.081  -13.451 7.786   1.00 13.66  ? 132 PRO X C   1 
ATOM   998  O O   . PRO A 1 132 ? -4.688  -12.846 8.779   1.00 13.61  ? 132 PRO X O   1 
ATOM   999  C CB  . PRO A 1 132 ? -4.495  -12.333 5.690   1.00 14.94  ? 132 PRO X CB  1 
ATOM   1000 C CG  . PRO A 1 132 ? -4.235  -10.929 5.914   1.00 14.99  ? 132 PRO X CG  1 
ATOM   1001 C CD  . PRO A 1 132 ? -5.491  -10.284 6.389   1.00 14.02  ? 132 PRO X CD  1 
ATOM   1002 N N   . ALA A 1 133 ? -5.074  -14.779 7.664   1.00 15.13  ? 133 ALA X N   1 
ATOM   1003 C CA  . ALA A 1 133 ? -4.535  -15.616 8.713   1.00 16.25  ? 133 ALA X CA  1 
ATOM   1004 C C   . ALA A 1 133 ? -3.334  -16.262 8.211   1.00 18.39  ? 133 ALA X C   1 
ATOM   1005 O O   . ALA A 1 133 ? -3.410  -16.935 7.208   1.00 19.51  ? 133 ALA X O   1 
ATOM   1006 C CB  . ALA A 1 133 ? -5.513  -16.706 9.084   1.00 18.13  ? 133 ALA X CB  1 
ATOM   1007 N N   . PHE A 1 134 ? -2.235  -16.122 8.925   1.00 19.35  ? 134 PHE X N   1 
ATOM   1008 C CA  . PHE A 1 134 ? -1.010  -16.852 8.571   1.00 21.10  ? 134 PHE X CA  1 
ATOM   1009 C C   . PHE A 1 134 ? -0.851  -18.080 9.535   1.00 23.65  ? 134 PHE X C   1 
ATOM   1010 O O   . PHE A 1 134 ? -0.762  -17.939 10.741  1.00 30.67  ? 134 PHE X O   1 
ATOM   1011 C CB  . PHE A 1 134 ? 0.096   -15.847 8.583   1.00 19.88  ? 134 PHE X CB  1 
ATOM   1012 C CG  . PHE A 1 134 ? -0.132  -14.667 7.676   1.00 19.31  ? 134 PHE X CG  1 
ATOM   1013 C CD1 . PHE A 1 134 ? -0.014  -14.808 6.276   1.00 19.96  ? 134 PHE X CD1 1 
ATOM   1014 C CD2 . PHE A 1 134 ? -0.495  -13.401 8.171   1.00 19.60  ? 134 PHE X CD2 1 
ATOM   1015 C CE1 . PHE A 1 134 ? -0.278  -13.746 5.415   1.00 19.21  ? 134 PHE X CE1 1 
ATOM   1016 C CE2 . PHE A 1 134 ? -0.695  -12.322 7.299   1.00 17.78  ? 134 PHE X CE2 1 
ATOM   1017 C CZ  . PHE A 1 134 ? -0.613  -12.507 5.912   1.00 18.85  ? 134 PHE X CZ  1 
ATOM   1018 N N   . ALA A 1 135 ? -0.944  -19.288 9.032   1.00 24.97  ? 135 ALA X N   1 
ATOM   1019 C CA  . ALA A 1 135 ? -0.953  -20.466 9.920   1.00 22.61  ? 135 ALA X CA  1 
ATOM   1020 C C   . ALA A 1 135 ? 0.479   -20.848 10.444  1.00 25.37  ? 135 ALA X C   1 
ATOM   1021 O O   . ALA A 1 135 ? 0.604   -21.797 11.212  1.00 26.28  ? 135 ALA X O   1 
ATOM   1022 C CB  . ALA A 1 135 ? -1.601  -21.633 9.235   1.00 25.81  ? 135 ALA X CB  1 
ATOM   1023 N N   . SER A 1 136 ? 1.524   -20.134 9.997   1.00 24.24  ? 136 SER X N   1 
ATOM   1024 C CA  . SER A 1 136 ? 2.924   -20.462 10.301  1.00 21.85  ? 136 SER X CA  1 
ATOM   1025 C C   . SER A 1 136 ? 3.879   -19.330 9.989   1.00 21.84  ? 136 SER X C   1 
ATOM   1026 O O   . SER A 1 136 ? 3.501   -18.328 9.316   1.00 20.89  ? 136 SER X O   1 
ATOM   1027 C CB  . SER A 1 136 ? 3.310   -21.736 9.520   1.00 20.19  ? 136 SER X CB  1 
ATOM   1028 O OG  . SER A 1 136 ? 3.445   -21.427 8.118   1.00 18.73  ? 136 SER X OG  1 
ATOM   1029 N N   . ALA A 1 137 ? 5.095   -19.462 10.516  1.00 18.00  ? 137 ALA X N   1 
ATOM   1030 C CA  . ALA A 1 137 ? 6.240   -18.564 10.232  1.00 18.92  ? 137 ALA X CA  1 
ATOM   1031 C C   . ALA A 1 137 ? 6.400   -18.482 8.690   1.00 17.80  ? 137 ALA X C   1 
ATOM   1032 O O   . ALA A 1 137 ? 6.611   -17.421 8.135   1.00 18.10  ? 137 ALA X O   1 
ATOM   1033 C CB  . ALA A 1 137 ? 7.527   -19.082 10.833  1.00 19.16  ? 137 ALA X CB  1 
ATOM   1034 N N   . PHE A 1 138 ? 6.302   -19.648 8.048   1.00 17.05  ? 138 PHE X N   1 
ATOM   1035 C CA  . PHE A 1 138 ? 6.524   -19.730 6.594   1.00 16.97  ? 138 PHE X CA  1 
ATOM   1036 C C   . PHE A 1 138 ? 5.412   -18.961 5.858   1.00 16.95  ? 138 PHE X C   1 
ATOM   1037 O O   . PHE A 1 138 ? 5.676   -18.129 4.931   1.00 15.17  ? 138 PHE X O   1 
ATOM   1038 C CB  . PHE A 1 138 ? 6.625   -21.175 6.094   1.00 18.94  ? 138 PHE X CB  1 
ATOM   1039 C CG  . PHE A 1 138 ? 6.684   -21.269 4.600   1.00 18.41  ? 138 PHE X CG  1 
ATOM   1040 C CD1 . PHE A 1 138 ? 5.542   -21.293 3.855   1.00 21.09  ? 138 PHE X CD1 1 
ATOM   1041 C CD2 . PHE A 1 138 ? 7.899   -21.168 3.934   1.00 22.83  ? 138 PHE X CD2 1 
ATOM   1042 C CE1 . PHE A 1 138 ? 5.566   -21.279 2.452   1.00 24.38  ? 138 PHE X CE1 1 
ATOM   1043 C CE2 . PHE A 1 138 ? 7.953   -21.235 2.516   1.00 20.83  ? 138 PHE X CE2 1 
ATOM   1044 C CZ  . PHE A 1 138 ? 6.774   -21.290 1.789   1.00 21.54  ? 138 PHE X CZ  1 
ATOM   1045 N N   . GLN A 1 139 ? 4.166   -19.194 6.268   1.00 17.09  ? 139 GLN X N   1 
ATOM   1046 C CA  . GLN A 1 139 ? 3.068   -18.414 5.657   1.00 18.85  ? 139 GLN X CA  1 
ATOM   1047 C C   . GLN A 1 139 ? 3.172   -16.895 5.877   1.00 16.23  ? 139 GLN X C   1 
ATOM   1048 O O   . GLN A 1 139 ? 2.743   -16.120 5.011   1.00 15.42  ? 139 GLN X O   1 
ATOM   1049 C CB  . GLN A 1 139 ? 1.720   -18.870 6.148   1.00 19.34  ? 139 GLN X CB  1 
ATOM   1050 C CG  . GLN A 1 139 ? 1.315   -20.208 5.629   1.00 20.77  ? 139 GLN X CG  1 
ATOM   1051 C CD  . GLN A 1 139 ? -0.199  -20.467 5.685   1.00 24.32  ? 139 GLN X CD  1 
ATOM   1052 O OE1 . GLN A 1 139 ? -0.974  -19.737 6.311   1.00 23.15  ? 139 GLN X OE1 1 
ATOM   1053 N NE2 . GLN A 1 139 ? -0.624  -21.483 4.962   1.00 24.69  ? 139 GLN X NE2 1 
ATOM   1054 N N   . ARG A 1 140 ? 3.681   -16.471 7.016   1.00 16.68  ? 140 ARG X N   1 
ATOM   1055 C CA  . ARG A 1 140 ? 3.927   -15.037 7.304   1.00 18.96  ? 140 ARG X CA  1 
ATOM   1056 C C   . ARG A 1 140 ? 4.969   -14.464 6.371   1.00 16.18  ? 140 ARG X C   1 
ATOM   1057 O O   . ARG A 1 140 ? 4.873   -13.351 5.873   1.00 16.78  ? 140 ARG X O   1 
ATOM   1058 C CB  . ARG A 1 140 ? 4.467   -14.777 8.722   1.00 21.74  ? 140 ARG X CB  1 
ATOM   1059 C CG  . ARG A 1 140 ? 3.541   -14.091 9.631   1.00 23.51  ? 140 ARG X CG  1 
ATOM   1060 C CD  . ARG A 1 140 ? 3.956   -14.179 11.100  1.00 23.45  ? 140 ARG X CD  1 
ATOM   1061 N NE  . ARG A 1 140 ? 2.732   -14.365 11.831  1.00 29.21  ? 140 ARG X NE  1 
ATOM   1062 C CZ  . ARG A 1 140 ? 2.476   -14.018 13.101  1.00 45.15  ? 140 ARG X CZ  1 
ATOM   1063 N NH1 . ARG A 1 140 ? 1.236   -14.237 13.547  1.00 45.68  ? 140 ARG X NH1 1 
ATOM   1064 N NH2 . ARG A 1 140 ? 3.407   -13.495 13.948  1.00 46.92  ? 140 ARG X NH2 1 
ATOM   1065 N N   . ARG A 1 141 ? 6.020   -15.233 6.198   1.00 14.41  ? 141 ARG X N   1 
ATOM   1066 C CA  . ARG A 1 141 ? 7.154   -14.841 5.379   1.00 13.42  ? 141 ARG X CA  1 
ATOM   1067 C C   . ARG A 1 141 ? 6.730   -14.787 3.881   1.00 11.75  ? 141 ARG X C   1 
ATOM   1068 O O   . ARG A 1 141 ? 6.949   -13.800 3.224   1.00 12.79  ? 141 ARG X O   1 
ATOM   1069 C CB  . ARG A 1 141 ? 8.328   -15.790 5.570   1.00 15.01  ? 141 ARG X CB  1 
ATOM   1070 C CG  . ARG A 1 141 ? 8.943   -15.738 6.970   1.00 16.88  ? 141 ARG X CG  1 
ATOM   1071 C CD  . ARG A 1 141 ? 9.705   -17.038 7.248   1.00 20.93  ? 141 ARG X CD  1 
ATOM   1072 N NE  . ARG A 1 141 ? 10.141  -17.088 8.647   1.00 23.05  ? 141 ARG X NE  1 
ATOM   1073 C CZ  . ARG A 1 141 ? 10.820  -18.101 9.175   1.00 26.97  ? 141 ARG X CZ  1 
ATOM   1074 N NH1 . ARG A 1 141 ? 11.119  -19.178 8.452   1.00 26.68  ? 141 ARG X NH1 1 
ATOM   1075 N NH2 . ARG A 1 141 ? 11.217  -18.013 10.431  1.00 26.27  ? 141 ARG X NH2 1 
ATOM   1076 N N   . ALA A 1 142 ? 6.139   -15.865 3.386   1.00 9.77   ? 142 ALA X N   1 
ATOM   1077 C CA  . ALA A 1 142 ? 5.601   -15.940 2.013   1.00 9.36   ? 142 ALA X CA  1 
ATOM   1078 C C   . ALA A 1 142 ? 4.444   -14.977 1.793   1.00 9.96   ? 142 ALA X C   1 
ATOM   1079 O O   . ALA A 1 142 ? 4.298   -14.334 0.726   1.00 9.62   ? 142 ALA X O   1 
ATOM   1080 C CB  . ALA A 1 142 ? 5.128   -17.337 1.749   1.00 10.12  ? 142 ALA X CB  1 
ATOM   1081 N N   . GLY A 1 143 ? 3.634   -14.772 2.822   1.00 9.41   ? 143 GLY X N   1 
ATOM   1082 C CA  . GLY A 1 143 ? 2.636   -13.757 2.771   1.00 10.12  ? 143 GLY X CA  1 
ATOM   1083 C C   . GLY A 1 143 ? 3.241   -12.386 2.632   1.00 9.85   ? 143 GLY X C   1 
ATOM   1084 O O   . GLY A 1 143 ? 2.734   -11.523 1.844   1.00 10.12  ? 143 GLY X O   1 
ATOM   1085 N N   . GLY A 1 144 ? 4.355   -12.134 3.313   1.00 9.15   ? 144 GLY X N   1 
ATOM   1086 C CA  . GLY A 1 144 ? 5.095   -10.871 3.159   1.00 8.61   ? 144 GLY X CA  1 
ATOM   1087 C C   . GLY A 1 144 ? 5.557   -10.603 1.723   1.00 8.67   ? 144 GLY X C   1 
ATOM   1088 O O   . GLY A 1 144 ? 5.492   -9.456  1.218   1.00 9.05   ? 144 GLY X O   1 
ATOM   1089 N N   . VAL A 1 145 ? 6.038   -11.665 1.093   1.00 8.30   ? 145 VAL X N   1 
ATOM   1090 C CA  . VAL A 1 145 ? 6.436   -11.578 -0.347  1.00 8.40   ? 145 VAL X CA  1 
ATOM   1091 C C   . VAL A 1 145 ? 5.252   -11.139 -1.192  1.00 8.62   ? 145 VAL X C   1 
ATOM   1092 O O   . VAL A 1 145 ? 5.380   -10.301 -2.060  1.00 7.58   ? 145 VAL X O   1 
ATOM   1093 C CB  . VAL A 1 145 ? 7.126   -12.881 -0.851  1.00 9.00   ? 145 VAL X CB  1 
ATOM   1094 C CG1 . VAL A 1 145 ? 7.330   -12.874 -2.392  1.00 9.18   ? 145 VAL X CG1 1 
ATOM   1095 C CG2 . VAL A 1 145 ? 8.433   -13.087 -0.131  1.00 10.06  ? 145 VAL X CG2 1 
ATOM   1096 N N   . LEU A 1 146 ? 4.111   -11.807 -1.035  1.00 7.69   ? 146 LEU X N   1 
ATOM   1097 C CA  . LEU A 1 146 ? 2.895   -11.474 -1.777  1.00 8.40   ? 146 LEU X CA  1 
ATOM   1098 C C   . LEU A 1 146 ? 2.394   -10.075 -1.527  1.00 7.79   ? 146 LEU X C   1 
ATOM   1099 O O   . LEU A 1 146 ? 2.103   -9.342  -2.472  1.00 8.84   ? 146 LEU X O   1 
ATOM   1100 C CB  . LEU A 1 146 ? 1.808   -12.490 -1.468  1.00 9.95   ? 146 LEU X CB  1 
ATOM   1101 C CG  . LEU A 1 146 ? 2.004   -13.878 -2.131  1.00 11.07  ? 146 LEU X CG  1 
ATOM   1102 C CD1 . LEU A 1 146 ? 0.891   -14.807 -1.607  1.00 12.77  ? 146 LEU X CD1 1 
ATOM   1103 C CD2 . LEU A 1 146 ? 2.005   -13.828 -3.658  1.00 14.07  ? 146 LEU X CD2 1 
ATOM   1104 N N   . VAL A 1 147 ? 2.327   -9.689  -0.256  1.00 7.95   ? 147 VAL X N   1 
ATOM   1105 C CA  . VAL A 1 147 ? 1.875   -8.347  0.086   1.00 8.24   ? 147 VAL X CA  1 
ATOM   1106 C C   . VAL A 1 147 ? 2.782   -7.282  -0.531  1.00 8.13   ? 147 VAL X C   1 
ATOM   1107 O O   . VAL A 1 147 ? 2.306   -6.309  -1.146  1.00 9.11   ? 147 VAL X O   1 
ATOM   1108 C CB  . VAL A 1 147 ? 1.719   -8.170  1.580   1.00 8.46   ? 147 VAL X CB  1 
ATOM   1109 C CG1 . VAL A 1 147 ? 1.401   -6.700  1.955   1.00 9.40   ? 147 VAL X CG1 1 
ATOM   1110 C CG2 . VAL A 1 147 ? 0.618   -9.092  2.099   1.00 8.60   ? 147 VAL X CG2 1 
ATOM   1111 N N   . ALA A 1 148 ? 4.091   -7.515  -0.419  1.00 7.46   ? 148 ALA X N   1 
ATOM   1112 C CA  . ALA A 1 148 ? 5.019   -6.539  -0.911  1.00 7.97   ? 148 ALA X CA  1 
ATOM   1113 C C   . ALA A 1 148 ? 4.928   -6.398  -2.440  1.00 8.54   ? 148 ALA X C   1 
ATOM   1114 O O   . ALA A 1 148 ? 5.049   -5.288  -2.986  1.00 8.93   ? 148 ALA X O   1 
ATOM   1115 C CB  . ALA A 1 148 ? 6.463   -6.944  -0.601  1.00 8.33   ? 148 ALA X CB  1 
ATOM   1116 N N   . SER A 1 149 ? 4.844   -7.504  -3.145  1.00 8.54   ? 149 SER X N   1 
ATOM   1117 C CA  A SER A 1 149 ? 4.817   -7.428  -4.616  0.50 9.21   ? 149 SER X CA  1 
ATOM   1118 C CA  B SER A 1 149 ? 4.794   -7.475  -4.622  0.50 9.16   ? 149 SER X CA  1 
ATOM   1119 C C   . SER A 1 149 ? 3.530   -6.741  -5.090  1.00 8.90   ? 149 SER X C   1 
ATOM   1120 O O   . SER A 1 149 ? 3.568   -5.909  -5.992  1.00 9.64   ? 149 SER X O   1 
ATOM   1121 C CB  A SER A 1 149 ? 4.946   -8.801  -5.247  0.50 9.13   ? 149 SER X CB  1 
ATOM   1122 C CB  B SER A 1 149 ? 4.789   -8.898  -5.166  0.50 8.94   ? 149 SER X CB  1 
ATOM   1123 O OG  A SER A 1 149 ? 3.854   -9.628  -4.949  0.50 9.86   ? 149 SER X OG  1 
ATOM   1124 O OG  B SER A 1 149 ? 4.633   -8.938  -6.571  0.50 9.50   ? 149 SER X OG  1 
ATOM   1125 N N   . HIS A 1 150 ? 2.383   -7.026  -4.459  1.00 7.74   ? 150 HIS X N   1 
ATOM   1126 C CA  . HIS A 1 150 ? 1.179   -6.344  -4.876  1.00 8.38   ? 150 HIS X CA  1 
ATOM   1127 C C   . HIS A 1 150 ? 1.185   -4.862  -4.475  1.00 8.02   ? 150 HIS X C   1 
ATOM   1128 O O   . HIS A 1 150 ? 0.717   -4.017  -5.238  1.00 6.97   ? 150 HIS X O   1 
ATOM   1129 C CB  . HIS A 1 150 ? -0.035  -7.053  -4.267  1.00 8.87   ? 150 HIS X CB  1 
ATOM   1130 C CG  . HIS A 1 150 ? -0.339  -8.312  -4.974  1.00 9.72   ? 150 HIS X CG  1 
ATOM   1131 N ND1 . HIS A 1 150 ? -0.071  -9.553  -4.479  1.00 11.18  ? 150 HIS X ND1 1 
ATOM   1132 C CD2 . HIS A 1 150 ? -0.835  -8.504  -6.211  1.00 11.72  ? 150 HIS X CD2 1 
ATOM   1133 C CE1 . HIS A 1 150 ? -0.431  -10.482 -5.357  1.00 10.44  ? 150 HIS X CE1 1 
ATOM   1134 N NE2 . HIS A 1 150 ? -0.927  -9.872  -6.393  1.00 15.02  ? 150 HIS X NE2 1 
ATOM   1135 N N   . LEU A 1 151 ? 1.732   -4.542  -3.290  1.00 7.66   ? 151 LEU X N   1 
ATOM   1136 C CA  . LEU A 1 151 ? 1.924   -3.165  -2.884  1.00 8.08   ? 151 LEU X CA  1 
ATOM   1137 C C   . LEU A 1 151 ? 2.813   -2.412  -3.860  1.00 8.12   ? 151 LEU X C   1 
ATOM   1138 O O   . LEU A 1 151 ? 2.472   -1.316  -4.272  1.00 8.47   ? 151 LEU X O   1 
ATOM   1139 C CB  . LEU A 1 151 ? 2.540   -3.084  -1.474  1.00 8.92   ? 151 LEU X CB  1 
ATOM   1140 C CG  . LEU A 1 151 ? 2.818   -1.670  -0.984  1.00 9.49   ? 151 LEU X CG  1 
ATOM   1141 C CD1 . LEU A 1 151 ? 1.614   -0.730  -1.014  1.00 9.83   ? 151 LEU X CD1 1 
ATOM   1142 C CD2 . LEU A 1 151 ? 3.437   -1.784  0.406   1.00 10.60  ? 151 LEU X CD2 1 
ATOM   1143 N N   . GLN A 1 152 ? 3.872   -3.036  -4.313  1.00 7.75   ? 152 GLN X N   1 
ATOM   1144 C CA  . GLN A 1 152 ? 4.763   -2.386  -5.361  1.00 8.29   ? 152 GLN X CA  1 
ATOM   1145 C C   . GLN A 1 152 ? 3.968   -2.056  -6.584  1.00 9.80   ? 152 GLN X C   1 
ATOM   1146 O O   . GLN A 1 152 ? 4.061   -0.941  -7.100  1.00 8.54   ? 152 GLN X O   1 
ATOM   1147 C CB  . GLN A 1 152 ? 6.027   -3.204  -5.699  1.00 8.77   ? 152 GLN X CB  1 
ATOM   1148 C CG  . GLN A 1 152 ? 7.043   -3.302  -4.556  1.00 8.78   ? 152 GLN X CG  1 
ATOM   1149 C CD  . GLN A 1 152 ? 7.814   -2.003  -4.271  1.00 9.09   ? 152 GLN X CD  1 
ATOM   1150 O OE1 . GLN A 1 152 ? 7.413   -0.889  -4.639  1.00 9.81   ? 152 GLN X OE1 1 
ATOM   1151 N NE2 . GLN A 1 152 ? 9.011   -2.184  -3.695  1.00 9.34   ? 152 GLN X NE2 1 
ATOM   1152 N N   . SER A 1 153 ? 3.110   -2.979  -7.036  1.00 8.80   ? 153 SER X N   1 
ATOM   1153 C CA  . SER A 1 153 ? 2.343   -2.713  -8.243  1.00 10.54  ? 153 SER X CA  1 
ATOM   1154 C C   . SER A 1 153 ? 1.364   -1.538  -8.005  1.00 10.31  ? 153 SER X C   1 
ATOM   1155 O O   . SER A 1 153 ? 1.228   -0.582  -8.809  1.00 10.86  ? 153 SER X O   1 
ATOM   1156 C CB  . SER A 1 153 ? 1.538   -3.965  -8.641  1.00 11.14  ? 153 SER X CB  1 
ATOM   1157 O OG  . SER A 1 153 ? 0.704   -3.622  -9.757  1.00 13.14  ? 153 SER X OG  1 
ATOM   1158 N N   . PHE A 1 154 ? 0.671   -1.550  -6.845  1.00 9.34   ? 154 PHE X N   1 
ATOM   1159 C CA  . PHE A 1 154 ? -0.292  -0.516  -6.473  1.00 8.84   ? 154 PHE X CA  1 
ATOM   1160 C C   . PHE A 1 154 ? 0.443   0.901   -6.440  1.00 9.07   ? 154 PHE X C   1 
ATOM   1161 O O   . PHE A 1 154 ? -0.113  1.916   -6.850  1.00 8.34   ? 154 PHE X O   1 
ATOM   1162 C CB  . PHE A 1 154 ? -0.871  -0.836  -5.070  1.00 10.00  ? 154 PHE X CB  1 
ATOM   1163 C CG  . PHE A 1 154 ? -1.875  0.174   -4.576  1.00 10.54  ? 154 PHE X CG  1 
ATOM   1164 C CD1 . PHE A 1 154 ? -3.193  0.122   -4.966  1.00 12.89  ? 154 PHE X CD1 1 
ATOM   1165 C CD2 . PHE A 1 154 ? -1.449  1.230   -3.784  1.00 11.66  ? 154 PHE X CD2 1 
ATOM   1166 C CE1 . PHE A 1 154 ? -4.085  1.087   -4.530  1.00 12.78  ? 154 PHE X CE1 1 
ATOM   1167 C CE2 . PHE A 1 154 ? -2.323  2.211   -3.344  1.00 12.02  ? 154 PHE X CE2 1 
ATOM   1168 C CZ  . PHE A 1 154 ? -3.647  2.104   -3.693  1.00 12.16  ? 154 PHE X CZ  1 
ATOM   1169 N N   . LEU A 1 155 ? 1.662   0.874   -5.921  1.00 8.94   ? 155 LEU X N   1 
ATOM   1170 C CA  . LEU A 1 155 ? 2.540   2.111   -5.859  1.00 8.93   ? 155 LEU X CA  1 
ATOM   1171 C C   . LEU A 1 155 ? 2.928   2.611   -7.211  1.00 9.97   ? 155 LEU X C   1 
ATOM   1172 O O   . LEU A 1 155 ? 2.878   3.848   -7.451  1.00 10.26  ? 155 LEU X O   1 
ATOM   1173 C CB  . LEU A 1 155 ? 3.724   1.905   -4.978  1.00 8.94   ? 155 LEU X CB  1 
ATOM   1174 C CG  . LEU A 1 155 ? 3.453   1.661   -3.505  1.00 9.55   ? 155 LEU X CG  1 
ATOM   1175 C CD1 . LEU A 1 155 ? 4.742   1.184   -2.818  1.00 9.48   ? 155 LEU X CD1 1 
ATOM   1176 C CD2 . LEU A 1 155 ? 2.778   2.839   -2.833  1.00 10.72  ? 155 LEU X CD2 1 
ATOM   1177 N N   . GLU A 1 156 ? 3.290   1.694   -8.102  1.00 11.13  ? 156 GLU X N   1 
ATOM   1178 C CA  . GLU A 1 156 ? 3.727   2.079   -9.457  1.00 12.24  ? 156 GLU X CA  1 
ATOM   1179 C C   . GLU A 1 156 ? 2.560   2.741   -10.161 1.00 11.54  ? 156 GLU X C   1 
ATOM   1180 O O   . GLU A 1 156 ? 2.690   3.800   -10.786 1.00 13.34  ? 156 GLU X O   1 
ATOM   1181 C CB  . GLU A 1 156 ? 4.174   0.780   -10.172 1.00 17.10  ? 156 GLU X CB  1 
ATOM   1182 C CG  . GLU A 1 156 ? 4.681   0.945   -11.592 1.00 23.25  ? 156 GLU X CG  1 
ATOM   1183 C CD  . GLU A 1 156 ? 5.056   -0.423  -12.191 1.00 33.22  ? 156 GLU X CD  1 
ATOM   1184 O OE1 . GLU A 1 156 ? 4.322   -1.439  -11.948 1.00 35.86  ? 156 GLU X OE1 1 
ATOM   1185 O OE2 . GLU A 1 156 ? 6.093   -0.486  -12.905 1.00 48.67  ? 156 GLU X OE2 1 
ATOM   1186 N N   . VAL A 1 157 ? 1.381   2.146   -10.067 1.00 10.20  ? 157 VAL X N   1 
ATOM   1187 C CA  . VAL A 1 157 ? 0.183   2.736   -10.654 1.00 11.06  ? 157 VAL X CA  1 
ATOM   1188 C C   . VAL A 1 157 ? -0.227  4.079   -9.965  1.00 11.60  ? 157 VAL X C   1 
ATOM   1189 O O   . VAL A 1 157 ? -0.613  5.097   -10.636 1.00 13.64  ? 157 VAL X O   1 
ATOM   1190 C CB  . VAL A 1 157 ? -0.967  1.764   -10.636 1.00 11.95  ? 157 VAL X CB  1 
ATOM   1191 C CG1 . VAL A 1 157 ? -2.191  2.423   -11.140 1.00 13.01  ? 157 VAL X CG1 1 
ATOM   1192 C CG2 . VAL A 1 157 ? -0.632  0.547   -11.483 1.00 12.06  ? 157 VAL X CG2 1 
ATOM   1193 N N   . SER A 1 158 ? -0.142  4.078   -8.634  1.00 11.00  ? 158 SER X N   1 
ATOM   1194 C CA  . SER A 1 158 ? -0.432  5.319   -7.874  1.00 10.72  ? 158 SER X CA  1 
ATOM   1195 C C   . SER A 1 158 ? 0.469   6.498   -8.307  1.00 10.99  ? 158 SER X C   1 
ATOM   1196 O O   . SER A 1 158 ? 0.018   7.645   -8.406  1.00 11.29  ? 158 SER X O   1 
ATOM   1197 C CB  . SER A 1 158 ? -0.240  5.117   -6.415  1.00 12.03  ? 158 SER X CB  1 
ATOM   1198 O OG  . SER A 1 158 ? -1.164  4.148   -5.931  1.00 14.04  ? 158 SER X OG  1 
ATOM   1199 N N   . TYR A 1 159 ? 1.733   6.198   -8.517  1.00 10.32  ? 159 TYR X N   1 
ATOM   1200 C CA  . TYR A 1 159 ? 2.719   7.218   -8.935  1.00 11.82  ? 159 TYR X CA  1 
ATOM   1201 C C   . TYR A 1 159 ? 2.243   7.820   -10.263 1.00 12.78  ? 159 TYR X C   1 
ATOM   1202 O O   . TYR A 1 159 ? 2.210   9.066   -10.462 1.00 12.27  ? 159 TYR X O   1 
ATOM   1203 C CB  . TYR A 1 159 ? 4.113   6.632   -9.068  1.00 11.09  ? 159 TYR X CB  1 
ATOM   1204 C CG  . TYR A 1 159 ? 5.185   7.690   -9.171  1.00 12.32  ? 159 TYR X CG  1 
ATOM   1205 C CD1 . TYR A 1 159 ? 5.453   8.269   -10.400 1.00 15.29  ? 159 TYR X CD1 1 
ATOM   1206 C CD2 . TYR A 1 159 ? 5.941   8.052   -8.107  1.00 12.83  ? 159 TYR X CD2 1 
ATOM   1207 C CE1 . TYR A 1 159 ? 6.393   9.257   -10.514 1.00 15.45  ? 159 TYR X CE1 1 
ATOM   1208 C CE2 . TYR A 1 159 ? 6.914   9.081   -8.211  1.00 14.09  ? 159 TYR X CE2 1 
ATOM   1209 C CZ  . TYR A 1 159 ? 7.147   9.615   -9.459  1.00 16.35  ? 159 TYR X CZ  1 
ATOM   1210 O OH  . TYR A 1 159 ? 8.092   10.653  -9.641  1.00 20.68  ? 159 TYR X OH  1 
ATOM   1211 N N   . ARG A 1 160 ? 1.875   6.958   -11.173 1.00 13.53  ? 160 ARG X N   1 
ATOM   1212 C CA  . ARG A 1 160 ? 1.342   7.401   -12.462 1.00 14.63  ? 160 ARG X CA  1 
ATOM   1213 C C   . ARG A 1 160 ? 0.072   8.209   -12.371 1.00 14.86  ? 160 ARG X C   1 
ATOM   1214 O O   . ARG A 1 160 ? -0.098  9.232   -13.053 1.00 15.53  ? 160 ARG X O   1 
ATOM   1215 C CB  . ARG A 1 160 ? 1.181   6.214   -13.458 1.00 19.34  ? 160 ARG X CB  1 
ATOM   1216 C CG  . ARG A 1 160 ? 2.487   5.589   -13.903 1.00 22.85  ? 160 ARG X CG  1 
ATOM   1217 C CD  . ARG A 1 160 ? 2.466   4.826   -15.254 1.00 29.44  ? 160 ARG X CD  1 
ATOM   1218 N NE  . ARG A 1 160 ? 2.155   3.414   -15.116 1.00 34.52  ? 160 ARG X NE  1 
ATOM   1219 C CZ  . ARG A 1 160 ? 0.917   2.945   -15.043 1.00 38.03  ? 160 ARG X CZ  1 
ATOM   1220 N NH1 . ARG A 1 160 ? -0.126  3.778   -15.071 1.00 38.78  ? 160 ARG X NH1 1 
ATOM   1221 N NH2 . ARG A 1 160 ? 0.705   1.652   -14.933 1.00 42.49  ? 160 ARG X NH2 1 
ATOM   1222 N N   . VAL A 1 161 ? -0.859  7.763   -11.556 1.00 12.44  ? 161 VAL X N   1 
ATOM   1223 C CA  . VAL A 1 161 ? -2.084  8.458   -11.295 1.00 13.09  ? 161 VAL X CA  1 
ATOM   1224 C C   . VAL A 1 161 ? -1.751  9.863   -10.763 1.00 13.58  ? 161 VAL X C   1 
ATOM   1225 O O   . VAL A 1 161 ? -2.301  10.823  -11.216 1.00 15.91  ? 161 VAL X O   1 
ATOM   1226 C CB  . VAL A 1 161 ? -2.991  7.686   -10.286 1.00 14.02  ? 161 VAL X CB  1 
ATOM   1227 C CG1 . VAL A 1 161 ? -4.089  8.531   -9.746  1.00 15.47  ? 161 VAL X CG1 1 
ATOM   1228 C CG2 . VAL A 1 161 ? -3.529  6.335   -10.846 1.00 15.76  ? 161 VAL X CG2 1 
ATOM   1229 N N   . LEU A 1 162 ? -0.892  9.940   -9.767  1.00 13.25  ? 162 LEU X N   1 
ATOM   1230 C CA  . LEU A 1 162 ? -0.544  11.238  -9.169  1.00 13.32  ? 162 LEU X CA  1 
ATOM   1231 C C   . LEU A 1 162 ? 0.069   12.129  -10.221 1.00 15.78  ? 162 LEU X C   1 
ATOM   1232 O O   . LEU A 1 162 ? -0.279  13.306  -10.243 1.00 16.58  ? 162 LEU X O   1 
ATOM   1233 C CB  . LEU A 1 162 ? 0.353   11.114  -7.950  1.00 13.92  ? 162 LEU X CB  1 
ATOM   1234 C CG  . LEU A 1 162 ? -0.351  10.521  -6.717  1.00 13.71  ? 162 LEU X CG  1 
ATOM   1235 C CD1 . LEU A 1 162 ? 0.687   10.078  -5.726  1.00 13.31  ? 162 LEU X CD1 1 
ATOM   1236 C CD2 . LEU A 1 162 ? -1.330  11.472  -6.023  1.00 13.81  ? 162 LEU X CD2 1 
ATOM   1237 N N   . ARG A 1 163 ? 0.975   11.622  -11.054 1.00 16.45  ? 163 ARG X N   1 
ATOM   1238 C CA  . ARG A 1 163 ? 1.607   12.463  -12.142 1.00 18.85  ? 163 ARG X CA  1 
ATOM   1239 C C   . ARG A 1 163 ? 0.496   12.950  -13.093 1.00 21.31  ? 163 ARG X C   1 
ATOM   1240 O O   . ARG A 1 163 ? 0.499   14.097  -13.564 1.00 19.70  ? 163 ARG X O   1 
ATOM   1241 C CB  . ARG A 1 163 ? 2.612   11.659  -12.937 1.00 21.96  ? 163 ARG X CB  1 
ATOM   1242 C CG  . ARG A 1 163 ? 3.949   11.394  -12.296 1.00 27.12  ? 163 ARG X CG  1 
ATOM   1243 C CD  . ARG A 1 163 ? 4.862   12.544  -12.605 1.00 34.23  ? 163 ARG X CD  1 
ATOM   1244 N NE  . ARG A 1 163 ? 5.288   12.581  -14.016 1.00 40.50  ? 163 ARG X NE  1 
ATOM   1245 C CZ  . ARG A 1 163 ? 5.456   13.696  -14.744 1.00 39.91  ? 163 ARG X CZ  1 
ATOM   1246 N NH1 . ARG A 1 163 ? 5.173   14.904  -14.243 1.00 40.42  ? 163 ARG X NH1 1 
ATOM   1247 N NH2 . ARG A 1 163 ? 5.845   13.600  -16.022 1.00 42.78  ? 163 ARG X NH2 1 
ATOM   1248 N N   . HIS A 1 164 ? -0.465  12.079  -13.378 1.00 22.14  ? 164 HIS X N   1 
ATOM   1249 C CA  . HIS A 1 164 ? -1.594  12.400  -14.256 1.00 29.60  ? 164 HIS X CA  1 
ATOM   1250 C C   . HIS A 1 164 ? -2.566  13.445  -13.687 1.00 26.32  ? 164 HIS X C   1 
ATOM   1251 O O   . HIS A 1 164 ? -3.066  14.270  -14.461 1.00 22.63  ? 164 HIS X O   1 
ATOM   1252 C CB  . HIS A 1 164 ? -2.379  11.137  -14.677 1.00 36.55  ? 164 HIS X CB  1 
ATOM   1253 C CG  . HIS A 1 164 ? -3.407  11.389  -15.748 1.00 52.10  ? 164 HIS X CG  1 
ATOM   1254 N ND1 . HIS A 1 164 ? -4.733  11.674  -15.466 1.00 57.77  ? 164 HIS X ND1 1 
ATOM   1255 C CD2 . HIS A 1 164 ? -3.298  11.416  -17.103 1.00 60.10  ? 164 HIS X CD2 1 
ATOM   1256 C CE1 . HIS A 1 164 ? -5.394  11.855  -16.596 1.00 58.50  ? 164 HIS X CE1 1 
ATOM   1257 N NE2 . HIS A 1 164 ? -4.546  11.709  -17.603 1.00 62.12  ? 164 HIS X NE2 1 
ATOM   1258 N N   . LEU A 1 165 ? -2.840  13.403  -12.372 1.00 21.63  ? 165 LEU X N   1 
ATOM   1259 C CA  . LEU A 1 165 ? -3.676  14.390  -11.696 1.00 21.56  ? 165 LEU X CA  1 
ATOM   1260 C C   . LEU A 1 165 ? -2.845  15.639  -11.420 1.00 18.85  ? 165 LEU X C   1 
ATOM   1261 O O   . LEU A 1 165 ? -3.403  16.655  -11.050 1.00 21.02  ? 165 LEU X O   1 
ATOM   1262 C CB  . LEU A 1 165 ? -4.185  13.881  -10.357 1.00 23.61  ? 165 LEU X CB  1 
ATOM   1263 C CG  . LEU A 1 165 ? -5.025  12.596  -10.318 1.00 27.83  ? 165 LEU X CG  1 
ATOM   1264 C CD1 . LEU A 1 165 ? -5.339  12.258  -8.861  1.00 28.85  ? 165 LEU X CD1 1 
ATOM   1265 C CD2 . LEU A 1 165 ? -6.274  12.757  -11.179 1.00 30.18  ? 165 LEU X CD2 1 
ATOM   1266 N N   . GLY A 1 166 ? -1.517  15.577  -11.576 1.00 18.19  ? 166 GLY X N   1 
ATOM   1267 C CA  . GLY A 1 166 ? -0.667  16.654  -11.034 1.00 16.92  ? 166 GLY X CA  1 
ATOM   1268 C C   . GLY A 1 166 ? -0.937  18.045  -11.567 1.00 16.68  ? 166 GLY X C   1 
ATOM   1269 O O   . GLY A 1 166 ? -0.835  19.032  -10.809 1.00 16.08  ? 166 GLY X O   1 
HETATM 1270 O O   . HOH B 2 .   ? 13.632  -15.697 11.102  1.00 30.32  ? 201 HOH X O   1 
HETATM 1271 O O   . HOH B 2 .   ? 20.390  -16.808 1.947   1.00 29.35  ? 202 HOH X O   1 
HETATM 1272 O O   . HOH B 2 .   ? -15.494 19.662  -4.624  1.00 29.30  ? 203 HOH X O   1 
HETATM 1273 O O   . HOH B 2 .   ? 2.472   -9.624  -7.599  1.00 17.26  ? 204 HOH X O   1 
HETATM 1274 O O   . HOH B 2 .   ? 7.735   9.091   6.470   1.00 35.30  ? 205 HOH X O   1 
HETATM 1275 O O   . HOH B 2 .   ? -4.398  16.542  -14.393 1.00 27.84  ? 206 HOH X O   1 
HETATM 1276 O O   . HOH B 2 .   ? -10.709 -12.687 -1.413  1.00 22.75  ? 207 HOH X O   1 
HETATM 1277 O O   . HOH B 2 .   ? -0.962  -13.220 14.299  1.00 30.47  ? 208 HOH X O   1 
HETATM 1278 O O   . HOH B 2 .   ? 1.577   13.244  6.075   1.00 39.70  ? 209 HOH X O   1 
HETATM 1279 O O   . HOH B 2 .   ? -9.842  -8.689  12.497  1.00 37.19  ? 210 HOH X O   1 
HETATM 1280 O O   . HOH B 2 .   ? 14.706  -5.383  9.659   1.00 26.36  ? 211 HOH X O   1 
HETATM 1281 O O   . HOH B 2 .   ? -6.521  21.138  -3.039  1.00 26.70  ? 212 HOH X O   1 
HETATM 1282 O O   . HOH B 2 .   ? -4.011  -14.009 -1.377  1.00 19.94  ? 213 HOH X O   1 
HETATM 1283 O O   . HOH B 2 .   ? 11.122  -4.385  -5.881  1.00 25.47  ? 214 HOH X O   1 
HETATM 1284 O O   . HOH B 2 .   ? -3.027  -3.705  -5.707  1.00 13.74  ? 215 HOH X O   1 
HETATM 1285 O O   . HOH B 2 .   ? 2.947   -9.206  17.925  1.00 32.92  ? 216 HOH X O   1 
HETATM 1286 O O   . HOH B 2 .   ? 9.475   -19.551 -3.485  1.00 33.25  ? 217 HOH X O   1 
HETATM 1287 O O   . HOH B 2 .   ? 18.725  -18.291 3.899   1.00 17.12  ? 218 HOH X O   1 
HETATM 1288 O O   . HOH B 2 .   ? -5.439  8.337   6.396   1.00 28.20  ? 219 HOH X O   1 
HETATM 1289 O O   . HOH B 2 .   ? 6.506   0.090   -7.053  1.00 10.33  ? 220 HOH X O   1 
HETATM 1290 O O   . HOH B 2 .   ? 9.013   -15.972 -13.449 1.00 16.30  ? 221 HOH X O   1 
HETATM 1291 O O   . HOH B 2 .   ? 7.104   9.924   3.938   1.00 26.82  ? 222 HOH X O   1 
HETATM 1292 O O   . HOH B 2 .   ? 11.484  -11.487 -2.091  1.00 14.59  ? 223 HOH X O   1 
HETATM 1293 O O   . HOH B 2 .   ? 10.443  9.852   -10.612 1.00 27.86  ? 224 HOH X O   1 
HETATM 1294 O O   . HOH B 2 .   ? -2.409  16.909  1.424   1.00 23.43  ? 225 HOH X O   1 
HETATM 1295 O O   . HOH B 2 .   ? -20.781 1.708   9.492   1.00 17.25  ? 226 HOH X O   1 
HETATM 1296 O O   . HOH B 2 .   ? -15.547 -0.795  7.260   1.00 28.65  ? 227 HOH X O   1 
HETATM 1297 O O   . HOH B 2 .   ? -2.080  -11.139 12.462  1.00 28.13  ? 228 HOH X O   1 
HETATM 1298 O O   . HOH B 2 .   ? -10.262 -11.880 10.537  1.00 34.80  ? 229 HOH X O   1 
HETATM 1299 O O   . HOH B 2 .   ? 5.212   -3.431  11.037  1.00 19.66  ? 230 HOH X O   1 
HETATM 1300 O O   . HOH B 2 .   ? -7.893  0.934   -4.109  1.00 22.18  ? 231 HOH X O   1 
HETATM 1301 O O   . HOH B 2 .   ? -14.916 5.094   8.084   1.00 29.33  ? 232 HOH X O   1 
HETATM 1302 O O   . HOH B 2 .   ? 14.612  10.889  -3.689  1.00 28.32  ? 233 HOH X O   1 
HETATM 1303 O O   . HOH B 2 .   ? -19.610 9.445   10.008  1.00 31.26  ? 234 HOH X O   1 
HETATM 1304 O O   . HOH B 2 .   ? -2.586  -8.753  13.895  1.00 17.96  ? 235 HOH X O   1 
HETATM 1305 O O   . HOH B 2 .   ? -4.066  -23.544 -2.345  1.00 27.92  ? 236 HOH X O   1 
HETATM 1306 O O   . HOH B 2 .   ? -6.287  -15.707 5.153   1.00 17.02  ? 237 HOH X O   1 
HETATM 1307 O O   . HOH B 2 .   ? -11.783 -6.968  6.409   1.00 26.15  ? 238 HOH X O   1 
HETATM 1308 O O   . HOH B 2 .   ? 4.318   20.532  -11.652 1.00 33.61  ? 239 HOH X O   1 
HETATM 1309 O O   . HOH B 2 .   ? 8.921   5.843   -8.765  1.00 21.50  ? 240 HOH X O   1 
HETATM 1310 O O   . HOH B 2 .   ? 11.397  -11.653 -8.298  1.00 15.80  ? 241 HOH X O   1 
HETATM 1311 O O   . HOH B 2 .   ? 8.691   15.073  -5.830  1.00 22.14  ? 242 HOH X O   1 
HETATM 1312 O O   . HOH B 2 .   ? 5.181   -5.791  -8.217  1.00 11.31  ? 243 HOH X O   1 
HETATM 1313 O O   . HOH B 2 .   ? 12.033  -20.526 3.512   1.00 22.75  ? 244 HOH X O   1 
HETATM 1314 O O   . HOH B 2 .   ? 8.936   -15.760 10.738  1.00 25.25  ? 245 HOH X O   1 
HETATM 1315 O O   . HOH B 2 .   ? -22.101 5.980   9.576   1.00 24.01  ? 246 HOH X O   1 
HETATM 1316 O O   . HOH B 2 .   ? 5.066   4.611   -11.943 1.00 14.96  ? 247 HOH X O   1 
HETATM 1317 O O   . HOH B 2 .   ? 17.893  -16.371 -1.875  1.00 21.22  ? 248 HOH X O   1 
HETATM 1318 O O   . HOH B 2 .   ? 3.184   -20.686 -8.189  1.00 26.73  ? 249 HOH X O   1 
HETATM 1319 O O   . HOH B 2 .   ? 7.708   -9.357  -3.337  1.00 11.65  ? 250 HOH X O   1 
HETATM 1320 O O   . HOH B 2 .   ? 15.579  -17.572 -8.922  1.00 19.89  ? 251 HOH X O   1 
HETATM 1321 O O   . HOH B 2 .   ? -5.218  -6.358  9.718   1.00 25.14  ? 252 HOH X O   1 
HETATM 1322 O O   . HOH B 2 .   ? -0.384  0.134   14.008  1.00 15.39  ? 253 HOH X O   1 
HETATM 1323 O O   . HOH B 2 .   ? 14.319  -5.845  -3.817  1.00 15.87  ? 254 HOH X O   1 
HETATM 1324 O O   . HOH B 2 .   ? 3.773   -5.742  10.883  1.00 20.91  ? 255 HOH X O   1 
HETATM 1325 O O   . HOH B 2 .   ? 10.557  -20.086 5.870   1.00 21.88  ? 256 HOH X O   1 
HETATM 1326 O O   . HOH B 2 .   ? 13.605  13.284  -4.926  1.00 34.51  ? 257 HOH X O   1 
HETATM 1327 O O   . HOH B 2 .   ? 2.528   15.909  -12.877 1.00 22.00  ? 258 HOH X O   1 
HETATM 1328 O O   . HOH B 2 .   ? 6.063   7.931   2.652   1.00 14.99  ? 259 HOH X O   1 
HETATM 1329 O O   . HOH B 2 .   ? -0.522  16.251  -15.056 1.00 23.81  ? 260 HOH X O   1 
HETATM 1330 O O   . HOH B 2 .   ? 13.017  4.363   0.910   1.00 28.14  ? 261 HOH X O   1 
HETATM 1331 O O   . HOH B 2 .   ? -9.998  -5.095  -2.876  1.00 27.36  ? 262 HOH X O   1 
HETATM 1332 O O   . HOH B 2 .   ? -5.644  22.393  -14.147 1.00 37.44  ? 263 HOH X O   1 
HETATM 1333 O O   . HOH B 2 .   ? -3.100  -16.875 -6.161  1.00 25.17  ? 264 HOH X O   1 
HETATM 1334 O O   . HOH B 2 .   ? -17.394 2.073   7.649   1.00 22.94  ? 265 HOH X O   1 
HETATM 1335 O O   . HOH B 2 .   ? 8.353   -0.720  -11.154 1.00 22.25  ? 266 HOH X O   1 
HETATM 1336 O O   . HOH B 2 .   ? 19.944  -22.834 -1.939  1.00 17.61  ? 267 HOH X O   1 
HETATM 1337 O O   . HOH B 2 .   ? 7.101   3.953   -10.031 1.00 15.83  ? 268 HOH X O   1 
HETATM 1338 O O   . HOH B 2 .   ? -23.460 6.201   12.532  1.00 29.21  ? 269 HOH X O   1 
HETATM 1339 O O   . HOH B 2 .   ? -0.927  20.622  0.343   1.00 31.22  ? 270 HOH X O   1 
HETATM 1340 O O   . HOH B 2 .   ? 8.808   -17.078 -3.564  1.00 14.61  ? 271 HOH X O   1 
HETATM 1341 O O   . HOH B 2 .   ? 12.117  -17.997 -4.412  1.00 15.52  ? 272 HOH X O   1 
HETATM 1342 O O   . HOH B 2 .   ? -12.893 21.453  1.885   1.00 18.86  ? 273 HOH X O   1 
HETATM 1343 O O   . HOH B 2 .   ? 1.707   24.555  -3.507  1.00 16.42  ? 274 HOH X O   1 
HETATM 1344 O O   . HOH B 2 .   ? -2.300  -14.723 11.475  1.00 23.03  ? 275 HOH X O   1 
HETATM 1345 O O   . HOH B 2 .   ? -6.534  -5.100  5.087   1.00 29.02  ? 276 HOH X O   1 
HETATM 1346 O O   . HOH B 2 .   ? 15.801  0.000   -1.117  1.00 24.86  ? 277 HOH X O   1 
HETATM 1347 O O   . HOH B 2 .   ? 0.287   9.549   -15.938 1.00 32.39  ? 278 HOH X O   1 
HETATM 1348 O O   . HOH B 2 .   ? -2.258  14.465  -17.278 1.00 31.32  ? 279 HOH X O   1 
HETATM 1349 O O   . HOH B 2 .   ? -4.062  20.030  -17.427 1.00 31.41  ? 280 HOH X O   1 
HETATM 1350 O O   . HOH B 2 .   ? 12.002  0.751   12.318  1.00 30.30  ? 281 HOH X O   1 
HETATM 1351 O O   . HOH B 2 .   ? -21.535 9.878   4.143   1.00 21.68  ? 282 HOH X O   1 
HETATM 1352 O O   . HOH B 2 .   ? 2.058   -5.349  13.280  1.00 15.64  ? 283 HOH X O   1 
HETATM 1353 O O   . HOH B 2 .   ? 15.619  -2.115  5.916   1.00 31.56  ? 284 HOH X O   1 
HETATM 1354 O O   . HOH B 2 .   ? -17.577 7.808   2.475   1.00 33.91  ? 285 HOH X O   1 
HETATM 1355 O O   . HOH B 2 .   ? -6.337  -18.436 5.118   1.00 23.00  ? 286 HOH X O   1 
HETATM 1356 O O   . HOH B 2 .   ? 2.319   -22.032 -5.984  1.00 25.12  ? 287 HOH X O   1 
HETATM 1357 O O   . HOH B 2 .   ? -2.120  4.072   7.392   1.00 24.27  ? 288 HOH X O   1 
HETATM 1358 O O   . HOH B 2 .   ? -16.429 5.271   4.837   1.00 38.01  ? 289 HOH X O   1 
HETATM 1359 O O   . HOH B 2 .   ? 7.726   -5.992  -7.039  1.00 14.39  ? 290 HOH X O   1 
HETATM 1360 O O   . HOH B 2 .   ? -2.791  -13.963 -4.017  1.00 25.73  ? 291 HOH X O   1 
HETATM 1361 O O   . HOH B 2 .   ? 5.002   11.734  10.985  1.00 31.69  ? 292 HOH X O   1 
HETATM 1362 O O   . HOH B 2 .   ? 2.488   -21.671 -2.982  1.00 21.86  ? 293 HOH X O   1 
HETATM 1363 O O   . HOH B 2 .   ? -3.634  3.387   5.446   1.00 28.21  ? 294 HOH X O   1 
HETATM 1364 O O   . HOH B 2 .   ? 5.318   -3.407  -9.618  1.00 17.45  ? 295 HOH X O   1 
HETATM 1365 O O   . HOH B 2 .   ? 1.453   -1.444  15.867  1.00 14.70  ? 296 HOH X O   1 
HETATM 1366 O O   . HOH B 2 .   ? -5.992  5.270   6.500   1.00 33.66  ? 297 HOH X O   1 
HETATM 1367 O O   . HOH B 2 .   ? -6.596  -6.855  6.707   1.00 33.60  ? 298 HOH X O   1 
HETATM 1368 O O   . HOH B 2 .   ? -9.442  -3.261  16.908  1.00 11.50  ? 299 HOH X O   1 
HETATM 1369 O O   . HOH B 2 .   ? 0.088   18.051  0.929   1.00 33.40  ? 300 HOH X O   1 
HETATM 1370 O O   . HOH B 2 .   ? 4.829   6.902   -13.704 1.00 22.18  ? 301 HOH X O   1 
HETATM 1371 O O   . HOH B 2 .   ? 7.529   -1.723  -8.846  1.00 17.19  ? 302 HOH X O   1 
HETATM 1372 O O   . HOH B 2 .   ? -10.444 -12.000 -4.150  1.00 35.93  ? 303 HOH X O   1 
HETATM 1373 O O   . HOH B 2 .   ? 9.180   -3.751  -7.764  1.00 22.95  ? 304 HOH X O   1 
HETATM 1374 O O   . HOH B 2 .   ? 14.006  -0.011  5.602   1.00 29.45  ? 305 HOH X O   1 
# 
